data_2RS7
#
_entry.id   2RS7
#
_entity_poly.entity_id   1
_entity_poly.type   'polypeptide(L)'
_entity_poly.pdbx_seq_one_letter_code
;GSSGSSGLESEEVDLNAGLHGNWTLENAKARLNQYFQKEKIQGEYKYTQVGPDHNRSFIAEMTIYIKQLGRRIFAREHGS
NKKLAAQSCALSLVRQLYHLGVIEAYSSGPSSG
;
_entity_poly.pdbx_strand_id   A
#
# COMPACT_ATOMS: atom_id res chain seq x y z
N GLY A 1 -17.69 -5.10 13.05
CA GLY A 1 -16.94 -5.49 11.84
C GLY A 1 -17.41 -6.83 11.28
N SER A 2 -17.21 -7.06 9.99
CA SER A 2 -17.67 -8.25 9.25
C SER A 2 -16.98 -8.37 7.88
N SER A 3 -17.07 -9.56 7.24
CA SER A 3 -16.41 -9.88 5.96
C SER A 3 -17.03 -11.12 5.30
N GLY A 4 -16.79 -11.29 3.99
CA GLY A 4 -17.27 -12.44 3.20
C GLY A 4 -16.34 -13.65 3.30
N SER A 5 -16.91 -14.85 3.12
CA SER A 5 -16.20 -16.14 3.27
C SER A 5 -15.30 -16.50 2.06
N SER A 6 -15.41 -15.78 0.95
CA SER A 6 -14.66 -16.00 -0.31
C SER A 6 -14.77 -14.77 -1.23
N GLY A 7 -13.81 -14.60 -2.14
CA GLY A 7 -13.75 -13.53 -3.15
C GLY A 7 -13.63 -14.08 -4.57
N LEU A 8 -14.29 -13.41 -5.53
CA LEU A 8 -14.34 -13.77 -6.95
C LEU A 8 -14.38 -12.52 -7.84
N GLU A 9 -13.89 -12.66 -9.07
CA GLU A 9 -13.94 -11.65 -10.13
C GLU A 9 -14.15 -12.34 -11.50
N SER A 10 -15.11 -11.84 -12.26
CA SER A 10 -15.46 -12.29 -13.62
C SER A 10 -15.50 -11.12 -14.62
N GLU A 11 -14.94 -9.97 -14.23
CA GLU A 11 -14.98 -8.70 -14.97
C GLU A 11 -13.71 -8.48 -15.82
N GLU A 12 -13.82 -7.65 -16.85
CA GLU A 12 -12.72 -7.23 -17.72
C GLU A 12 -11.81 -6.17 -17.07
N VAL A 13 -10.59 -6.03 -17.57
CA VAL A 13 -9.53 -5.13 -17.06
C VAL A 13 -8.77 -4.53 -18.25
N ASP A 14 -8.55 -3.21 -18.23
CA ASP A 14 -7.85 -2.47 -19.28
C ASP A 14 -6.35 -2.82 -19.38
N LEU A 15 -5.79 -2.73 -20.58
CA LEU A 15 -4.37 -2.99 -20.84
C LEU A 15 -3.46 -1.92 -20.22
N ASN A 16 -3.92 -0.67 -20.21
CA ASN A 16 -3.21 0.45 -19.56
C ASN A 16 -3.19 0.34 -18.01
N ALA A 17 -4.08 -0.45 -17.41
CA ALA A 17 -4.08 -0.71 -15.96
C ALA A 17 -2.85 -1.54 -15.51
N GLY A 18 -2.24 -2.29 -16.45
CA GLY A 18 -0.97 -2.99 -16.26
C GLY A 18 0.27 -2.10 -16.42
N LEU A 19 0.11 -0.88 -16.93
CA LEU A 19 1.16 0.13 -17.10
C LEU A 19 1.22 1.12 -15.92
N HIS A 20 0.07 1.45 -15.33
CA HIS A 20 -0.04 2.32 -14.16
C HIS A 20 -0.10 1.56 -12.80
N GLY A 21 -0.47 0.28 -12.82
CA GLY A 21 -0.54 -0.59 -11.64
C GLY A 21 -1.84 -0.43 -10.87
N ASN A 22 -2.54 -1.54 -10.61
CA ASN A 22 -3.80 -1.59 -9.84
C ASN A 22 -3.60 -1.56 -8.31
N TRP A 23 -2.40 -1.29 -7.80
CA TRP A 23 -2.13 -1.16 -6.37
C TRP A 23 -2.86 0.07 -5.79
N THR A 24 -3.76 -0.19 -4.83
CA THR A 24 -4.54 0.80 -4.08
C THR A 24 -4.04 0.89 -2.64
N LEU A 25 -4.54 1.85 -1.87
CA LEU A 25 -4.21 2.04 -0.46
C LEU A 25 -4.34 0.76 0.40
N GLU A 26 -5.37 -0.05 0.14
CA GLU A 26 -5.65 -1.28 0.89
C GLU A 26 -4.95 -2.50 0.26
N ASN A 27 -4.94 -2.60 -1.08
CA ASN A 27 -4.28 -3.71 -1.78
C ASN A 27 -2.76 -3.66 -1.65
N ALA A 28 -2.17 -2.46 -1.47
CA ALA A 28 -0.76 -2.31 -1.12
C ALA A 28 -0.46 -2.70 0.33
N LYS A 29 -1.32 -2.35 1.29
CA LYS A 29 -1.15 -2.77 2.69
C LYS A 29 -1.14 -4.30 2.82
N ALA A 30 -2.05 -4.97 2.09
CA ALA A 30 -2.04 -6.42 1.93
C ALA A 30 -0.77 -6.92 1.22
N ARG A 31 -0.35 -6.31 0.10
CA ARG A 31 0.80 -6.77 -0.68
C ARG A 31 2.13 -6.64 0.05
N LEU A 32 2.30 -5.63 0.91
CA LEU A 32 3.49 -5.46 1.73
C LEU A 32 3.58 -6.57 2.80
N ASN A 33 2.45 -6.93 3.41
CA ASN A 33 2.38 -8.07 4.33
C ASN A 33 2.61 -9.41 3.61
N GLN A 34 2.10 -9.58 2.39
CA GLN A 34 2.39 -10.75 1.54
C GLN A 34 3.89 -10.85 1.22
N TYR A 35 4.54 -9.75 0.82
CA TYR A 35 5.99 -9.70 0.59
C TYR A 35 6.78 -10.13 1.84
N PHE A 36 6.36 -9.69 3.02
CA PHE A 36 6.97 -10.06 4.30
C PHE A 36 6.79 -11.55 4.64
N GLN A 37 5.63 -12.14 4.31
CA GLN A 37 5.36 -13.57 4.51
C GLN A 37 6.17 -14.45 3.53
N LYS A 38 6.32 -14.02 2.27
CA LYS A 38 7.05 -14.77 1.24
C LYS A 38 8.59 -14.72 1.43
N GLU A 39 9.12 -13.58 1.88
CA GLU A 39 10.56 -13.36 2.09
C GLU A 39 11.05 -13.62 3.53
N LYS A 40 10.12 -13.89 4.47
CA LYS A 40 10.42 -14.07 5.91
C LYS A 40 11.00 -12.79 6.55
N ILE A 41 10.57 -11.63 6.06
CA ILE A 41 10.94 -10.28 6.52
C ILE A 41 9.87 -9.80 7.54
N GLN A 42 10.20 -8.82 8.38
CA GLN A 42 9.28 -8.18 9.30
C GLN A 42 9.46 -6.65 9.26
N GLY A 43 8.35 -5.92 9.27
CA GLY A 43 8.31 -4.46 9.28
C GLY A 43 7.11 -3.92 10.05
N GLU A 44 7.31 -2.86 10.83
CA GLU A 44 6.28 -2.14 11.59
C GLU A 44 6.41 -0.63 11.35
N TYR A 45 5.28 0.06 11.18
CA TYR A 45 5.25 1.50 10.90
C TYR A 45 5.62 2.35 12.12
N LYS A 46 6.53 3.32 11.93
CA LYS A 46 6.83 4.37 12.91
C LYS A 46 5.83 5.51 12.66
N TYR A 47 5.05 5.88 13.67
CA TYR A 47 4.07 6.96 13.59
C TYR A 47 4.52 8.23 14.36
N THR A 48 4.06 9.40 13.89
CA THR A 48 4.19 10.70 14.57
C THR A 48 2.88 11.45 14.47
N GLN A 49 2.27 11.77 15.60
CA GLN A 49 1.05 12.59 15.69
C GLN A 49 1.40 14.08 15.53
N VAL A 50 0.61 14.83 14.76
CA VAL A 50 0.83 16.27 14.49
C VAL A 50 -0.48 17.07 14.65
N GLY A 51 -0.36 18.36 15.01
CA GLY A 51 -1.47 19.25 15.35
C GLY A 51 -1.92 19.15 16.83
N PRO A 52 -2.84 20.02 17.28
CA PRO A 52 -3.42 19.96 18.62
C PRO A 52 -4.39 18.77 18.73
N ASP A 53 -4.61 18.27 19.95
CA ASP A 53 -5.40 17.05 20.20
C ASP A 53 -6.89 17.17 19.79
N HIS A 54 -7.43 18.39 19.73
CA HIS A 54 -8.79 18.66 19.23
C HIS A 54 -8.92 18.68 17.69
N ASN A 55 -7.79 18.77 16.97
CA ASN A 55 -7.72 18.81 15.50
C ASN A 55 -6.32 18.35 15.02
N ARG A 56 -6.11 17.02 14.98
CA ARG A 56 -4.82 16.38 14.68
C ARG A 56 -4.86 15.49 13.42
N SER A 57 -3.66 15.19 12.93
CA SER A 57 -3.35 14.23 11.87
C SER A 57 -2.14 13.37 12.29
N PHE A 58 -1.81 12.35 11.51
CA PHE A 58 -0.73 11.40 11.78
C PHE A 58 0.15 11.20 10.55
N ILE A 59 1.46 11.29 10.77
CA ILE A 59 2.51 10.91 9.82
C ILE A 59 2.88 9.45 10.14
N ALA A 60 3.13 8.63 9.13
CA ALA A 60 3.63 7.27 9.27
C ALA A 60 4.78 7.03 8.29
N GLU A 61 5.78 6.27 8.72
CA GLU A 61 6.99 5.98 7.94
C GLU A 61 7.53 4.57 8.17
N MET A 62 8.24 4.05 7.16
CA MET A 62 8.81 2.69 7.11
C MET A 62 9.97 2.64 6.11
N THR A 63 10.99 1.81 6.41
CA THR A 63 12.14 1.52 5.53
C THR A 63 12.43 0.03 5.59
N ILE A 64 12.61 -0.60 4.43
CA ILE A 64 12.86 -2.05 4.29
C ILE A 64 13.98 -2.34 3.30
N TYR A 65 14.77 -3.37 3.62
CA TYR A 65 15.86 -3.86 2.77
C TYR A 65 15.42 -5.04 1.88
N ILE A 66 15.86 -5.01 0.62
CA ILE A 66 15.50 -5.93 -0.45
C ILE A 66 16.72 -6.77 -0.83
N LYS A 67 16.80 -7.95 -0.25
CA LYS A 67 17.91 -8.90 -0.44
C LYS A 67 18.04 -9.48 -1.85
N GLN A 68 16.93 -9.46 -2.60
CA GLN A 68 16.90 -9.82 -4.02
C GLN A 68 17.41 -8.74 -4.98
N LEU A 69 17.63 -7.51 -4.50
CA LEU A 69 18.22 -6.39 -5.25
C LEU A 69 19.58 -5.92 -4.70
N GLY A 70 19.83 -6.09 -3.40
CA GLY A 70 21.06 -5.64 -2.73
C GLY A 70 21.00 -4.18 -2.25
N ARG A 71 19.79 -3.67 -2.00
CA ARG A 71 19.50 -2.27 -1.60
C ARG A 71 18.27 -2.18 -0.71
N ARG A 72 17.92 -0.98 -0.24
CA ARG A 72 16.72 -0.70 0.58
C ARG A 72 15.83 0.39 -0.04
N ILE A 73 14.58 0.47 0.42
CA ILE A 73 13.57 1.48 0.06
C ILE A 73 12.88 2.02 1.32
N PHE A 74 12.53 3.31 1.29
CA PHE A 74 11.97 4.07 2.41
C PHE A 74 10.75 4.88 1.95
N ALA A 75 9.82 5.15 2.88
CA ALA A 75 8.68 6.04 2.69
C ALA A 75 8.30 6.78 3.98
N ARG A 76 7.68 7.95 3.81
CA ARG A 76 7.08 8.79 4.86
C ARG A 76 5.89 9.54 4.26
N GLU A 77 4.70 9.34 4.82
CA GLU A 77 3.42 9.87 4.33
C GLU A 77 2.50 10.19 5.51
N HIS A 78 1.34 10.82 5.26
CA HIS A 78 0.43 11.27 6.32
C HIS A 78 -1.06 11.21 5.93
N GLY A 79 -1.90 10.87 6.92
CA GLY A 79 -3.36 10.84 6.86
C GLY A 79 -4.00 11.55 8.05
N SER A 80 -5.32 11.64 8.05
CA SER A 80 -6.08 12.20 9.18
C SER A 80 -6.12 11.29 10.42
N ASN A 81 -5.66 10.04 10.27
CA ASN A 81 -5.55 8.99 11.29
C ASN A 81 -4.46 7.97 10.93
N LYS A 82 -4.09 7.11 11.87
CA LYS A 82 -3.01 6.11 11.69
C LYS A 82 -3.29 5.11 10.55
N LYS A 83 -4.55 4.74 10.31
CA LYS A 83 -4.93 3.84 9.22
C LYS A 83 -4.60 4.44 7.85
N LEU A 84 -5.10 5.65 7.57
CA LEU A 84 -4.83 6.44 6.35
C LEU A 84 -3.34 6.73 6.15
N ALA A 85 -2.64 7.06 7.23
CA ALA A 85 -1.18 7.27 7.21
C ALA A 85 -0.41 5.99 6.80
N ALA A 86 -0.70 4.84 7.44
CA ALA A 86 -0.06 3.56 7.13
C ALA A 86 -0.45 3.01 5.76
N GLN A 87 -1.69 3.23 5.31
CA GLN A 87 -2.17 2.96 3.95
C GLN A 87 -1.34 3.72 2.90
N SER A 88 -1.12 5.02 3.11
CA SER A 88 -0.34 5.86 2.19
C SER A 88 1.14 5.48 2.21
N CYS A 89 1.68 5.11 3.38
CA CYS A 89 3.04 4.57 3.53
C CYS A 89 3.19 3.24 2.78
N ALA A 90 2.27 2.29 2.96
CA ALA A 90 2.31 0.98 2.29
C ALA A 90 2.31 1.11 0.76
N LEU A 91 1.42 1.95 0.21
CA LEU A 91 1.37 2.24 -1.22
C LEU A 91 2.68 2.88 -1.72
N SER A 92 3.37 3.64 -0.89
CA SER A 92 4.67 4.23 -1.23
C SER A 92 5.83 3.20 -1.22
N LEU A 93 5.79 2.15 -0.40
CA LEU A 93 6.73 1.02 -0.52
C LEU A 93 6.34 0.16 -1.72
N VAL A 94 5.08 -0.21 -1.86
CA VAL A 94 4.60 -1.12 -2.92
C VAL A 94 4.81 -0.54 -4.32
N ARG A 95 4.63 0.78 -4.52
CA ARG A 95 4.95 1.43 -5.80
C ARG A 95 6.45 1.59 -6.06
N GLN A 96 7.32 1.49 -5.05
CA GLN A 96 8.77 1.38 -5.24
C GLN A 96 9.17 -0.07 -5.57
N LEU A 97 8.52 -1.07 -4.96
CA LEU A 97 8.70 -2.48 -5.29
C LEU A 97 8.31 -2.76 -6.75
N TYR A 98 7.22 -2.17 -7.22
CA TYR A 98 6.74 -2.21 -8.61
C TYR A 98 7.67 -1.49 -9.59
N HIS A 99 8.23 -0.33 -9.20
CA HIS A 99 9.19 0.43 -10.01
C HIS A 99 10.55 -0.28 -10.16
N LEU A 100 11.04 -0.93 -9.09
CA LEU A 100 12.27 -1.72 -9.07
C LEU A 100 12.10 -3.15 -9.61
N GLY A 101 10.85 -3.59 -9.85
CA GLY A 101 10.53 -4.89 -10.46
C GLY A 101 10.48 -6.06 -9.49
N VAL A 102 10.30 -5.80 -8.19
CA VAL A 102 10.10 -6.82 -7.13
C VAL A 102 8.68 -7.41 -7.22
N ILE A 103 7.72 -6.60 -7.69
CA ILE A 103 6.32 -6.99 -7.97
C ILE A 103 5.91 -6.53 -9.38
N GLU A 104 4.74 -6.99 -9.82
CA GLU A 104 4.06 -6.56 -11.06
C GLU A 104 2.75 -5.82 -10.72
N ALA A 105 1.97 -5.42 -11.73
CA ALA A 105 0.66 -4.79 -11.55
C ALA A 105 -0.37 -5.78 -10.98
N TYR A 106 -1.20 -5.32 -10.03
CA TYR A 106 -2.21 -6.17 -9.38
C TYR A 106 -3.33 -6.65 -10.34
N SER A 107 -3.94 -7.78 -10.00
CA SER A 107 -4.95 -8.50 -10.78
C SER A 107 -6.39 -8.00 -10.56
N SER A 108 -6.67 -7.22 -9.52
CA SER A 108 -8.00 -6.64 -9.26
C SER A 108 -8.39 -5.61 -10.34
N GLY A 109 -9.64 -5.67 -10.81
CA GLY A 109 -10.16 -4.84 -11.91
C GLY A 109 -10.49 -3.39 -11.54
N PRO A 110 -10.97 -2.59 -12.51
CA PRO A 110 -11.26 -1.16 -12.34
C PRO A 110 -12.28 -0.88 -11.22
N SER A 111 -12.08 0.21 -10.50
CA SER A 111 -12.91 0.66 -9.37
C SER A 111 -14.11 1.53 -9.79
N SER A 112 -14.35 1.69 -11.11
CA SER A 112 -15.33 2.62 -11.69
C SER A 112 -16.81 2.21 -11.52
N GLY A 113 -17.09 1.01 -10.99
CA GLY A 113 -18.44 0.47 -10.75
C GLY A 113 -18.43 -0.90 -10.08
N GLY A 1 -25.82 -28.56 -19.00
CA GLY A 1 -24.60 -28.87 -19.79
C GLY A 1 -23.33 -28.58 -19.01
N SER A 2 -22.22 -29.23 -19.36
CA SER A 2 -20.92 -29.12 -18.67
C SER A 2 -20.01 -28.00 -19.21
N SER A 3 -20.40 -27.33 -20.30
CA SER A 3 -19.65 -26.25 -20.97
C SER A 3 -20.55 -25.39 -21.88
N GLY A 4 -20.09 -24.20 -22.25
CA GLY A 4 -20.82 -23.26 -23.12
C GLY A 4 -20.63 -23.57 -24.61
N SER A 5 -21.64 -23.24 -25.42
CA SER A 5 -21.65 -23.45 -26.89
C SER A 5 -21.03 -22.28 -27.68
N SER A 6 -20.63 -21.19 -27.01
CA SER A 6 -20.07 -19.96 -27.57
C SER A 6 -19.37 -19.11 -26.49
N GLY A 7 -18.70 -18.02 -26.88
CA GLY A 7 -17.97 -17.12 -25.96
C GLY A 7 -18.89 -16.34 -25.03
N LEU A 8 -18.44 -16.15 -23.78
CA LEU A 8 -19.20 -15.54 -22.67
C LEU A 8 -18.27 -15.06 -21.54
N GLU A 9 -18.85 -14.42 -20.52
CA GLU A 9 -18.17 -13.86 -19.35
C GLU A 9 -17.19 -12.73 -19.75
N SER A 10 -17.75 -11.66 -20.29
CA SER A 10 -17.04 -10.55 -20.95
C SER A 10 -16.43 -9.54 -19.95
N GLU A 11 -15.52 -10.01 -19.09
CA GLU A 11 -14.72 -9.16 -18.19
C GLU A 11 -13.79 -8.19 -18.94
N GLU A 12 -13.48 -7.05 -18.33
CA GLU A 12 -12.69 -5.97 -18.93
C GLU A 12 -12.03 -5.09 -17.85
N VAL A 13 -10.74 -4.77 -18.04
CA VAL A 13 -9.90 -3.90 -17.19
C VAL A 13 -8.98 -3.10 -18.12
N ASP A 14 -8.77 -1.81 -17.84
CA ASP A 14 -7.94 -0.92 -18.66
C ASP A 14 -6.44 -1.28 -18.61
N LEU A 15 -5.80 -1.17 -19.77
CA LEU A 15 -4.39 -1.46 -20.01
C LEU A 15 -3.51 -0.21 -19.85
N ASN A 16 -4.04 0.99 -20.09
CA ASN A 16 -3.28 2.25 -19.98
C ASN A 16 -2.90 2.53 -18.52
N ALA A 17 -3.81 2.26 -17.58
CA ALA A 17 -3.57 2.25 -16.14
C ALA A 17 -2.47 1.23 -15.72
N GLY A 18 -2.37 0.11 -16.45
CA GLY A 18 -1.43 -0.98 -16.18
C GLY A 18 0.03 -0.64 -16.47
N LEU A 19 0.32 0.42 -17.25
CA LEU A 19 1.67 0.96 -17.42
C LEU A 19 2.15 1.69 -16.16
N HIS A 20 1.23 2.28 -15.40
CA HIS A 20 1.49 2.99 -14.14
C HIS A 20 1.30 2.11 -12.88
N GLY A 21 0.74 0.90 -13.04
CA GLY A 21 0.38 -0.04 -11.97
C GLY A 21 -0.96 0.31 -11.33
N ASN A 22 -1.83 -0.71 -11.18
CA ASN A 22 -3.19 -0.55 -10.64
C ASN A 22 -3.26 -0.58 -9.09
N TRP A 23 -2.12 -0.58 -8.39
CA TRP A 23 -2.03 -0.63 -6.93
C TRP A 23 -2.78 0.54 -6.26
N THR A 24 -3.70 0.19 -5.36
CA THR A 24 -4.50 1.11 -4.52
C THR A 24 -4.07 1.01 -3.06
N LEU A 25 -4.58 1.92 -2.22
CA LEU A 25 -4.33 1.94 -0.77
C LEU A 25 -4.67 0.61 -0.08
N GLU A 26 -5.69 -0.10 -0.56
CA GLU A 26 -6.14 -1.38 0.02
C GLU A 26 -5.33 -2.55 -0.54
N ASN A 27 -5.09 -2.59 -1.85
CA ASN A 27 -4.29 -3.63 -2.48
C ASN A 27 -2.82 -3.61 -2.02
N ALA A 28 -2.27 -2.42 -1.78
CA ALA A 28 -0.87 -2.25 -1.35
C ALA A 28 -0.60 -2.74 0.08
N LYS A 29 -1.46 -2.39 1.05
CA LYS A 29 -1.26 -2.83 2.44
C LYS A 29 -1.27 -4.36 2.58
N ALA A 30 -2.20 -5.01 1.85
CA ALA A 30 -2.23 -6.47 1.69
C ALA A 30 -0.97 -7.01 0.98
N ARG A 31 -0.55 -6.40 -0.14
CA ARG A 31 0.60 -6.86 -0.91
C ARG A 31 1.93 -6.73 -0.17
N LEU A 32 2.10 -5.71 0.67
CA LEU A 32 3.27 -5.51 1.51
C LEU A 32 3.33 -6.54 2.65
N ASN A 33 2.20 -6.87 3.26
CA ASN A 33 2.09 -7.96 4.23
C ASN A 33 2.42 -9.32 3.59
N GLN A 34 1.95 -9.57 2.36
CA GLN A 34 2.33 -10.76 1.59
C GLN A 34 3.83 -10.77 1.24
N TYR A 35 4.43 -9.64 0.85
CA TYR A 35 5.87 -9.54 0.61
C TYR A 35 6.68 -9.94 1.87
N PHE A 36 6.22 -9.54 3.05
CA PHE A 36 6.86 -9.88 4.33
C PHE A 36 6.70 -11.37 4.68
N GLN A 37 5.58 -12.00 4.35
CA GLN A 37 5.36 -13.44 4.57
C GLN A 37 6.14 -14.31 3.57
N LYS A 38 6.28 -13.88 2.32
CA LYS A 38 7.00 -14.63 1.28
C LYS A 38 8.54 -14.54 1.44
N GLU A 39 9.06 -13.41 1.93
CA GLU A 39 10.48 -13.19 2.19
C GLU A 39 10.90 -13.49 3.64
N LYS A 40 9.94 -13.72 4.55
CA LYS A 40 10.16 -13.91 6.00
C LYS A 40 10.84 -12.68 6.64
N ILE A 41 10.41 -11.49 6.21
CA ILE A 41 10.82 -10.15 6.71
C ILE A 41 9.81 -9.69 7.77
N GLN A 42 10.22 -8.77 8.65
CA GLN A 42 9.37 -8.14 9.67
C GLN A 42 9.44 -6.62 9.51
N GLY A 43 8.28 -5.99 9.29
CA GLY A 43 8.13 -4.53 9.17
C GLY A 43 6.89 -4.01 9.92
N GLU A 44 7.05 -2.91 10.66
CA GLU A 44 5.99 -2.22 11.40
C GLU A 44 6.11 -0.71 11.18
N TYR A 45 4.98 0.00 11.10
CA TYR A 45 4.93 1.44 10.86
C TYR A 45 5.31 2.25 12.10
N LYS A 46 6.19 3.23 11.92
CA LYS A 46 6.52 4.28 12.90
C LYS A 46 5.62 5.48 12.62
N TYR A 47 5.09 6.15 13.67
CA TYR A 47 4.19 7.30 13.51
C TYR A 47 4.68 8.59 14.19
N THR A 48 4.22 9.73 13.67
CA THR A 48 4.36 11.08 14.24
C THR A 48 3.00 11.77 14.20
N GLN A 49 2.48 12.22 15.33
CA GLN A 49 1.28 13.07 15.40
C GLN A 49 1.64 14.51 15.00
N VAL A 50 0.76 15.17 14.25
CA VAL A 50 0.83 16.63 13.99
C VAL A 50 -0.50 17.28 14.34
N GLY A 51 -0.44 18.50 14.86
CA GLY A 51 -1.57 19.23 15.47
C GLY A 51 -1.90 18.77 16.90
N PRO A 52 -2.65 19.58 17.68
CA PRO A 52 -3.07 19.27 19.05
C PRO A 52 -4.13 18.16 19.08
N ASP A 53 -4.33 17.52 20.23
CA ASP A 53 -5.21 16.34 20.36
C ASP A 53 -6.69 16.60 20.02
N HIS A 54 -7.15 17.85 20.09
CA HIS A 54 -8.50 18.27 19.67
C HIS A 54 -8.65 18.49 18.14
N ASN A 55 -7.54 18.62 17.41
CA ASN A 55 -7.49 18.82 15.95
C ASN A 55 -6.13 18.37 15.38
N ARG A 56 -6.03 17.09 15.01
CA ARG A 56 -4.77 16.42 14.62
C ARG A 56 -4.88 15.54 13.38
N SER A 57 -3.71 15.23 12.83
CA SER A 57 -3.45 14.25 11.78
C SER A 57 -2.18 13.46 12.14
N PHE A 58 -1.93 12.36 11.43
CA PHE A 58 -0.79 11.46 11.68
C PHE A 58 0.05 11.26 10.42
N ILE A 59 1.35 11.36 10.60
CA ILE A 59 2.38 10.96 9.63
C ILE A 59 2.80 9.53 10.00
N ALA A 60 2.96 8.66 9.02
CA ALA A 60 3.50 7.31 9.18
C ALA A 60 4.71 7.13 8.25
N GLU A 61 5.68 6.32 8.69
CA GLU A 61 6.94 6.08 7.99
C GLU A 61 7.46 4.65 8.20
N MET A 62 8.18 4.14 7.20
CA MET A 62 8.70 2.77 7.14
C MET A 62 9.86 2.69 6.13
N THR A 63 10.86 1.86 6.44
CA THR A 63 12.03 1.56 5.58
C THR A 63 12.30 0.07 5.64
N ILE A 64 12.48 -0.56 4.47
CA ILE A 64 12.69 -2.01 4.33
C ILE A 64 13.81 -2.33 3.35
N TYR A 65 14.57 -3.39 3.65
CA TYR A 65 15.68 -3.87 2.84
C TYR A 65 15.27 -5.06 1.96
N ILE A 66 15.75 -5.05 0.71
CA ILE A 66 15.43 -6.02 -0.35
C ILE A 66 16.65 -6.88 -0.64
N LYS A 67 16.69 -8.03 0.01
CA LYS A 67 17.80 -9.00 -0.10
C LYS A 67 17.95 -9.65 -1.47
N GLN A 68 16.87 -9.67 -2.25
CA GLN A 68 16.86 -10.13 -3.64
C GLN A 68 17.45 -9.13 -4.65
N LEU A 69 17.66 -7.86 -4.25
CA LEU A 69 18.28 -6.81 -5.08
C LEU A 69 19.59 -6.25 -4.51
N GLY A 70 19.79 -6.29 -3.19
CA GLY A 70 20.99 -5.79 -2.51
C GLY A 70 20.90 -4.32 -2.09
N ARG A 71 19.69 -3.79 -1.88
CA ARG A 71 19.40 -2.40 -1.53
C ARG A 71 18.15 -2.26 -0.65
N ARG A 72 17.81 -1.05 -0.21
CA ARG A 72 16.62 -0.74 0.61
C ARG A 72 15.76 0.39 0.00
N ILE A 73 14.51 0.49 0.48
CA ILE A 73 13.53 1.52 0.13
C ILE A 73 12.84 2.07 1.38
N PHE A 74 12.49 3.36 1.36
CA PHE A 74 11.93 4.12 2.47
C PHE A 74 10.71 4.95 2.01
N ALA A 75 9.77 5.20 2.92
CA ALA A 75 8.61 6.04 2.70
C ALA A 75 8.19 6.82 3.96
N ARG A 76 7.52 7.96 3.74
CA ARG A 76 6.91 8.83 4.76
C ARG A 76 5.71 9.56 4.16
N GLU A 77 4.53 9.36 4.72
CA GLU A 77 3.23 9.84 4.21
C GLU A 77 2.27 10.13 5.38
N HIS A 78 1.12 10.76 5.12
CA HIS A 78 0.21 11.22 6.17
C HIS A 78 -1.29 11.12 5.81
N GLY A 79 -2.11 10.93 6.86
CA GLY A 79 -3.57 10.86 6.81
C GLY A 79 -4.22 11.50 8.02
N SER A 80 -5.54 11.61 8.02
CA SER A 80 -6.34 12.12 9.15
C SER A 80 -6.30 11.20 10.40
N ASN A 81 -5.77 9.99 10.25
CA ASN A 81 -5.58 8.97 11.30
C ASN A 81 -4.47 7.98 10.91
N LYS A 82 -4.03 7.13 11.85
CA LYS A 82 -2.95 6.16 11.62
C LYS A 82 -3.23 5.15 10.50
N LYS A 83 -4.50 4.73 10.32
CA LYS A 83 -4.87 3.78 9.26
C LYS A 83 -4.63 4.37 7.85
N LEU A 84 -5.17 5.56 7.59
CA LEU A 84 -4.95 6.35 6.37
C LEU A 84 -3.46 6.64 6.13
N ALA A 85 -2.73 7.04 7.18
CA ALA A 85 -1.30 7.31 7.10
C ALA A 85 -0.49 6.05 6.69
N ALA A 86 -0.76 4.91 7.34
CA ALA A 86 -0.11 3.62 7.03
C ALA A 86 -0.52 3.04 5.66
N GLN A 87 -1.75 3.29 5.21
CA GLN A 87 -2.23 2.97 3.86
C GLN A 87 -1.41 3.71 2.80
N SER A 88 -1.23 5.03 2.92
CA SER A 88 -0.42 5.82 1.99
C SER A 88 1.07 5.46 2.07
N CYS A 89 1.57 5.12 3.26
CA CYS A 89 2.92 4.59 3.46
C CYS A 89 3.09 3.24 2.72
N ALA A 90 2.17 2.29 2.88
CA ALA A 90 2.22 0.99 2.20
C ALA A 90 2.23 1.13 0.68
N LEU A 91 1.36 1.98 0.13
CA LEU A 91 1.33 2.30 -1.30
C LEU A 91 2.64 2.93 -1.77
N SER A 92 3.33 3.68 -0.92
CA SER A 92 4.64 4.26 -1.24
C SER A 92 5.78 3.22 -1.24
N LEU A 93 5.74 2.17 -0.40
CA LEU A 93 6.66 1.03 -0.51
C LEU A 93 6.29 0.18 -1.73
N VAL A 94 5.01 -0.14 -1.92
CA VAL A 94 4.56 -1.02 -3.00
C VAL A 94 4.82 -0.42 -4.39
N ARG A 95 4.63 0.90 -4.57
CA ARG A 95 4.97 1.56 -5.83
C ARG A 95 6.48 1.67 -6.06
N GLN A 96 7.31 1.65 -5.00
CA GLN A 96 8.77 1.51 -5.15
C GLN A 96 9.14 0.07 -5.51
N LEU A 97 8.53 -0.95 -4.89
CA LEU A 97 8.77 -2.36 -5.24
C LEU A 97 8.46 -2.64 -6.71
N TYR A 98 7.38 -2.03 -7.24
CA TYR A 98 7.02 -2.03 -8.66
C TYR A 98 8.06 -1.32 -9.56
N HIS A 99 8.56 -0.15 -9.16
CA HIS A 99 9.65 0.55 -9.88
C HIS A 99 10.99 -0.23 -9.86
N LEU A 100 11.28 -0.92 -8.76
CA LEU A 100 12.44 -1.77 -8.56
C LEU A 100 12.32 -3.16 -9.24
N GLY A 101 11.12 -3.53 -9.71
CA GLY A 101 10.85 -4.80 -10.41
C GLY A 101 10.64 -5.99 -9.47
N VAL A 102 10.38 -5.75 -8.19
CA VAL A 102 10.09 -6.79 -7.18
C VAL A 102 8.65 -7.32 -7.33
N ILE A 103 7.74 -6.49 -7.84
CA ILE A 103 6.35 -6.83 -8.15
C ILE A 103 5.94 -6.36 -9.56
N GLU A 104 4.82 -6.87 -10.04
CA GLU A 104 4.13 -6.41 -11.25
C GLU A 104 2.89 -5.55 -10.88
N ALA A 105 2.07 -5.17 -11.85
CA ALA A 105 0.83 -4.40 -11.61
C ALA A 105 -0.26 -5.24 -10.91
N TYR A 106 -1.16 -4.59 -10.17
CA TYR A 106 -2.34 -5.24 -9.57
C TYR A 106 -3.26 -5.90 -10.63
N SER A 107 -4.09 -6.85 -10.20
CA SER A 107 -4.81 -7.79 -11.08
C SER A 107 -6.25 -7.39 -11.48
N SER A 108 -6.72 -6.19 -11.13
CA SER A 108 -8.05 -5.67 -11.52
C SER A 108 -8.05 -4.14 -11.57
N GLY A 109 -9.20 -3.51 -11.88
CA GLY A 109 -9.32 -2.06 -11.97
C GLY A 109 -9.16 -1.37 -10.61
N PRO A 110 -8.51 -0.19 -10.53
CA PRO A 110 -8.25 0.51 -9.28
C PRO A 110 -9.56 1.12 -8.75
N SER A 111 -10.06 0.58 -7.63
CA SER A 111 -11.34 0.94 -7.01
C SER A 111 -11.48 0.33 -5.60
N SER A 112 -12.34 0.90 -4.76
CA SER A 112 -12.70 0.35 -3.44
C SER A 112 -13.89 -0.64 -3.49
N GLY A 113 -14.52 -0.81 -4.65
CA GLY A 113 -15.66 -1.73 -4.87
C GLY A 113 -16.22 -1.67 -6.29
N GLY A 1 -27.69 -14.89 8.28
CA GLY A 1 -27.20 -14.19 7.08
C GLY A 1 -26.57 -15.16 6.09
N SER A 2 -26.68 -14.88 4.79
CA SER A 2 -26.24 -15.75 3.69
C SER A 2 -25.73 -14.93 2.48
N SER A 3 -24.78 -15.46 1.72
CA SER A 3 -24.16 -14.80 0.56
C SER A 3 -23.40 -15.82 -0.32
N GLY A 4 -22.94 -15.38 -1.51
CA GLY A 4 -22.24 -16.20 -2.50
C GLY A 4 -23.17 -16.83 -3.55
N SER A 5 -22.57 -17.35 -4.61
CA SER A 5 -23.25 -17.95 -5.77
C SER A 5 -22.26 -18.74 -6.66
N SER A 6 -22.75 -19.64 -7.51
CA SER A 6 -21.97 -20.31 -8.55
C SER A 6 -21.73 -19.42 -9.79
N GLY A 7 -22.47 -18.30 -9.91
CA GLY A 7 -22.26 -17.24 -10.90
C GLY A 7 -21.32 -16.16 -10.36
N LEU A 8 -20.32 -15.78 -11.16
CA LEU A 8 -19.24 -14.84 -10.79
C LEU A 8 -18.46 -14.35 -12.03
N GLU A 9 -17.51 -13.43 -11.80
CA GLU A 9 -16.58 -12.89 -12.78
C GLU A 9 -15.31 -12.46 -12.04
N SER A 10 -14.18 -13.11 -12.35
CA SER A 10 -12.91 -13.01 -11.59
C SER A 10 -11.86 -12.07 -12.22
N GLU A 11 -12.28 -11.16 -13.12
CA GLU A 11 -11.39 -10.28 -13.88
C GLU A 11 -12.10 -8.98 -14.32
N GLU A 12 -11.46 -7.85 -14.05
CA GLU A 12 -11.84 -6.49 -14.44
C GLU A 12 -10.62 -5.58 -14.27
N VAL A 13 -10.34 -4.70 -15.25
CA VAL A 13 -9.09 -3.93 -15.33
C VAL A 13 -9.25 -2.66 -16.20
N ASP A 14 -8.27 -1.76 -16.14
CA ASP A 14 -8.16 -0.57 -16.99
C ASP A 14 -6.72 -0.36 -17.46
N LEU A 15 -6.57 0.03 -18.73
CA LEU A 15 -5.29 0.14 -19.43
C LEU A 15 -4.50 1.40 -19.04
N ASN A 16 -5.18 2.48 -18.64
CA ASN A 16 -4.56 3.71 -18.16
C ASN A 16 -4.02 3.53 -16.73
N ALA A 17 -4.79 2.84 -15.87
CA ALA A 17 -4.35 2.43 -14.53
C ALA A 17 -3.08 1.56 -14.57
N GLY A 18 -2.93 0.73 -15.62
CA GLY A 18 -1.76 -0.14 -15.83
C GLY A 18 -0.46 0.61 -16.15
N LEU A 19 -0.52 1.90 -16.51
CA LEU A 19 0.66 2.76 -16.71
C LEU A 19 1.21 3.28 -15.37
N HIS A 20 0.33 3.53 -14.40
CA HIS A 20 0.65 4.06 -13.07
C HIS A 20 0.77 2.98 -11.97
N GLY A 21 0.36 1.75 -12.27
CA GLY A 21 0.19 0.63 -11.33
C GLY A 21 -1.20 0.67 -10.68
N ASN A 22 -1.93 -0.43 -10.73
CA ASN A 22 -3.30 -0.55 -10.20
C ASN A 22 -3.37 -0.56 -8.67
N TRP A 23 -2.23 -0.62 -7.95
CA TRP A 23 -2.16 -0.71 -6.49
C TRP A 23 -2.94 0.41 -5.82
N THR A 24 -3.81 0.00 -4.89
CA THR A 24 -4.70 0.85 -4.09
C THR A 24 -4.22 0.87 -2.64
N LEU A 25 -4.74 1.81 -1.84
CA LEU A 25 -4.39 1.97 -0.42
C LEU A 25 -4.62 0.70 0.41
N GLU A 26 -5.60 -0.12 0.05
CA GLU A 26 -5.94 -1.35 0.77
C GLU A 26 -5.11 -2.54 0.24
N ASN A 27 -5.05 -2.72 -1.08
CA ASN A 27 -4.34 -3.83 -1.68
C ASN A 27 -2.81 -3.69 -1.55
N ALA A 28 -2.27 -2.48 -1.43
CA ALA A 28 -0.87 -2.26 -1.09
C ALA A 28 -0.54 -2.68 0.35
N LYS A 29 -1.39 -2.34 1.33
CA LYS A 29 -1.18 -2.75 2.72
C LYS A 29 -1.19 -4.28 2.87
N ALA A 30 -2.10 -4.95 2.17
CA ALA A 30 -2.11 -6.40 2.03
C ALA A 30 -0.86 -6.96 1.30
N ARG A 31 -0.44 -6.34 0.19
CA ARG A 31 0.71 -6.81 -0.60
C ARG A 31 2.04 -6.63 0.13
N LEU A 32 2.21 -5.60 0.96
CA LEU A 32 3.40 -5.41 1.78
C LEU A 32 3.50 -6.46 2.89
N ASN A 33 2.38 -6.81 3.51
CA ASN A 33 2.31 -7.93 4.45
C ASN A 33 2.62 -9.27 3.78
N GLN A 34 2.11 -9.52 2.56
CA GLN A 34 2.47 -10.69 1.75
C GLN A 34 3.96 -10.70 1.41
N TYR A 35 4.54 -9.58 0.97
CA TYR A 35 5.98 -9.46 0.72
C TYR A 35 6.82 -9.87 1.95
N PHE A 36 6.42 -9.43 3.15
CA PHE A 36 7.06 -9.78 4.41
C PHE A 36 6.95 -11.27 4.75
N GLN A 37 5.77 -11.87 4.59
CA GLN A 37 5.55 -13.29 4.87
C GLN A 37 6.31 -14.20 3.88
N LYS A 38 6.40 -13.81 2.60
CA LYS A 38 7.04 -14.59 1.54
C LYS A 38 8.57 -14.49 1.55
N GLU A 39 9.13 -13.35 1.97
CA GLU A 39 10.58 -13.14 2.14
C GLU A 39 11.10 -13.52 3.54
N LYS A 40 10.21 -13.78 4.51
CA LYS A 40 10.53 -13.98 5.94
C LYS A 40 11.17 -12.72 6.58
N ILE A 41 10.65 -11.54 6.19
CA ILE A 41 10.97 -10.21 6.73
C ILE A 41 9.87 -9.81 7.75
N GLN A 42 10.15 -8.85 8.63
CA GLN A 42 9.16 -8.22 9.51
C GLN A 42 9.34 -6.70 9.49
N GLY A 43 8.22 -5.98 9.47
CA GLY A 43 8.18 -4.51 9.44
C GLY A 43 6.94 -3.93 10.13
N GLU A 44 7.12 -2.83 10.86
CA GLU A 44 6.07 -2.09 11.56
C GLU A 44 6.27 -0.57 11.36
N TYR A 45 5.18 0.16 11.16
CA TYR A 45 5.17 1.61 10.89
C TYR A 45 5.54 2.44 12.13
N LYS A 46 6.31 3.51 11.92
CA LYS A 46 6.64 4.53 12.93
C LYS A 46 5.79 5.77 12.67
N TYR A 47 5.21 6.37 13.71
CA TYR A 47 4.25 7.49 13.56
C TYR A 47 4.67 8.79 14.28
N THR A 48 4.18 9.92 13.75
CA THR A 48 4.24 11.26 14.37
C THR A 48 2.86 11.92 14.27
N GLN A 49 2.28 12.35 15.39
CA GLN A 49 1.07 13.19 15.39
C GLN A 49 1.45 14.63 15.04
N VAL A 50 0.60 15.31 14.24
CA VAL A 50 0.67 16.76 14.00
C VAL A 50 -0.70 17.39 14.30
N GLY A 51 -0.68 18.62 14.82
CA GLY A 51 -1.86 19.32 15.35
C GLY A 51 -2.27 18.87 16.77
N PRO A 52 -3.06 19.68 17.50
CA PRO A 52 -3.53 19.39 18.86
C PRO A 52 -4.60 18.27 18.84
N ASP A 53 -4.83 17.63 19.99
CA ASP A 53 -5.71 16.46 20.09
C ASP A 53 -7.20 16.70 19.74
N HIS A 54 -7.64 17.97 19.73
CA HIS A 54 -8.98 18.37 19.25
C HIS A 54 -9.06 18.56 17.71
N ASN A 55 -7.91 18.68 17.02
CA ASN A 55 -7.80 18.83 15.58
C ASN A 55 -6.40 18.38 15.09
N ARG A 56 -6.26 17.08 14.80
CA ARG A 56 -4.98 16.42 14.48
C ARG A 56 -4.99 15.62 13.18
N SER A 57 -3.79 15.30 12.72
CA SER A 57 -3.46 14.35 11.64
C SER A 57 -2.21 13.55 12.06
N PHE A 58 -1.92 12.46 11.34
CA PHE A 58 -0.80 11.57 11.61
C PHE A 58 0.08 11.40 10.37
N ILE A 59 1.38 11.53 10.58
CA ILE A 59 2.45 11.15 9.64
C ILE A 59 2.88 9.73 10.02
N ALA A 60 3.06 8.86 9.04
CA ALA A 60 3.59 7.51 9.22
C ALA A 60 4.76 7.26 8.26
N GLU A 61 5.74 6.48 8.70
CA GLU A 61 6.96 6.20 7.95
C GLU A 61 7.51 4.79 8.19
N MET A 62 8.23 4.26 7.19
CA MET A 62 8.78 2.91 7.13
C MET A 62 9.93 2.83 6.11
N THR A 63 10.95 2.02 6.41
CA THR A 63 12.10 1.73 5.55
C THR A 63 12.41 0.24 5.62
N ILE A 64 12.56 -0.42 4.47
CA ILE A 64 12.76 -1.87 4.36
C ILE A 64 13.88 -2.21 3.38
N TYR A 65 14.66 -3.23 3.72
CA TYR A 65 15.76 -3.75 2.90
C TYR A 65 15.31 -4.93 2.03
N ILE A 66 15.76 -4.95 0.78
CA ILE A 66 15.38 -5.90 -0.27
C ILE A 66 16.58 -6.78 -0.61
N LYS A 67 16.64 -7.93 0.04
CA LYS A 67 17.74 -8.89 -0.10
C LYS A 67 17.84 -9.58 -1.47
N GLN A 68 16.73 -9.58 -2.19
CA GLN A 68 16.68 -10.03 -3.59
C GLN A 68 17.25 -9.02 -4.62
N LEU A 69 17.48 -7.76 -4.22
CA LEU A 69 18.07 -6.71 -5.06
C LEU A 69 19.41 -6.16 -4.55
N GLY A 70 19.65 -6.18 -3.23
CA GLY A 70 20.85 -5.63 -2.60
C GLY A 70 20.76 -4.12 -2.30
N ARG A 71 19.56 -3.65 -1.91
CA ARG A 71 19.25 -2.23 -1.62
C ARG A 71 18.16 -2.11 -0.54
N ARG A 72 17.81 -0.89 -0.15
CA ARG A 72 16.66 -0.57 0.71
C ARG A 72 15.82 0.58 0.14
N ILE A 73 14.53 0.58 0.50
CA ILE A 73 13.52 1.59 0.10
C ILE A 73 12.81 2.15 1.34
N PHE A 74 12.45 3.43 1.27
CA PHE A 74 11.89 4.21 2.38
C PHE A 74 10.64 4.99 1.92
N ALA A 75 9.74 5.27 2.84
CA ALA A 75 8.59 6.14 2.65
C ALA A 75 8.21 6.91 3.93
N ARG A 76 7.59 8.08 3.74
CA ARG A 76 6.99 8.94 4.77
C ARG A 76 5.79 9.67 4.16
N GLU A 77 4.60 9.45 4.73
CA GLU A 77 3.31 9.94 4.22
C GLU A 77 2.38 10.28 5.37
N HIS A 78 1.22 10.90 5.11
CA HIS A 78 0.29 11.37 6.15
C HIS A 78 -1.19 11.26 5.78
N GLY A 79 -2.01 10.98 6.79
CA GLY A 79 -3.47 10.91 6.74
C GLY A 79 -4.13 11.55 7.96
N SER A 80 -5.45 11.62 8.00
CA SER A 80 -6.20 12.16 9.15
C SER A 80 -6.12 11.27 10.42
N ASN A 81 -5.65 10.02 10.27
CA ASN A 81 -5.50 8.99 11.32
C ASN A 81 -4.35 8.04 10.97
N LYS A 82 -3.83 7.29 11.96
CA LYS A 82 -2.76 6.30 11.76
C LYS A 82 -3.06 5.27 10.65
N LYS A 83 -4.32 4.84 10.51
CA LYS A 83 -4.75 3.92 9.44
C LYS A 83 -4.47 4.51 8.05
N LEU A 84 -5.06 5.67 7.74
CA LEU A 84 -4.88 6.42 6.49
C LEU A 84 -3.40 6.74 6.20
N ALA A 85 -2.65 7.10 7.24
CA ALA A 85 -1.22 7.37 7.14
C ALA A 85 -0.42 6.11 6.74
N ALA A 86 -0.67 4.97 7.40
CA ALA A 86 -0.03 3.68 7.10
C ALA A 86 -0.49 3.08 5.75
N GLN A 87 -1.74 3.28 5.35
CA GLN A 87 -2.28 2.97 4.02
C GLN A 87 -1.47 3.71 2.94
N SER A 88 -1.24 5.01 3.12
CA SER A 88 -0.48 5.83 2.17
C SER A 88 1.02 5.47 2.17
N CYS A 89 1.58 5.14 3.35
CA CYS A 89 2.95 4.65 3.50
C CYS A 89 3.13 3.29 2.78
N ALA A 90 2.22 2.33 2.97
CA ALA A 90 2.26 1.03 2.31
C ALA A 90 2.26 1.16 0.78
N LEU A 91 1.35 1.99 0.23
CA LEU A 91 1.31 2.29 -1.21
C LEU A 91 2.62 2.91 -1.71
N SER A 92 3.31 3.69 -0.89
CA SER A 92 4.61 4.28 -1.23
C SER A 92 5.76 3.26 -1.25
N LEU A 93 5.76 2.21 -0.41
CA LEU A 93 6.69 1.08 -0.53
C LEU A 93 6.29 0.21 -1.73
N VAL A 94 5.01 -0.14 -1.85
CA VAL A 94 4.52 -1.07 -2.89
C VAL A 94 4.73 -0.52 -4.30
N ARG A 95 4.55 0.79 -4.53
CA ARG A 95 4.86 1.39 -5.84
C ARG A 95 6.36 1.47 -6.14
N GLN A 96 7.23 1.53 -5.11
CA GLN A 96 8.68 1.38 -5.31
C GLN A 96 9.05 -0.07 -5.64
N LEU A 97 8.43 -1.07 -4.99
CA LEU A 97 8.61 -2.48 -5.29
C LEU A 97 8.20 -2.79 -6.74
N TYR A 98 7.10 -2.22 -7.21
CA TYR A 98 6.62 -2.29 -8.60
C TYR A 98 7.58 -1.62 -9.60
N HIS A 99 8.07 -0.40 -9.30
CA HIS A 99 9.03 0.29 -10.17
C HIS A 99 10.44 -0.36 -10.19
N LEU A 100 10.80 -1.11 -9.15
CA LEU A 100 12.00 -1.95 -9.06
C LEU A 100 11.82 -3.36 -9.67
N GLY A 101 10.59 -3.77 -9.98
CA GLY A 101 10.27 -5.08 -10.56
C GLY A 101 10.19 -6.23 -9.55
N VAL A 102 10.04 -5.92 -8.25
CA VAL A 102 9.84 -6.92 -7.18
C VAL A 102 8.41 -7.49 -7.21
N ILE A 103 7.46 -6.69 -7.69
CA ILE A 103 6.06 -7.05 -7.90
C ILE A 103 5.57 -6.62 -9.29
N GLU A 104 4.41 -7.14 -9.68
CA GLU A 104 3.64 -6.70 -10.85
C GLU A 104 2.50 -5.75 -10.41
N ALA A 105 1.67 -5.27 -11.35
CA ALA A 105 0.50 -4.44 -11.04
C ALA A 105 -0.60 -5.25 -10.33
N TYR A 106 -1.43 -4.57 -9.52
CA TYR A 106 -2.55 -5.20 -8.81
C TYR A 106 -3.55 -5.91 -9.75
N SER A 107 -4.21 -6.96 -9.21
CA SER A 107 -5.02 -7.92 -9.97
C SER A 107 -6.44 -7.47 -10.36
N SER A 108 -6.81 -6.20 -10.09
CA SER A 108 -8.12 -5.65 -10.47
C SER A 108 -8.05 -4.13 -10.74
N GLY A 109 -9.09 -3.57 -11.38
CA GLY A 109 -9.19 -2.14 -11.68
C GLY A 109 -9.44 -1.31 -10.39
N PRO A 110 -8.77 -0.16 -10.22
CA PRO A 110 -8.94 0.70 -9.04
C PRO A 110 -10.31 1.41 -9.07
N SER A 111 -10.95 1.52 -7.91
CA SER A 111 -12.28 2.12 -7.71
C SER A 111 -12.51 2.47 -6.22
N SER A 112 -13.29 3.52 -5.95
CA SER A 112 -13.54 4.06 -4.59
C SER A 112 -14.92 3.70 -4.00
N GLY A 113 -15.80 3.03 -4.77
CA GLY A 113 -17.15 2.62 -4.36
C GLY A 113 -17.91 1.87 -5.45
N GLY A 1 -28.98 4.69 9.12
CA GLY A 1 -27.89 3.95 8.43
C GLY A 1 -28.44 3.09 7.30
N SER A 2 -27.85 1.91 7.11
CA SER A 2 -28.33 0.82 6.20
C SER A 2 -28.17 1.10 4.69
N SER A 3 -27.64 2.26 4.30
CA SER A 3 -27.42 2.62 2.89
C SER A 3 -26.32 1.80 2.19
N GLY A 4 -25.46 1.12 2.97
CA GLY A 4 -24.46 0.15 2.50
C GLY A 4 -24.96 -1.30 2.44
N SER A 5 -26.20 -1.58 2.85
CA SER A 5 -26.77 -2.93 2.93
C SER A 5 -27.32 -3.42 1.57
N SER A 6 -26.49 -3.37 0.53
CA SER A 6 -26.83 -3.71 -0.87
C SER A 6 -25.57 -4.09 -1.69
N GLY A 7 -25.77 -4.65 -2.88
CA GLY A 7 -24.70 -5.15 -3.76
C GLY A 7 -23.97 -4.05 -4.54
N LEU A 8 -22.74 -4.34 -4.95
CA LEU A 8 -21.84 -3.46 -5.70
C LEU A 8 -20.67 -4.24 -6.32
N GLU A 9 -19.94 -3.60 -7.23
CA GLU A 9 -18.75 -4.11 -7.91
C GLU A 9 -17.95 -2.95 -8.50
N SER A 10 -16.69 -2.80 -8.06
CA SER A 10 -15.71 -1.89 -8.68
C SER A 10 -14.92 -2.60 -9.79
N GLU A 11 -14.75 -1.94 -10.93
CA GLU A 11 -13.94 -2.38 -12.07
C GLU A 11 -13.58 -1.19 -12.97
N GLU A 12 -12.29 -1.03 -13.26
CA GLU A 12 -11.74 0.01 -14.13
C GLU A 12 -10.35 -0.44 -14.62
N VAL A 13 -10.07 -0.29 -15.93
CA VAL A 13 -8.82 -0.69 -16.58
C VAL A 13 -8.51 0.30 -17.70
N ASP A 14 -7.25 0.78 -17.76
CA ASP A 14 -6.76 1.73 -18.76
C ASP A 14 -5.23 1.62 -18.91
N LEU A 15 -4.73 1.88 -20.12
CA LEU A 15 -3.32 1.71 -20.48
C LEU A 15 -2.40 2.73 -19.78
N ASN A 16 -2.92 3.93 -19.47
CA ASN A 16 -2.18 4.95 -18.71
C ASN A 16 -2.15 4.63 -17.20
N ALA A 17 -3.22 4.05 -16.66
CA ALA A 17 -3.27 3.51 -15.30
C ALA A 17 -2.32 2.31 -15.11
N GLY A 18 -2.08 1.56 -16.18
CA GLY A 18 -1.12 0.45 -16.24
C GLY A 18 0.36 0.88 -16.22
N LEU A 19 0.67 2.18 -16.38
CA LEU A 19 2.03 2.72 -16.25
C LEU A 19 2.43 2.92 -14.78
N HIS A 20 1.49 3.40 -13.95
CA HIS A 20 1.69 3.67 -12.51
C HIS A 20 1.27 2.51 -11.59
N GLY A 21 0.60 1.50 -12.16
CA GLY A 21 0.01 0.36 -11.47
C GLY A 21 -1.35 0.71 -10.85
N ASN A 22 -2.32 -0.19 -10.97
CA ASN A 22 -3.65 -0.08 -10.37
C ASN A 22 -3.68 -0.23 -8.83
N TRP A 23 -2.51 -0.42 -8.18
CA TRP A 23 -2.37 -0.55 -6.73
C TRP A 23 -3.10 0.59 -5.98
N THR A 24 -4.02 0.19 -5.11
CA THR A 24 -4.82 1.06 -4.25
C THR A 24 -4.30 1.01 -2.81
N LEU A 25 -4.79 1.91 -1.96
CA LEU A 25 -4.45 1.97 -0.53
C LEU A 25 -4.65 0.63 0.19
N GLU A 26 -5.75 -0.07 -0.09
CA GLU A 26 -6.12 -1.32 0.57
C GLU A 26 -5.31 -2.49 0.04
N ASN A 27 -5.22 -2.61 -1.30
CA ASN A 27 -4.50 -3.71 -1.95
C ASN A 27 -2.99 -3.61 -1.76
N ALA A 28 -2.42 -2.40 -1.64
CA ALA A 28 -1.01 -2.22 -1.26
C ALA A 28 -0.74 -2.62 0.18
N LYS A 29 -1.59 -2.22 1.14
CA LYS A 29 -1.46 -2.61 2.54
C LYS A 29 -1.47 -4.14 2.71
N ALA A 30 -2.41 -4.81 2.04
CA ALA A 30 -2.50 -6.26 1.94
C ALA A 30 -1.27 -6.89 1.26
N ARG A 31 -0.81 -6.33 0.13
CA ARG A 31 0.32 -6.86 -0.64
C ARG A 31 1.63 -6.76 0.14
N LEU A 32 1.86 -5.68 0.89
CA LEU A 32 3.07 -5.52 1.71
C LEU A 32 3.09 -6.52 2.88
N ASN A 33 1.95 -6.74 3.53
CA ASN A 33 1.79 -7.75 4.58
C ASN A 33 2.01 -9.19 4.06
N GLN A 34 1.56 -9.49 2.83
CA GLN A 34 1.83 -10.76 2.15
C GLN A 34 3.30 -10.90 1.74
N TYR A 35 3.90 -9.84 1.18
CA TYR A 35 5.30 -9.78 0.72
C TYR A 35 6.31 -10.09 1.84
N PHE A 36 6.02 -9.63 3.07
CA PHE A 36 6.81 -9.90 4.27
C PHE A 36 6.82 -11.38 4.66
N GLN A 37 5.79 -12.14 4.28
CA GLN A 37 5.69 -13.59 4.50
C GLN A 37 6.38 -14.39 3.38
N LYS A 38 6.58 -13.80 2.20
CA LYS A 38 7.36 -14.41 1.11
C LYS A 38 8.88 -14.23 1.32
N GLU A 39 9.28 -13.00 1.66
CA GLU A 39 10.69 -12.59 1.79
C GLU A 39 11.25 -12.75 3.20
N LYS A 40 10.41 -13.07 4.20
CA LYS A 40 10.76 -13.16 5.63
C LYS A 40 11.34 -11.83 6.18
N ILE A 41 10.80 -10.73 5.67
CA ILE A 41 11.09 -9.33 6.08
C ILE A 41 10.16 -8.96 7.25
N GLN A 42 10.60 -8.02 8.08
CA GLN A 42 9.87 -7.56 9.27
C GLN A 42 9.84 -6.03 9.26
N GLY A 43 8.63 -5.46 9.27
CA GLY A 43 8.39 -4.01 9.30
C GLY A 43 7.16 -3.65 10.14
N GLU A 44 7.28 -2.62 10.97
CA GLU A 44 6.20 -1.99 11.72
C GLU A 44 6.25 -0.48 11.49
N TYR A 45 5.08 0.15 11.33
CA TYR A 45 4.98 1.59 11.03
C TYR A 45 5.34 2.45 12.25
N LYS A 46 6.26 3.39 12.07
CA LYS A 46 6.53 4.46 13.04
C LYS A 46 5.56 5.60 12.74
N TYR A 47 4.88 6.14 13.75
CA TYR A 47 3.94 7.25 13.58
C TYR A 47 4.42 8.55 14.26
N THR A 48 3.98 9.69 13.71
CA THR A 48 4.11 11.04 14.28
C THR A 48 2.79 11.78 14.16
N GLN A 49 2.18 12.15 15.27
CA GLN A 49 1.01 13.04 15.30
C GLN A 49 1.42 14.48 14.94
N VAL A 50 0.58 15.19 14.18
CA VAL A 50 0.68 16.63 13.93
C VAL A 50 -0.66 17.30 14.22
N GLY A 51 -0.60 18.52 14.76
CA GLY A 51 -1.75 19.26 15.32
C GLY A 51 -2.12 18.84 16.76
N PRO A 52 -2.92 19.67 17.47
CA PRO A 52 -3.39 19.39 18.82
C PRO A 52 -4.40 18.24 18.86
N ASP A 53 -4.61 17.64 20.03
CA ASP A 53 -5.38 16.40 20.18
C ASP A 53 -6.87 16.51 19.79
N HIS A 54 -7.43 17.73 19.78
CA HIS A 54 -8.80 18.02 19.31
C HIS A 54 -8.92 18.25 17.79
N ASN A 55 -7.80 18.47 17.09
CA ASN A 55 -7.74 18.74 15.65
C ASN A 55 -6.35 18.35 15.09
N ARG A 56 -6.21 17.08 14.67
CA ARG A 56 -4.93 16.45 14.32
C ARG A 56 -4.99 15.56 13.07
N SER A 57 -3.81 15.25 12.58
CA SER A 57 -3.51 14.27 11.53
C SER A 57 -2.26 13.47 11.94
N PHE A 58 -1.98 12.37 11.24
CA PHE A 58 -0.88 11.46 11.56
C PHE A 58 -0.01 11.22 10.32
N ILE A 59 1.29 11.34 10.53
CA ILE A 59 2.34 10.92 9.60
C ILE A 59 2.73 9.49 9.99
N ALA A 60 2.96 8.62 9.02
CA ALA A 60 3.47 7.27 9.21
C ALA A 60 4.67 7.03 8.29
N GLU A 61 5.65 6.28 8.77
CA GLU A 61 6.88 5.97 8.03
C GLU A 61 7.40 4.55 8.29
N MET A 62 8.10 4.01 7.28
CA MET A 62 8.59 2.64 7.22
C MET A 62 9.76 2.51 6.23
N THR A 63 10.73 1.64 6.54
CA THR A 63 11.88 1.30 5.69
C THR A 63 12.11 -0.20 5.74
N ILE A 64 12.34 -0.82 4.58
CA ILE A 64 12.60 -2.26 4.42
C ILE A 64 13.82 -2.50 3.54
N TYR A 65 14.70 -3.41 3.98
CA TYR A 65 15.83 -3.93 3.21
C TYR A 65 15.40 -5.11 2.33
N ILE A 66 15.78 -5.07 1.05
CA ILE A 66 15.41 -6.04 0.03
C ILE A 66 16.65 -6.82 -0.41
N LYS A 67 16.77 -8.04 0.12
CA LYS A 67 17.91 -8.92 -0.10
C LYS A 67 18.07 -9.43 -1.54
N GLN A 68 16.96 -9.48 -2.29
CA GLN A 68 16.95 -9.82 -3.72
C GLN A 68 17.41 -8.67 -4.64
N LEU A 69 17.53 -7.44 -4.13
CA LEU A 69 18.03 -6.27 -4.85
C LEU A 69 19.39 -5.76 -4.32
N GLY A 70 19.70 -5.98 -3.04
CA GLY A 70 20.93 -5.51 -2.39
C GLY A 70 20.84 -4.04 -1.92
N ARG A 71 19.63 -3.57 -1.59
CA ARG A 71 19.32 -2.19 -1.19
C ARG A 71 18.19 -2.14 -0.17
N ARG A 72 17.86 -0.94 0.32
CA ARG A 72 16.70 -0.66 1.18
C ARG A 72 15.85 0.49 0.60
N ILE A 73 14.54 0.38 0.77
CA ILE A 73 13.53 1.37 0.35
C ILE A 73 12.76 1.90 1.56
N PHE A 74 12.44 3.19 1.53
CA PHE A 74 11.87 3.95 2.64
C PHE A 74 10.69 4.79 2.14
N ALA A 75 9.72 5.04 3.02
CA ALA A 75 8.57 5.92 2.79
C ALA A 75 8.17 6.68 4.06
N ARG A 76 7.59 7.86 3.85
CA ARG A 76 7.02 8.75 4.88
C ARG A 76 5.83 9.48 4.26
N GLU A 77 4.63 9.23 4.77
CA GLU A 77 3.34 9.65 4.21
C GLU A 77 2.36 9.98 5.33
N HIS A 78 1.19 10.54 5.03
CA HIS A 78 0.25 11.03 6.05
C HIS A 78 -1.23 10.92 5.68
N GLY A 79 -2.08 10.80 6.72
CA GLY A 79 -3.55 10.74 6.65
C GLY A 79 -4.22 11.40 7.86
N SER A 80 -5.55 11.45 7.85
CA SER A 80 -6.34 11.98 8.98
C SER A 80 -6.30 11.09 10.24
N ASN A 81 -5.74 9.88 10.13
CA ASN A 81 -5.58 8.88 11.19
C ASN A 81 -4.46 7.88 10.83
N LYS A 82 -4.04 7.05 11.80
CA LYS A 82 -2.96 6.06 11.61
C LYS A 82 -3.23 5.05 10.48
N LYS A 83 -4.47 4.60 10.30
CA LYS A 83 -4.85 3.64 9.25
C LYS A 83 -4.59 4.22 7.85
N LEU A 84 -5.13 5.40 7.56
CA LEU A 84 -4.91 6.18 6.34
C LEU A 84 -3.42 6.49 6.09
N ALA A 85 -2.71 6.91 7.14
CA ALA A 85 -1.28 7.20 7.07
C ALA A 85 -0.45 5.97 6.67
N ALA A 86 -0.68 4.82 7.33
CA ALA A 86 -0.02 3.55 7.03
C ALA A 86 -0.43 2.94 5.68
N GLN A 87 -1.67 3.18 5.23
CA GLN A 87 -2.15 2.84 3.89
C GLN A 87 -1.38 3.60 2.80
N SER A 88 -1.24 4.92 2.94
CA SER A 88 -0.44 5.72 1.99
C SER A 88 1.04 5.35 2.02
N CYS A 89 1.59 5.06 3.22
CA CYS A 89 2.95 4.55 3.39
C CYS A 89 3.14 3.22 2.67
N ALA A 90 2.23 2.25 2.85
CA ALA A 90 2.27 0.96 2.16
C ALA A 90 2.23 1.12 0.62
N LEU A 91 1.36 2.00 0.11
CA LEU A 91 1.28 2.29 -1.33
C LEU A 91 2.59 2.87 -1.87
N SER A 92 3.37 3.60 -1.07
CA SER A 92 4.70 4.05 -1.46
C SER A 92 5.72 2.89 -1.50
N LEU A 93 5.81 2.00 -0.50
CA LEU A 93 6.69 0.82 -0.56
C LEU A 93 6.30 -0.07 -1.73
N VAL A 94 5.00 -0.33 -1.91
CA VAL A 94 4.50 -1.21 -2.98
C VAL A 94 4.77 -0.60 -4.37
N ARG A 95 4.57 0.71 -4.57
CA ARG A 95 4.92 1.36 -5.84
C ARG A 95 6.44 1.50 -6.06
N GLN A 96 7.25 1.53 -5.01
CA GLN A 96 8.72 1.44 -5.13
C GLN A 96 9.15 0.02 -5.53
N LEU A 97 8.52 -1.04 -4.99
CA LEU A 97 8.77 -2.44 -5.36
C LEU A 97 8.37 -2.70 -6.83
N TYR A 98 7.25 -2.14 -7.28
CA TYR A 98 6.82 -2.14 -8.68
C TYR A 98 7.80 -1.39 -9.59
N HIS A 99 8.27 -0.20 -9.20
CA HIS A 99 9.28 0.57 -9.96
C HIS A 99 10.65 -0.14 -10.06
N LEU A 100 11.03 -0.88 -9.02
CA LEU A 100 12.24 -1.73 -8.97
C LEU A 100 12.04 -3.10 -9.64
N GLY A 101 10.82 -3.45 -10.07
CA GLY A 101 10.50 -4.67 -10.81
C GLY A 101 10.28 -5.91 -9.94
N VAL A 102 10.06 -5.75 -8.64
CA VAL A 102 9.85 -6.85 -7.67
C VAL A 102 8.42 -7.42 -7.77
N ILE A 103 7.45 -6.56 -8.12
CA ILE A 103 6.02 -6.92 -8.26
C ILE A 103 5.44 -6.48 -9.61
N GLU A 104 4.32 -7.09 -9.97
CA GLU A 104 3.44 -6.73 -11.08
C GLU A 104 2.49 -5.59 -10.70
N ALA A 105 1.75 -5.06 -11.70
CA ALA A 105 0.65 -4.13 -11.49
C ALA A 105 -0.64 -4.88 -11.06
N TYR A 106 -1.46 -4.25 -10.21
CA TYR A 106 -2.78 -4.77 -9.83
C TYR A 106 -3.74 -4.90 -11.04
N SER A 107 -4.77 -5.72 -10.90
CA SER A 107 -5.74 -6.05 -11.97
C SER A 107 -6.67 -4.90 -12.37
N SER A 108 -7.31 -4.24 -11.40
CA SER A 108 -8.40 -3.28 -11.61
C SER A 108 -8.37 -2.09 -10.64
N GLY A 109 -8.64 -0.87 -11.15
CA GLY A 109 -8.88 0.33 -10.33
C GLY A 109 -10.29 0.35 -9.72
N PRO A 110 -10.53 1.21 -8.71
CA PRO A 110 -11.82 1.35 -8.04
C PRO A 110 -12.82 2.14 -8.89
N SER A 111 -14.13 1.94 -8.66
CA SER A 111 -15.20 2.69 -9.32
C SER A 111 -15.77 3.77 -8.38
N SER A 112 -15.52 5.05 -8.68
CA SER A 112 -15.90 6.20 -7.84
C SER A 112 -17.27 6.82 -8.20
N GLY A 113 -17.91 6.37 -9.29
CA GLY A 113 -19.22 6.84 -9.76
C GLY A 113 -19.64 6.20 -11.09
N GLY A 1 -22.93 8.67 4.99
CA GLY A 1 -23.18 7.45 4.19
C GLY A 1 -22.71 7.60 2.75
N SER A 2 -23.17 6.71 1.87
CA SER A 2 -22.78 6.65 0.45
C SER A 2 -23.76 5.78 -0.38
N SER A 3 -23.71 5.88 -1.71
CA SER A 3 -24.67 5.26 -2.64
C SER A 3 -24.04 4.62 -3.89
N GLY A 4 -22.70 4.52 -3.94
CA GLY A 4 -21.91 4.05 -5.10
C GLY A 4 -21.88 2.53 -5.28
N SER A 5 -23.00 1.85 -5.03
CA SER A 5 -23.15 0.39 -5.05
C SER A 5 -24.56 -0.02 -5.52
N SER A 6 -24.65 -0.95 -6.48
CA SER A 6 -25.91 -1.43 -7.08
C SER A 6 -25.69 -2.73 -7.90
N GLY A 7 -26.78 -3.43 -8.23
CA GLY A 7 -26.75 -4.62 -9.08
C GLY A 7 -26.75 -4.24 -10.57
N LEU A 8 -25.70 -4.65 -11.29
CA LEU A 8 -25.45 -4.35 -12.70
C LEU A 8 -24.32 -5.23 -13.29
N GLU A 9 -24.07 -5.09 -14.59
CA GLU A 9 -22.97 -5.69 -15.32
C GLU A 9 -22.64 -4.79 -16.53
N SER A 10 -21.38 -4.36 -16.63
CA SER A 10 -20.82 -3.56 -17.73
C SER A 10 -19.29 -3.74 -17.79
N GLU A 11 -18.77 -4.14 -18.95
CA GLU A 11 -17.33 -4.38 -19.15
C GLU A 11 -16.59 -3.06 -19.45
N GLU A 12 -15.52 -2.78 -18.69
CA GLU A 12 -14.62 -1.64 -18.86
C GLU A 12 -13.19 -2.11 -18.60
N VAL A 13 -12.36 -2.18 -19.65
CA VAL A 13 -11.02 -2.79 -19.66
C VAL A 13 -10.13 -2.06 -20.68
N ASP A 14 -8.86 -1.86 -20.35
CA ASP A 14 -7.82 -1.35 -21.25
C ASP A 14 -6.45 -1.95 -20.91
N LEU A 15 -5.65 -2.21 -21.94
CA LEU A 15 -4.38 -2.95 -21.86
C LEU A 15 -3.19 -2.07 -21.46
N ASN A 16 -3.26 -0.75 -21.65
CA ASN A 16 -2.18 0.17 -21.24
C ASN A 16 -2.17 0.44 -19.72
N ALA A 17 -3.26 0.10 -19.01
CA ALA A 17 -3.45 0.33 -17.58
C ALA A 17 -2.38 -0.33 -16.69
N GLY A 18 -1.78 -1.44 -17.15
CA GLY A 18 -0.72 -2.17 -16.44
C GLY A 18 0.61 -1.44 -16.35
N LEU A 19 0.80 -0.33 -17.09
CA LEU A 19 1.99 0.53 -17.05
C LEU A 19 1.87 1.68 -16.03
N HIS A 20 0.69 1.91 -15.46
CA HIS A 20 0.43 2.98 -14.48
C HIS A 20 0.51 2.51 -13.01
N GLY A 21 0.53 1.19 -12.76
CA GLY A 21 0.53 0.56 -11.44
C GLY A 21 -0.82 0.73 -10.75
N ASN A 22 -1.69 -0.28 -10.84
CA ASN A 22 -3.06 -0.24 -10.31
C ASN A 22 -3.15 -0.31 -8.77
N TRP A 23 -2.03 -0.45 -8.05
CA TRP A 23 -1.99 -0.57 -6.59
C TRP A 23 -2.72 0.59 -5.89
N THR A 24 -3.70 0.21 -5.07
CA THR A 24 -4.54 1.10 -4.25
C THR A 24 -4.11 1.03 -2.78
N LEU A 25 -4.63 1.93 -1.95
CA LEU A 25 -4.33 1.97 -0.50
C LEU A 25 -4.56 0.63 0.22
N GLU A 26 -5.60 -0.12 -0.17
CA GLU A 26 -5.95 -1.39 0.49
C GLU A 26 -5.18 -2.57 -0.12
N ASN A 27 -5.08 -2.63 -1.45
CA ASN A 27 -4.36 -3.71 -2.13
C ASN A 27 -2.84 -3.62 -1.92
N ALA A 28 -2.27 -2.43 -1.70
CA ALA A 28 -0.89 -2.26 -1.29
C ALA A 28 -0.66 -2.71 0.17
N LYS A 29 -1.55 -2.34 1.10
CA LYS A 29 -1.46 -2.76 2.50
C LYS A 29 -1.50 -4.29 2.65
N ALA A 30 -2.35 -4.95 1.85
CA ALA A 30 -2.37 -6.41 1.70
C ALA A 30 -1.10 -6.97 1.03
N ARG A 31 -0.64 -6.35 -0.07
CA ARG A 31 0.52 -6.86 -0.84
C ARG A 31 1.82 -6.77 -0.05
N LEU A 32 2.02 -5.74 0.77
CA LEU A 32 3.21 -5.61 1.62
C LEU A 32 3.24 -6.66 2.74
N ASN A 33 2.08 -6.96 3.34
CA ASN A 33 1.93 -8.03 4.33
C ASN A 33 2.19 -9.42 3.70
N GLN A 34 1.72 -9.66 2.48
CA GLN A 34 2.04 -10.87 1.73
C GLN A 34 3.54 -10.94 1.37
N TYR A 35 4.13 -9.86 0.86
CA TYR A 35 5.56 -9.77 0.53
C TYR A 35 6.46 -10.14 1.72
N PHE A 36 6.09 -9.71 2.93
CA PHE A 36 6.78 -10.06 4.18
C PHE A 36 6.66 -11.54 4.54
N GLN A 37 5.55 -12.18 4.20
CA GLN A 37 5.32 -13.61 4.41
C GLN A 37 6.00 -14.49 3.34
N LYS A 38 6.22 -13.98 2.13
CA LYS A 38 6.97 -14.67 1.08
C LYS A 38 8.50 -14.58 1.27
N GLU A 39 9.01 -13.38 1.60
CA GLU A 39 10.45 -13.11 1.77
C GLU A 39 10.97 -13.37 3.18
N LYS A 40 10.08 -13.62 4.15
CA LYS A 40 10.41 -13.80 5.59
C LYS A 40 11.01 -12.51 6.21
N ILE A 41 10.55 -11.36 5.73
CA ILE A 41 10.90 -10.00 6.19
C ILE A 41 9.88 -9.58 7.26
N GLN A 42 10.23 -8.61 8.11
CA GLN A 42 9.36 -8.02 9.11
C GLN A 42 9.49 -6.49 9.09
N GLY A 43 8.34 -5.81 9.17
CA GLY A 43 8.23 -4.35 9.21
C GLY A 43 7.05 -3.90 10.05
N GLU A 44 7.24 -2.84 10.86
CA GLU A 44 6.21 -2.18 11.65
C GLU A 44 6.24 -0.66 11.41
N TYR A 45 5.07 -0.02 11.43
CA TYR A 45 4.92 1.41 11.15
C TYR A 45 5.28 2.27 12.36
N LYS A 46 6.17 3.25 12.15
CA LYS A 46 6.47 4.32 13.11
C LYS A 46 5.62 5.56 12.75
N TYR A 47 5.12 6.30 13.75
CA TYR A 47 4.23 7.45 13.52
C TYR A 47 4.72 8.77 14.13
N THR A 48 4.23 9.88 13.55
CA THR A 48 4.34 11.26 14.06
C THR A 48 2.97 11.92 13.98
N GLN A 49 2.44 12.41 15.09
CA GLN A 49 1.23 13.23 15.11
C GLN A 49 1.55 14.67 14.62
N VAL A 50 0.66 15.27 13.85
CA VAL A 50 0.68 16.71 13.50
C VAL A 50 -0.66 17.34 13.86
N GLY A 51 -0.62 18.58 14.34
CA GLY A 51 -1.75 19.29 14.96
C GLY A 51 -2.01 18.88 16.43
N PRO A 52 -2.77 19.68 17.19
CA PRO A 52 -3.07 19.44 18.62
C PRO A 52 -4.03 18.27 18.82
N ASP A 53 -4.13 17.79 20.07
CA ASP A 53 -4.94 16.62 20.46
C ASP A 53 -6.44 16.72 20.09
N HIS A 54 -6.99 17.94 20.03
CA HIS A 54 -8.38 18.21 19.64
C HIS A 54 -8.62 18.30 18.11
N ASN A 55 -7.56 18.45 17.31
CA ASN A 55 -7.60 18.58 15.85
C ASN A 55 -6.26 18.19 15.21
N ARG A 56 -6.14 16.94 14.75
CA ARG A 56 -4.88 16.33 14.32
C ARG A 56 -5.00 15.44 13.07
N SER A 57 -3.83 15.16 12.50
CA SER A 57 -3.57 14.16 11.45
C SER A 57 -2.25 13.42 11.81
N PHE A 58 -1.96 12.33 11.10
CA PHE A 58 -0.81 11.48 11.40
C PHE A 58 0.04 11.23 10.16
N ILE A 59 1.36 11.31 10.39
CA ILE A 59 2.40 10.87 9.45
C ILE A 59 2.80 9.46 9.91
N ALA A 60 3.00 8.54 8.97
CA ALA A 60 3.53 7.20 9.21
C ALA A 60 4.73 6.93 8.29
N GLU A 61 5.70 6.17 8.80
CA GLU A 61 6.96 5.89 8.11
C GLU A 61 7.46 4.46 8.35
N MET A 62 8.20 3.95 7.36
CA MET A 62 8.74 2.58 7.29
C MET A 62 9.88 2.50 6.28
N THR A 63 10.87 1.63 6.55
CA THR A 63 12.00 1.32 5.68
C THR A 63 12.24 -0.18 5.69
N ILE A 64 12.44 -0.78 4.52
CA ILE A 64 12.73 -2.21 4.35
C ILE A 64 13.93 -2.42 3.42
N TYR A 65 14.80 -3.36 3.81
CA TYR A 65 15.93 -3.83 2.99
C TYR A 65 15.51 -5.00 2.10
N ILE A 66 16.00 -4.98 0.85
CA ILE A 66 15.65 -5.90 -0.23
C ILE A 66 16.88 -6.74 -0.58
N LYS A 67 16.95 -7.91 0.04
CA LYS A 67 18.06 -8.86 -0.13
C LYS A 67 18.20 -9.45 -1.54
N GLN A 68 17.09 -9.45 -2.29
CA GLN A 68 17.05 -9.86 -3.69
C GLN A 68 17.57 -8.81 -4.69
N LEU A 69 17.77 -7.56 -4.25
CA LEU A 69 18.32 -6.45 -5.06
C LEU A 69 19.63 -5.87 -4.52
N GLY A 70 19.89 -5.95 -3.22
CA GLY A 70 21.10 -5.40 -2.57
C GLY A 70 20.96 -3.91 -2.19
N ARG A 71 19.74 -3.47 -1.83
CA ARG A 71 19.39 -2.08 -1.49
C ARG A 71 18.26 -2.03 -0.44
N ARG A 72 17.93 -0.84 0.08
CA ARG A 72 16.75 -0.57 0.91
C ARG A 72 15.86 0.52 0.31
N ILE A 73 14.57 0.47 0.62
CA ILE A 73 13.54 1.46 0.26
C ILE A 73 12.80 1.96 1.50
N PHE A 74 12.43 3.24 1.48
CA PHE A 74 11.90 3.99 2.62
C PHE A 74 10.69 4.83 2.20
N ALA A 75 9.79 5.09 3.14
CA ALA A 75 8.58 5.89 2.98
C ALA A 75 8.28 6.72 4.24
N ARG A 76 7.65 7.88 4.04
CA ARG A 76 7.13 8.77 5.09
C ARG A 76 5.96 9.56 4.50
N GLU A 77 4.74 9.13 4.81
CA GLU A 77 3.49 9.56 4.18
C GLU A 77 2.44 9.90 5.26
N HIS A 78 1.30 10.48 4.90
CA HIS A 78 0.33 10.99 5.89
C HIS A 78 -1.15 10.88 5.50
N GLY A 79 -1.99 10.71 6.53
CA GLY A 79 -3.45 10.64 6.46
C GLY A 79 -4.13 11.33 7.64
N SER A 80 -5.46 11.44 7.59
CA SER A 80 -6.27 12.04 8.67
C SER A 80 -6.30 11.19 9.96
N ASN A 81 -5.77 9.97 9.92
CA ASN A 81 -5.63 9.02 11.04
C ASN A 81 -4.52 7.99 10.75
N LYS A 82 -4.12 7.21 11.75
CA LYS A 82 -3.04 6.22 11.61
C LYS A 82 -3.30 5.13 10.54
N LYS A 83 -4.55 4.72 10.33
CA LYS A 83 -4.91 3.74 9.30
C LYS A 83 -4.61 4.26 7.88
N LEU A 84 -5.15 5.44 7.55
CA LEU A 84 -4.88 6.17 6.30
C LEU A 84 -3.40 6.46 6.09
N ALA A 85 -2.70 6.87 7.15
CA ALA A 85 -1.26 7.12 7.13
C ALA A 85 -0.45 5.85 6.80
N ALA A 86 -0.73 4.72 7.48
CA ALA A 86 -0.08 3.43 7.24
C ALA A 86 -0.44 2.80 5.88
N GLN A 87 -1.68 3.01 5.41
CA GLN A 87 -2.13 2.68 4.06
C GLN A 87 -1.32 3.42 3.01
N SER A 88 -1.13 4.74 3.19
CA SER A 88 -0.33 5.57 2.28
C SER A 88 1.15 5.17 2.32
N CYS A 89 1.68 4.87 3.51
CA CYS A 89 3.03 4.35 3.71
C CYS A 89 3.22 3.01 2.99
N ALA A 90 2.29 2.07 3.12
CA ALA A 90 2.33 0.78 2.41
C ALA A 90 2.34 0.98 0.88
N LEU A 91 1.47 1.85 0.37
CA LEU A 91 1.46 2.20 -1.06
C LEU A 91 2.79 2.83 -1.50
N SER A 92 3.45 3.62 -0.67
CA SER A 92 4.77 4.17 -0.99
C SER A 92 5.89 3.10 -1.06
N LEU A 93 5.89 2.05 -0.21
CA LEU A 93 6.78 0.90 -0.39
C LEU A 93 6.38 0.08 -1.62
N VAL A 94 5.10 -0.23 -1.78
CA VAL A 94 4.60 -1.10 -2.86
C VAL A 94 4.84 -0.48 -4.24
N ARG A 95 4.68 0.84 -4.41
CA ARG A 95 5.00 1.53 -5.67
C ARG A 95 6.52 1.63 -5.94
N GLN A 96 7.36 1.58 -4.91
CA GLN A 96 8.82 1.45 -5.08
C GLN A 96 9.20 0.01 -5.47
N LEU A 97 8.54 -1.01 -4.91
CA LEU A 97 8.73 -2.42 -5.29
C LEU A 97 8.33 -2.65 -6.75
N TYR A 98 7.23 -2.04 -7.20
CA TYR A 98 6.77 -2.01 -8.59
C TYR A 98 7.77 -1.28 -9.53
N HIS A 99 8.28 -0.11 -9.13
CA HIS A 99 9.28 0.65 -9.89
C HIS A 99 10.63 -0.11 -10.03
N LEU A 100 11.02 -0.85 -9.00
CA LEU A 100 12.20 -1.72 -8.97
C LEU A 100 11.97 -3.08 -9.67
N GLY A 101 10.73 -3.43 -10.01
CA GLY A 101 10.36 -4.66 -10.70
C GLY A 101 10.24 -5.89 -9.79
N VAL A 102 10.10 -5.69 -8.47
CA VAL A 102 9.90 -6.76 -7.47
C VAL A 102 8.45 -7.30 -7.56
N ILE A 103 7.51 -6.46 -7.98
CA ILE A 103 6.09 -6.81 -8.21
C ILE A 103 5.62 -6.30 -9.59
N GLU A 104 4.49 -6.84 -10.03
CA GLU A 104 3.73 -6.36 -11.19
C GLU A 104 2.58 -5.43 -10.73
N ALA A 105 1.79 -4.88 -11.66
CA ALA A 105 0.61 -4.06 -11.34
C ALA A 105 -0.54 -4.90 -10.73
N TYR A 106 -1.35 -4.28 -9.86
CA TYR A 106 -2.53 -4.92 -9.27
C TYR A 106 -3.57 -5.38 -10.32
N SER A 107 -4.38 -6.37 -9.96
CA SER A 107 -5.43 -6.97 -10.78
C SER A 107 -6.74 -7.04 -10.00
N SER A 108 -7.80 -6.44 -10.54
CA SER A 108 -9.06 -6.19 -9.83
C SER A 108 -10.25 -7.01 -10.34
N GLY A 109 -11.31 -7.11 -9.52
CA GLY A 109 -12.54 -7.86 -9.80
C GLY A 109 -13.61 -7.69 -8.71
N PRO A 110 -14.79 -8.33 -8.86
CA PRO A 110 -15.89 -8.23 -7.91
C PRO A 110 -15.58 -8.99 -6.61
N SER A 111 -15.88 -8.38 -5.47
CA SER A 111 -15.52 -8.88 -4.13
C SER A 111 -16.51 -8.49 -3.01
N SER A 112 -17.65 -7.88 -3.34
CA SER A 112 -18.63 -7.34 -2.40
C SER A 112 -19.71 -8.35 -1.93
N GLY A 113 -19.70 -9.58 -2.47
CA GLY A 113 -20.63 -10.67 -2.13
C GLY A 113 -20.33 -11.96 -2.89
N GLY A 1 -29.97 2.83 3.13
CA GLY A 1 -28.72 3.16 2.42
C GLY A 1 -28.99 4.00 1.18
N SER A 2 -28.13 4.98 0.88
CA SER A 2 -28.34 5.99 -0.17
C SER A 2 -28.32 5.45 -1.62
N SER A 3 -27.89 4.20 -1.83
CA SER A 3 -27.95 3.49 -3.11
C SER A 3 -29.38 2.98 -3.47
N GLY A 4 -30.28 2.89 -2.47
CA GLY A 4 -31.65 2.40 -2.62
C GLY A 4 -31.80 0.87 -2.58
N SER A 5 -30.70 0.12 -2.64
CA SER A 5 -30.68 -1.36 -2.62
C SER A 5 -29.26 -1.90 -2.43
N SER A 6 -29.10 -2.91 -1.57
CA SER A 6 -27.84 -3.65 -1.37
C SER A 6 -27.56 -4.73 -2.44
N GLY A 7 -28.50 -4.95 -3.37
CA GLY A 7 -28.38 -5.93 -4.46
C GLY A 7 -27.68 -5.40 -5.72
N LEU A 8 -27.27 -4.12 -5.71
CA LEU A 8 -26.59 -3.44 -6.82
C LEU A 8 -25.08 -3.75 -6.85
N GLU A 9 -24.46 -3.56 -8.02
CA GLU A 9 -23.01 -3.74 -8.20
C GLU A 9 -22.24 -2.52 -7.66
N SER A 10 -21.51 -2.74 -6.57
CA SER A 10 -20.72 -1.73 -5.85
C SER A 10 -19.20 -1.85 -6.08
N GLU A 11 -18.80 -2.63 -7.09
CA GLU A 11 -17.40 -3.00 -7.38
C GLU A 11 -17.23 -3.34 -8.87
N GLU A 12 -16.10 -2.91 -9.44
CA GLU A 12 -15.69 -3.12 -10.84
C GLU A 12 -14.16 -3.23 -10.96
N VAL A 13 -13.67 -3.73 -12.10
CA VAL A 13 -12.26 -4.11 -12.31
C VAL A 13 -11.82 -3.75 -13.74
N ASP A 14 -10.56 -3.32 -13.90
CA ASP A 14 -9.92 -3.06 -15.19
C ASP A 14 -8.47 -3.54 -15.22
N LEU A 15 -8.04 -4.02 -16.39
CA LEU A 15 -6.69 -4.53 -16.65
C LEU A 15 -5.86 -3.60 -17.54
N ASN A 16 -6.48 -2.65 -18.24
CA ASN A 16 -5.76 -1.61 -19.02
C ASN A 16 -4.97 -0.66 -18.09
N ALA A 17 -5.46 -0.46 -16.86
CA ALA A 17 -4.77 0.21 -15.76
C ALA A 17 -3.44 -0.47 -15.34
N GLY A 18 -3.21 -1.73 -15.77
CA GLY A 18 -2.01 -2.51 -15.45
C GLY A 18 -0.73 -1.97 -16.13
N LEU A 19 -0.86 -1.12 -17.14
CA LEU A 19 0.25 -0.37 -17.75
C LEU A 19 0.78 0.72 -16.79
N HIS A 20 -0.05 1.19 -15.84
CA HIS A 20 0.27 2.19 -14.82
C HIS A 20 0.44 1.61 -13.40
N GLY A 21 0.09 0.33 -13.22
CA GLY A 21 0.05 -0.39 -11.94
C GLY A 21 -1.33 -0.25 -11.27
N ASN A 22 -1.99 -1.37 -10.99
CA ASN A 22 -3.33 -1.41 -10.36
C ASN A 22 -3.31 -1.18 -8.84
N TRP A 23 -2.15 -1.14 -8.18
CA TRP A 23 -2.03 -1.07 -6.72
C TRP A 23 -2.75 0.16 -6.14
N THR A 24 -3.69 -0.11 -5.23
CA THR A 24 -4.52 0.86 -4.48
C THR A 24 -4.12 0.85 -3.01
N LEU A 25 -4.63 1.79 -2.22
CA LEU A 25 -4.37 1.91 -0.77
C LEU A 25 -4.60 0.61 0.02
N GLU A 26 -5.60 -0.18 -0.35
CA GLU A 26 -5.95 -1.42 0.34
C GLU A 26 -5.21 -2.63 -0.26
N ASN A 27 -5.11 -2.73 -1.59
CA ASN A 27 -4.39 -3.81 -2.25
C ASN A 27 -2.87 -3.74 -1.99
N ALA A 28 -2.31 -2.55 -1.80
CA ALA A 28 -0.93 -2.36 -1.35
C ALA A 28 -0.73 -2.73 0.12
N LYS A 29 -1.66 -2.35 1.01
CA LYS A 29 -1.58 -2.72 2.43
C LYS A 29 -1.57 -4.24 2.64
N ALA A 30 -2.34 -4.97 1.82
CA ALA A 30 -2.29 -6.43 1.72
C ALA A 30 -0.97 -6.92 1.08
N ARG A 31 -0.52 -6.32 -0.03
CA ARG A 31 0.65 -6.79 -0.78
C ARG A 31 1.96 -6.63 0.00
N LEU A 32 2.09 -5.62 0.85
CA LEU A 32 3.26 -5.45 1.71
C LEU A 32 3.36 -6.54 2.77
N ASN A 33 2.23 -6.95 3.36
CA ASN A 33 2.17 -8.12 4.25
C ASN A 33 2.49 -9.42 3.49
N GLN A 34 1.93 -9.63 2.29
CA GLN A 34 2.27 -10.78 1.44
C GLN A 34 3.77 -10.85 1.15
N TYR A 35 4.40 -9.73 0.77
CA TYR A 35 5.85 -9.63 0.57
C TYR A 35 6.65 -10.04 1.81
N PHE A 36 6.18 -9.65 3.01
CA PHE A 36 6.80 -10.01 4.28
C PHE A 36 6.67 -11.50 4.62
N GLN A 37 5.52 -12.14 4.33
CA GLN A 37 5.35 -13.58 4.53
C GLN A 37 6.17 -14.41 3.52
N LYS A 38 6.32 -13.95 2.28
CA LYS A 38 7.13 -14.62 1.26
C LYS A 38 8.64 -14.57 1.59
N GLU A 39 9.17 -13.38 1.90
CA GLU A 39 10.60 -13.15 2.12
C GLU A 39 11.06 -13.40 3.57
N LYS A 40 10.14 -13.66 4.51
CA LYS A 40 10.38 -13.82 5.95
C LYS A 40 10.93 -12.53 6.61
N ILE A 41 10.48 -11.38 6.10
CA ILE A 41 10.82 -10.02 6.55
C ILE A 41 9.80 -9.56 7.61
N GLN A 42 10.15 -8.59 8.43
CA GLN A 42 9.30 -8.00 9.46
C GLN A 42 9.38 -6.47 9.37
N GLY A 43 8.22 -5.80 9.31
CA GLY A 43 8.09 -4.34 9.28
C GLY A 43 6.84 -3.85 10.02
N GLU A 44 6.99 -2.78 10.80
CA GLU A 44 5.92 -2.09 11.52
C GLU A 44 6.04 -0.58 11.30
N TYR A 45 4.90 0.11 11.17
CA TYR A 45 4.85 1.55 10.90
C TYR A 45 5.22 2.38 12.14
N LYS A 46 6.10 3.37 11.96
CA LYS A 46 6.39 4.40 12.96
C LYS A 46 5.57 5.65 12.61
N TYR A 47 4.99 6.31 13.62
CA TYR A 47 4.11 7.47 13.41
C TYR A 47 4.64 8.77 14.03
N THR A 48 4.18 9.90 13.47
CA THR A 48 4.34 11.27 13.98
C THR A 48 2.98 11.94 13.93
N GLN A 49 2.46 12.36 15.08
CA GLN A 49 1.25 13.18 15.16
C GLN A 49 1.57 14.62 14.75
N VAL A 50 0.64 15.27 14.04
CA VAL A 50 0.67 16.73 13.78
C VAL A 50 -0.68 17.33 14.17
N GLY A 51 -0.63 18.55 14.70
CA GLY A 51 -1.77 19.23 15.34
C GLY A 51 -2.02 18.77 16.81
N PRO A 52 -2.81 19.55 17.58
CA PRO A 52 -3.16 19.25 18.98
C PRO A 52 -4.12 18.06 19.07
N ASP A 53 -4.24 17.45 20.25
CA ASP A 53 -4.94 16.18 20.45
C ASP A 53 -6.46 16.24 20.17
N HIS A 54 -7.05 17.44 20.20
CA HIS A 54 -8.47 17.69 19.84
C HIS A 54 -8.70 17.93 18.34
N ASN A 55 -7.64 18.18 17.56
CA ASN A 55 -7.69 18.46 16.11
C ASN A 55 -6.34 18.13 15.47
N ARG A 56 -6.17 16.87 15.03
CA ARG A 56 -4.88 16.29 14.58
C ARG A 56 -5.00 15.44 13.32
N SER A 57 -3.84 15.17 12.74
CA SER A 57 -3.57 14.25 11.65
C SER A 57 -2.26 13.49 11.95
N PHE A 58 -1.96 12.45 11.18
CA PHE A 58 -0.82 11.56 11.42
C PHE A 58 0.02 11.35 10.16
N ILE A 59 1.33 11.43 10.36
CA ILE A 59 2.33 11.04 9.37
C ILE A 59 2.81 9.64 9.77
N ALA A 60 2.87 8.70 8.84
CA ALA A 60 3.41 7.36 9.05
C ALA A 60 4.63 7.13 8.14
N GLU A 61 5.62 6.39 8.63
CA GLU A 61 6.86 6.13 7.93
C GLU A 61 7.41 4.72 8.22
N MET A 62 8.13 4.19 7.24
CA MET A 62 8.67 2.82 7.23
C MET A 62 9.83 2.73 6.23
N THR A 63 10.83 1.89 6.56
CA THR A 63 11.98 1.56 5.70
C THR A 63 12.22 0.07 5.77
N ILE A 64 12.37 -0.59 4.61
CA ILE A 64 12.57 -2.03 4.49
C ILE A 64 13.72 -2.36 3.54
N TYR A 65 14.46 -3.41 3.85
CA TYR A 65 15.58 -3.91 3.08
C TYR A 65 15.17 -5.08 2.16
N ILE A 66 15.67 -5.06 0.92
CA ILE A 66 15.36 -6.00 -0.16
C ILE A 66 16.56 -6.89 -0.43
N LYS A 67 16.54 -8.06 0.20
CA LYS A 67 17.62 -9.06 0.12
C LYS A 67 17.83 -9.66 -1.28
N GLN A 68 16.80 -9.61 -2.11
CA GLN A 68 16.84 -10.04 -3.51
C GLN A 68 17.45 -9.00 -4.48
N LEU A 69 17.62 -7.74 -4.05
CA LEU A 69 18.25 -6.67 -4.84
C LEU A 69 19.57 -6.15 -4.24
N GLY A 70 19.78 -6.28 -2.92
CA GLY A 70 20.99 -5.81 -2.23
C GLY A 70 20.91 -4.34 -1.79
N ARG A 71 19.69 -3.81 -1.58
CA ARG A 71 19.40 -2.41 -1.24
C ARG A 71 18.14 -2.29 -0.37
N ARG A 72 17.79 -1.08 0.08
CA ARG A 72 16.58 -0.77 0.86
C ARG A 72 15.72 0.33 0.22
N ILE A 73 14.47 0.44 0.65
CA ILE A 73 13.48 1.46 0.27
C ILE A 73 12.76 2.03 1.50
N PHE A 74 12.40 3.31 1.45
CA PHE A 74 11.84 4.10 2.56
C PHE A 74 10.63 4.91 2.07
N ALA A 75 9.70 5.19 2.98
CA ALA A 75 8.53 6.03 2.78
C ALA A 75 8.17 6.84 4.03
N ARG A 76 7.49 7.99 3.83
CA ARG A 76 6.97 8.89 4.86
C ARG A 76 5.78 9.64 4.27
N GLU A 77 4.56 9.31 4.71
CA GLU A 77 3.30 9.74 4.09
C GLU A 77 2.26 10.20 5.12
N HIS A 78 1.40 11.13 4.71
CA HIS A 78 0.45 11.86 5.56
C HIS A 78 -1.02 11.43 5.35
N GLY A 79 -1.73 11.09 6.43
CA GLY A 79 -3.18 10.81 6.46
C GLY A 79 -3.90 11.56 7.58
N SER A 80 -5.23 11.69 7.46
CA SER A 80 -6.06 12.31 8.51
C SER A 80 -6.17 11.46 9.80
N ASN A 81 -5.67 10.21 9.77
CA ASN A 81 -5.59 9.25 10.87
C ASN A 81 -4.52 8.18 10.58
N LYS A 82 -4.15 7.36 11.58
CA LYS A 82 -3.11 6.33 11.43
C LYS A 82 -3.42 5.29 10.34
N LYS A 83 -4.68 4.92 10.12
CA LYS A 83 -5.08 3.96 9.08
C LYS A 83 -4.76 4.49 7.68
N LEU A 84 -5.26 5.69 7.35
CA LEU A 84 -4.96 6.43 6.11
C LEU A 84 -3.45 6.64 5.90
N ALA A 85 -2.75 7.02 6.97
CA ALA A 85 -1.30 7.24 6.95
C ALA A 85 -0.53 5.93 6.61
N ALA A 86 -0.86 4.82 7.28
CA ALA A 86 -0.23 3.51 7.03
C ALA A 86 -0.63 2.89 5.68
N GLN A 87 -1.86 3.13 5.21
CA GLN A 87 -2.31 2.81 3.86
C GLN A 87 -1.49 3.55 2.79
N SER A 88 -1.29 4.86 2.97
CA SER A 88 -0.48 5.67 2.06
C SER A 88 1.00 5.25 2.10
N CYS A 89 1.53 4.97 3.29
CA CYS A 89 2.87 4.44 3.48
C CYS A 89 3.05 3.09 2.77
N ALA A 90 2.11 2.15 2.93
CA ALA A 90 2.14 0.87 2.22
C ALA A 90 2.15 1.04 0.70
N LEU A 91 1.29 1.90 0.17
CA LEU A 91 1.26 2.24 -1.25
C LEU A 91 2.58 2.84 -1.73
N SER A 92 3.26 3.63 -0.89
CA SER A 92 4.57 4.20 -1.19
C SER A 92 5.71 3.15 -1.19
N LEU A 93 5.70 2.12 -0.32
CA LEU A 93 6.62 0.98 -0.44
C LEU A 93 6.26 0.12 -1.64
N VAL A 94 4.98 -0.24 -1.80
CA VAL A 94 4.53 -1.16 -2.87
C VAL A 94 4.79 -0.58 -4.27
N ARG A 95 4.60 0.73 -4.48
CA ARG A 95 4.95 1.38 -5.76
C ARG A 95 6.47 1.51 -5.98
N GLN A 96 7.30 1.47 -4.94
CA GLN A 96 8.76 1.36 -5.08
C GLN A 96 9.18 -0.09 -5.38
N LEU A 97 8.51 -1.10 -4.79
CA LEU A 97 8.72 -2.51 -5.11
C LEU A 97 8.38 -2.80 -6.58
N TYR A 98 7.29 -2.22 -7.09
CA TYR A 98 6.88 -2.27 -8.50
C TYR A 98 7.87 -1.53 -9.44
N HIS A 99 8.37 -0.36 -9.04
CA HIS A 99 9.36 0.40 -9.80
C HIS A 99 10.72 -0.31 -9.91
N LEU A 100 11.15 -0.98 -8.84
CA LEU A 100 12.38 -1.80 -8.78
C LEU A 100 12.19 -3.21 -9.37
N GLY A 101 10.96 -3.63 -9.66
CA GLY A 101 10.64 -4.92 -10.28
C GLY A 101 10.55 -6.10 -9.30
N VAL A 102 10.37 -5.83 -8.01
CA VAL A 102 10.15 -6.85 -6.96
C VAL A 102 8.75 -7.45 -7.06
N ILE A 103 7.79 -6.66 -7.57
CA ILE A 103 6.41 -7.07 -7.86
C ILE A 103 6.01 -6.65 -9.29
N GLU A 104 4.89 -7.19 -9.76
CA GLU A 104 4.20 -6.79 -11.00
C GLU A 104 2.93 -5.99 -10.68
N ALA A 105 2.18 -5.57 -11.71
CA ALA A 105 0.89 -4.88 -11.52
C ALA A 105 -0.19 -5.86 -11.02
N TYR A 106 -1.04 -5.39 -10.10
CA TYR A 106 -2.10 -6.21 -9.49
C TYR A 106 -3.16 -6.71 -10.51
N SER A 107 -3.72 -7.88 -10.21
CA SER A 107 -4.70 -8.62 -11.02
C SER A 107 -6.15 -8.12 -10.91
N SER A 108 -6.45 -7.22 -9.96
CA SER A 108 -7.80 -6.72 -9.70
C SER A 108 -7.84 -5.21 -9.36
N GLY A 109 -9.05 -4.69 -9.07
CA GLY A 109 -9.31 -3.27 -8.80
C GLY A 109 -9.66 -2.45 -10.06
N PRO A 110 -10.37 -1.31 -9.90
CA PRO A 110 -10.84 -0.49 -11.01
C PRO A 110 -9.73 0.40 -11.59
N SER A 111 -10.02 1.05 -12.72
CA SER A 111 -9.16 2.08 -13.33
C SER A 111 -9.23 3.42 -12.57
N SER A 112 -8.08 4.03 -12.30
CA SER A 112 -7.98 5.26 -11.48
C SER A 112 -8.40 6.56 -12.21
N GLY A 113 -8.65 6.51 -13.51
CA GLY A 113 -9.03 7.66 -14.36
C GLY A 113 -9.30 7.27 -15.82
N GLY A 1 -23.84 8.54 12.92
CA GLY A 1 -24.13 8.25 11.50
C GLY A 1 -22.96 7.59 10.80
N SER A 2 -23.08 7.36 9.49
CA SER A 2 -22.02 6.88 8.57
C SER A 2 -21.57 5.41 8.81
N SER A 3 -22.28 4.66 9.65
CA SER A 3 -21.94 3.28 10.06
C SER A 3 -22.68 2.19 9.27
N GLY A 4 -23.62 2.56 8.38
CA GLY A 4 -24.40 1.65 7.54
C GLY A 4 -23.66 1.17 6.28
N SER A 5 -24.04 0.01 5.77
CA SER A 5 -23.45 -0.65 4.60
C SER A 5 -24.34 -1.79 4.07
N SER A 6 -24.05 -2.30 2.87
CA SER A 6 -24.78 -3.40 2.20
C SER A 6 -23.93 -4.00 1.06
N GLY A 7 -24.11 -5.30 0.78
CA GLY A 7 -23.42 -6.01 -0.31
C GLY A 7 -24.03 -5.73 -1.69
N LEU A 8 -23.20 -5.75 -2.73
CA LEU A 8 -23.53 -5.49 -4.14
C LEU A 8 -22.42 -6.00 -5.08
N GLU A 9 -22.62 -5.85 -6.39
CA GLU A 9 -21.66 -6.27 -7.42
C GLU A 9 -20.52 -5.24 -7.57
N SER A 10 -19.52 -5.33 -6.69
CA SER A 10 -18.35 -4.42 -6.62
C SER A 10 -17.33 -4.58 -7.77
N GLU A 11 -17.71 -5.24 -8.86
CA GLU A 11 -16.82 -5.62 -9.97
C GLU A 11 -16.75 -4.53 -11.04
N GLU A 12 -15.62 -3.82 -11.09
CA GLU A 12 -15.28 -2.77 -12.05
C GLU A 12 -13.77 -2.75 -12.31
N VAL A 13 -13.35 -2.35 -13.52
CA VAL A 13 -11.95 -2.43 -14.01
C VAL A 13 -11.65 -1.24 -14.92
N ASP A 14 -10.43 -0.70 -14.80
CA ASP A 14 -9.86 0.32 -15.69
C ASP A 14 -8.53 -0.16 -16.28
N LEU A 15 -8.34 0.12 -17.57
CA LEU A 15 -7.23 -0.37 -18.38
C LEU A 15 -6.04 0.60 -18.40
N ASN A 16 -6.30 1.91 -18.56
CA ASN A 16 -5.24 2.92 -18.66
C ASN A 16 -4.50 3.15 -17.32
N ALA A 17 -5.17 2.94 -16.18
CA ALA A 17 -4.54 2.91 -14.86
C ALA A 17 -3.64 1.67 -14.64
N GLY A 18 -3.85 0.60 -15.42
CA GLY A 18 -3.06 -0.64 -15.35
C GLY A 18 -1.64 -0.48 -15.90
N LEU A 19 -1.40 0.48 -16.80
CA LEU A 19 -0.05 0.84 -17.29
C LEU A 19 0.78 1.54 -16.20
N HIS A 20 0.12 2.20 -15.24
CA HIS A 20 0.73 2.79 -14.04
C HIS A 20 0.69 1.84 -12.81
N GLY A 21 0.09 0.65 -12.97
CA GLY A 21 -0.19 -0.33 -11.91
C GLY A 21 -1.46 0.03 -11.15
N ASN A 22 -2.39 -0.93 -11.03
CA ASN A 22 -3.67 -0.77 -10.32
C ASN A 22 -3.55 -0.86 -8.78
N TRP A 23 -2.34 -0.78 -8.21
CA TRP A 23 -2.10 -0.74 -6.76
C TRP A 23 -2.77 0.51 -6.13
N THR A 24 -3.65 0.27 -5.16
CA THR A 24 -4.34 1.28 -4.35
C THR A 24 -3.96 1.17 -2.88
N LEU A 25 -4.46 2.08 -2.05
CA LEU A 25 -4.34 2.02 -0.59
C LEU A 25 -4.82 0.68 0.01
N GLU A 26 -5.82 0.05 -0.60
CA GLU A 26 -6.39 -1.22 -0.15
C GLU A 26 -5.54 -2.41 -0.65
N ASN A 27 -5.20 -2.43 -1.95
CA ASN A 27 -4.44 -3.52 -2.54
C ASN A 27 -2.98 -3.56 -2.03
N ALA A 28 -2.37 -2.39 -1.77
CA ALA A 28 -0.98 -2.30 -1.31
C ALA A 28 -0.80 -2.67 0.17
N LYS A 29 -1.73 -2.27 1.05
CA LYS A 29 -1.64 -2.60 2.48
C LYS A 29 -1.69 -4.12 2.71
N ALA A 30 -2.48 -4.83 1.90
CA ALA A 30 -2.49 -6.29 1.82
C ALA A 30 -1.19 -6.83 1.18
N ARG A 31 -0.74 -6.24 0.06
CA ARG A 31 0.43 -6.77 -0.68
C ARG A 31 1.74 -6.66 0.11
N LEU A 32 1.90 -5.64 0.94
CA LEU A 32 3.07 -5.52 1.82
C LEU A 32 3.06 -6.57 2.93
N ASN A 33 1.88 -6.86 3.50
CA ASN A 33 1.69 -7.94 4.48
C ASN A 33 1.90 -9.34 3.87
N GLN A 34 1.57 -9.54 2.59
CA GLN A 34 1.91 -10.75 1.83
C GLN A 34 3.42 -10.82 1.60
N TYR A 35 4.04 -9.76 1.07
CA TYR A 35 5.47 -9.68 0.73
C TYR A 35 6.38 -10.04 1.92
N PHE A 36 6.02 -9.59 3.13
CA PHE A 36 6.74 -9.88 4.36
C PHE A 36 6.70 -11.36 4.75
N GLN A 37 5.62 -12.08 4.38
CA GLN A 37 5.51 -13.52 4.61
C GLN A 37 6.21 -14.34 3.51
N LYS A 38 6.27 -13.83 2.27
CA LYS A 38 6.99 -14.48 1.16
C LYS A 38 8.52 -14.38 1.31
N GLU A 39 9.03 -13.22 1.75
CA GLU A 39 10.46 -12.97 1.96
C GLU A 39 10.96 -13.26 3.40
N LYS A 40 10.05 -13.50 4.36
CA LYS A 40 10.36 -13.67 5.80
C LYS A 40 10.98 -12.39 6.41
N ILE A 41 10.46 -11.23 6.01
CA ILE A 41 10.84 -9.88 6.51
C ILE A 41 9.87 -9.47 7.63
N GLN A 42 10.30 -8.59 8.52
CA GLN A 42 9.50 -8.04 9.62
C GLN A 42 9.65 -6.51 9.62
N GLY A 43 8.50 -5.81 9.65
CA GLY A 43 8.42 -4.34 9.68
C GLY A 43 7.15 -3.84 10.36
N GLU A 44 7.29 -2.75 11.12
CA GLU A 44 6.19 -2.05 11.81
C GLU A 44 6.32 -0.54 11.55
N TYR A 45 5.17 0.13 11.35
CA TYR A 45 5.13 1.57 11.05
C TYR A 45 5.52 2.43 12.27
N LYS A 46 6.38 3.41 12.04
CA LYS A 46 6.66 4.49 13.01
C LYS A 46 5.70 5.66 12.70
N TYR A 47 5.09 6.26 13.72
CA TYR A 47 4.14 7.36 13.55
C TYR A 47 4.59 8.66 14.23
N THR A 48 4.14 9.79 13.69
CA THR A 48 4.25 11.14 14.27
C THR A 48 2.89 11.84 14.17
N GLN A 49 2.29 12.20 15.30
CA GLN A 49 1.11 13.06 15.34
C GLN A 49 1.49 14.51 15.01
N VAL A 50 0.64 15.20 14.25
CA VAL A 50 0.73 16.66 14.03
C VAL A 50 -0.63 17.31 14.32
N GLY A 51 -0.59 18.52 14.88
CA GLY A 51 -1.74 19.24 15.45
C GLY A 51 -2.11 18.80 16.87
N PRO A 52 -2.92 19.59 17.60
CA PRO A 52 -3.38 19.29 18.95
C PRO A 52 -4.38 18.12 18.96
N ASP A 53 -4.57 17.50 20.13
CA ASP A 53 -5.33 16.23 20.26
C ASP A 53 -6.83 16.34 19.87
N HIS A 54 -7.39 17.55 19.88
CA HIS A 54 -8.76 17.84 19.44
C HIS A 54 -8.90 18.10 17.92
N ASN A 55 -7.78 18.35 17.22
CA ASN A 55 -7.72 18.63 15.78
C ASN A 55 -6.33 18.28 15.21
N ARG A 56 -6.17 17.02 14.79
CA ARG A 56 -4.89 16.40 14.41
C ARG A 56 -4.95 15.56 13.14
N SER A 57 -3.75 15.26 12.64
CA SER A 57 -3.45 14.30 11.59
C SER A 57 -2.18 13.51 11.98
N PHE A 58 -1.90 12.42 11.25
CA PHE A 58 -0.80 11.51 11.56
C PHE A 58 0.08 11.30 10.32
N ILE A 59 1.39 11.42 10.54
CA ILE A 59 2.44 11.02 9.60
C ILE A 59 2.85 9.59 10.00
N ALA A 60 3.07 8.72 9.01
CA ALA A 60 3.57 7.37 9.22
C ALA A 60 4.73 7.08 8.25
N GLU A 61 5.70 6.31 8.71
CA GLU A 61 6.93 6.00 7.97
C GLU A 61 7.46 4.59 8.24
N MET A 62 8.17 4.03 7.25
CA MET A 62 8.68 2.66 7.22
C MET A 62 9.83 2.53 6.20
N THR A 63 10.80 1.66 6.51
CA THR A 63 11.97 1.34 5.66
C THR A 63 12.23 -0.16 5.71
N ILE A 64 12.45 -0.79 4.56
CA ILE A 64 12.69 -2.23 4.41
C ILE A 64 13.85 -2.51 3.45
N TYR A 65 14.66 -3.51 3.80
CA TYR A 65 15.79 -3.99 2.99
C TYR A 65 15.40 -5.20 2.12
N ILE A 66 15.86 -5.18 0.87
CA ILE A 66 15.53 -6.13 -0.20
C ILE A 66 16.77 -6.94 -0.56
N LYS A 67 16.89 -8.11 0.05
CA LYS A 67 18.05 -9.00 -0.15
C LYS A 67 18.16 -9.60 -1.56
N GLN A 68 17.02 -9.68 -2.26
CA GLN A 68 16.96 -10.07 -3.68
C GLN A 68 17.47 -9.00 -4.67
N LEU A 69 17.65 -7.75 -4.21
CA LEU A 69 18.25 -6.65 -4.99
C LEU A 69 19.60 -6.17 -4.45
N GLY A 70 19.85 -6.30 -3.14
CA GLY A 70 21.07 -5.82 -2.47
C GLY A 70 20.98 -4.35 -2.00
N ARG A 71 19.76 -3.84 -1.78
CA ARG A 71 19.46 -2.44 -1.40
C ARG A 71 18.22 -2.36 -0.51
N ARG A 72 17.85 -1.15 -0.07
CA ARG A 72 16.64 -0.87 0.74
C ARG A 72 15.77 0.21 0.11
N ILE A 73 14.52 0.30 0.57
CA ILE A 73 13.52 1.32 0.21
C ILE A 73 12.83 1.87 1.47
N PHE A 74 12.50 3.16 1.45
CA PHE A 74 11.94 3.93 2.56
C PHE A 74 10.74 4.76 2.07
N ALA A 75 9.78 5.02 2.97
CA ALA A 75 8.63 5.87 2.74
C ALA A 75 8.23 6.65 3.99
N ARG A 76 7.59 7.80 3.77
CA ARG A 76 7.02 8.71 4.78
C ARG A 76 5.85 9.46 4.15
N GLU A 77 4.64 9.28 4.70
CA GLU A 77 3.37 9.81 4.19
C GLU A 77 2.43 10.15 5.34
N HIS A 78 1.28 10.78 5.06
CA HIS A 78 0.36 11.25 6.10
C HIS A 78 -1.12 11.18 5.71
N GLY A 79 -1.97 10.92 6.72
CA GLY A 79 -3.43 10.87 6.64
C GLY A 79 -4.11 11.53 7.84
N SER A 80 -5.43 11.68 7.79
CA SER A 80 -6.23 12.21 8.91
C SER A 80 -6.27 11.29 10.15
N ASN A 81 -5.84 10.03 9.98
CA ASN A 81 -5.80 8.97 11.00
C ASN A 81 -4.60 8.02 10.71
N LYS A 82 -4.16 7.29 11.74
CA LYS A 82 -3.02 6.34 11.63
C LYS A 82 -3.23 5.25 10.56
N LYS A 83 -4.48 4.79 10.36
CA LYS A 83 -4.83 3.84 9.30
C LYS A 83 -4.55 4.39 7.90
N LEU A 84 -5.08 5.58 7.60
CA LEU A 84 -4.87 6.32 6.34
C LEU A 84 -3.38 6.64 6.10
N ALA A 85 -2.67 7.03 7.15
CA ALA A 85 -1.23 7.29 7.09
C ALA A 85 -0.43 6.03 6.73
N ALA A 86 -0.68 4.90 7.41
CA ALA A 86 -0.02 3.62 7.16
C ALA A 86 -0.42 2.98 5.82
N GLN A 87 -1.65 3.20 5.35
CA GLN A 87 -2.11 2.86 4.01
C GLN A 87 -1.31 3.61 2.93
N SER A 88 -1.12 4.91 3.11
CA SER A 88 -0.36 5.75 2.17
C SER A 88 1.14 5.39 2.18
N CYS A 89 1.68 5.05 3.37
CA CYS A 89 3.01 4.49 3.53
C CYS A 89 3.16 3.15 2.81
N ALA A 90 2.22 2.22 2.98
CA ALA A 90 2.24 0.91 2.33
C ALA A 90 2.24 1.01 0.79
N LEU A 91 1.37 1.86 0.23
CA LEU A 91 1.34 2.16 -1.20
C LEU A 91 2.66 2.75 -1.68
N SER A 92 3.37 3.51 -0.85
CA SER A 92 4.70 4.06 -1.18
C SER A 92 5.82 3.01 -1.15
N LEU A 93 5.76 1.97 -0.30
CA LEU A 93 6.67 0.82 -0.40
C LEU A 93 6.30 -0.04 -1.62
N VAL A 94 5.02 -0.39 -1.77
CA VAL A 94 4.55 -1.27 -2.84
C VAL A 94 4.82 -0.68 -4.24
N ARG A 95 4.66 0.64 -4.42
CA ARG A 95 5.01 1.29 -5.70
C ARG A 95 6.53 1.40 -5.93
N GLN A 96 7.37 1.34 -4.90
CA GLN A 96 8.83 1.21 -5.07
C GLN A 96 9.22 -0.24 -5.39
N LEU A 97 8.54 -1.23 -4.81
CA LEU A 97 8.72 -2.65 -5.14
C LEU A 97 8.35 -2.91 -6.61
N TYR A 98 7.27 -2.31 -7.10
CA TYR A 98 6.84 -2.32 -8.51
C TYR A 98 7.82 -1.60 -9.44
N HIS A 99 8.34 -0.43 -9.05
CA HIS A 99 9.33 0.33 -9.82
C HIS A 99 10.69 -0.40 -9.96
N LEU A 100 11.12 -1.10 -8.89
CA LEU A 100 12.34 -1.92 -8.87
C LEU A 100 12.13 -3.33 -9.44
N GLY A 101 10.89 -3.72 -9.75
CA GLY A 101 10.55 -5.01 -10.38
C GLY A 101 10.45 -6.20 -9.43
N VAL A 102 10.28 -5.95 -8.12
CA VAL A 102 10.07 -6.98 -7.09
C VAL A 102 8.63 -7.55 -7.18
N ILE A 103 7.68 -6.75 -7.66
CA ILE A 103 6.29 -7.12 -7.95
C ILE A 103 5.89 -6.65 -9.36
N GLU A 104 4.77 -7.17 -9.84
CA GLU A 104 4.08 -6.71 -11.06
C GLU A 104 2.88 -5.82 -10.68
N ALA A 105 2.02 -5.48 -11.64
CA ALA A 105 0.78 -4.71 -11.38
C ALA A 105 -0.26 -5.52 -10.57
N TYR A 106 -1.25 -4.83 -10.00
CA TYR A 106 -2.37 -5.48 -9.30
C TYR A 106 -3.19 -6.43 -10.22
N SER A 107 -3.99 -7.32 -9.61
CA SER A 107 -4.62 -8.47 -10.28
C SER A 107 -6.05 -8.22 -10.81
N SER A 108 -6.57 -7.00 -10.73
CA SER A 108 -7.91 -6.60 -11.17
C SER A 108 -7.99 -5.07 -11.32
N GLY A 109 -9.20 -4.49 -11.30
CA GLY A 109 -9.41 -3.05 -11.22
C GLY A 109 -8.94 -2.45 -9.88
N PRO A 110 -8.63 -1.14 -9.83
CA PRO A 110 -8.10 -0.50 -8.63
C PRO A 110 -9.17 -0.42 -7.54
N SER A 111 -8.91 -1.05 -6.38
CA SER A 111 -9.87 -1.09 -5.26
C SER A 111 -9.79 0.19 -4.41
N SER A 112 -10.70 1.14 -4.64
CA SER A 112 -10.74 2.43 -3.93
C SER A 112 -12.10 3.11 -4.16
N GLY A 113 -12.97 3.06 -3.15
CA GLY A 113 -14.32 3.65 -3.17
C GLY A 113 -15.05 3.51 -1.84
N GLY A 1 -27.10 -14.24 2.02
CA GLY A 1 -28.11 -13.78 1.03
C GLY A 1 -28.73 -14.96 0.29
N SER A 2 -30.00 -14.85 -0.10
CA SER A 2 -30.78 -15.93 -0.75
C SER A 2 -30.34 -16.26 -2.19
N SER A 3 -29.53 -15.39 -2.82
CA SER A 3 -28.90 -15.63 -4.13
C SER A 3 -27.62 -16.48 -4.07
N GLY A 4 -27.14 -16.83 -2.86
CA GLY A 4 -25.87 -17.54 -2.62
C GLY A 4 -25.83 -18.99 -3.08
N SER A 5 -26.95 -19.54 -3.55
CA SER A 5 -27.05 -20.84 -4.23
C SER A 5 -26.66 -20.79 -5.73
N SER A 6 -26.32 -19.62 -6.26
CA SER A 6 -26.00 -19.40 -7.68
C SER A 6 -25.00 -18.23 -7.89
N GLY A 7 -24.77 -17.83 -9.14
CA GLY A 7 -23.81 -16.79 -9.55
C GLY A 7 -22.43 -17.35 -9.91
N LEU A 8 -21.59 -16.47 -10.47
CA LEU A 8 -20.24 -16.76 -10.99
C LEU A 8 -19.30 -15.55 -10.75
N GLU A 9 -17.99 -15.81 -10.77
CA GLU A 9 -16.96 -14.78 -10.71
C GLU A 9 -16.66 -14.27 -12.12
N SER A 10 -16.86 -12.97 -12.32
CA SER A 10 -16.55 -12.25 -13.56
C SER A 10 -16.46 -10.73 -13.30
N GLU A 11 -15.29 -10.13 -13.59
CA GLU A 11 -15.01 -8.69 -13.44
C GLU A 11 -14.09 -8.20 -14.57
N GLU A 12 -14.18 -6.90 -14.88
CA GLU A 12 -13.36 -6.21 -15.89
C GLU A 12 -12.10 -5.60 -15.27
N VAL A 13 -11.03 -5.48 -16.07
CA VAL A 13 -9.70 -5.01 -15.65
C VAL A 13 -9.11 -4.11 -16.74
N ASP A 14 -8.57 -2.96 -16.34
CA ASP A 14 -7.85 -2.04 -17.22
C ASP A 14 -6.35 -2.34 -17.21
N LEU A 15 -5.85 -2.94 -18.29
CA LEU A 15 -4.45 -3.30 -18.48
C LEU A 15 -3.60 -2.09 -18.89
N ASN A 16 -4.20 -1.11 -19.59
CA ASN A 16 -3.55 0.18 -19.91
C ASN A 16 -3.31 1.02 -18.65
N ALA A 17 -4.16 0.89 -17.64
CA ALA A 17 -3.94 1.45 -16.30
C ALA A 17 -2.91 0.63 -15.51
N GLY A 18 -2.87 -0.69 -15.73
CA GLY A 18 -1.90 -1.62 -15.14
C GLY A 18 -0.45 -1.37 -15.57
N LEU A 19 -0.21 -0.64 -16.67
CA LEU A 19 1.13 -0.15 -17.05
C LEU A 19 1.72 0.82 -16.01
N HIS A 20 0.88 1.52 -15.27
CA HIS A 20 1.22 2.41 -14.15
C HIS A 20 1.12 1.72 -12.77
N GLY A 21 0.69 0.46 -12.75
CA GLY A 21 0.36 -0.34 -11.56
C GLY A 21 -1.03 0.01 -11.03
N ASN A 22 -1.92 -0.98 -10.94
CA ASN A 22 -3.28 -0.83 -10.40
C ASN A 22 -3.36 -0.85 -8.86
N TRP A 23 -2.23 -0.93 -8.15
CA TRP A 23 -2.15 -0.95 -6.69
C TRP A 23 -2.87 0.25 -6.06
N THR A 24 -3.88 -0.03 -5.23
CA THR A 24 -4.63 0.94 -4.44
C THR A 24 -4.19 0.87 -2.97
N LEU A 25 -4.67 1.81 -2.14
CA LEU A 25 -4.36 1.89 -0.70
C LEU A 25 -4.66 0.59 0.06
N GLU A 26 -5.71 -0.15 -0.32
CA GLU A 26 -6.10 -1.40 0.33
C GLU A 26 -5.29 -2.58 -0.20
N ASN A 27 -5.10 -2.68 -1.52
CA ASN A 27 -4.32 -3.75 -2.14
C ASN A 27 -2.85 -3.69 -1.74
N ALA A 28 -2.28 -2.47 -1.58
CA ALA A 28 -0.90 -2.28 -1.15
C ALA A 28 -0.67 -2.68 0.31
N LYS A 29 -1.59 -2.36 1.22
CA LYS A 29 -1.47 -2.73 2.63
C LYS A 29 -1.40 -4.26 2.81
N ALA A 30 -2.22 -4.98 2.04
CA ALA A 30 -2.16 -6.44 1.91
C ALA A 30 -0.86 -6.92 1.21
N ARG A 31 -0.45 -6.28 0.11
CA ARG A 31 0.70 -6.73 -0.68
C ARG A 31 2.04 -6.58 0.05
N LEU A 32 2.18 -5.58 0.92
CA LEU A 32 3.36 -5.42 1.76
C LEU A 32 3.47 -6.53 2.81
N ASN A 33 2.33 -6.92 3.42
CA ASN A 33 2.27 -8.07 4.32
C ASN A 33 2.55 -9.41 3.59
N GLN A 34 2.05 -9.57 2.36
CA GLN A 34 2.37 -10.72 1.50
C GLN A 34 3.87 -10.78 1.19
N TYR A 35 4.49 -9.65 0.80
CA TYR A 35 5.95 -9.56 0.58
C TYR A 35 6.74 -10.00 1.82
N PHE A 36 6.30 -9.60 3.01
CA PHE A 36 6.93 -9.97 4.29
C PHE A 36 6.77 -11.46 4.60
N GLN A 37 5.63 -12.08 4.28
CA GLN A 37 5.42 -13.52 4.47
C GLN A 37 6.21 -14.38 3.45
N LYS A 38 6.35 -13.91 2.20
CA LYS A 38 7.10 -14.62 1.16
C LYS A 38 8.63 -14.57 1.37
N GLU A 39 9.16 -13.45 1.87
CA GLU A 39 10.58 -13.25 2.15
C GLU A 39 11.00 -13.57 3.59
N LYS A 40 10.04 -13.81 4.49
CA LYS A 40 10.24 -14.00 5.94
C LYS A 40 10.90 -12.77 6.60
N ILE A 41 10.49 -11.58 6.15
CA ILE A 41 10.85 -10.25 6.68
C ILE A 41 9.79 -9.81 7.70
N GLN A 42 10.11 -8.86 8.57
CA GLN A 42 9.19 -8.23 9.51
C GLN A 42 9.41 -6.71 9.51
N GLY A 43 8.32 -5.94 9.56
CA GLY A 43 8.32 -4.48 9.59
C GLY A 43 7.07 -3.91 10.27
N GLU A 44 7.24 -2.78 10.97
CA GLU A 44 6.18 -2.04 11.65
C GLU A 44 6.33 -0.53 11.41
N TYR A 45 5.20 0.18 11.32
CA TYR A 45 5.17 1.62 11.02
C TYR A 45 5.54 2.48 12.23
N LYS A 46 6.40 3.47 12.03
CA LYS A 46 6.65 4.55 12.99
C LYS A 46 5.65 5.67 12.69
N TYR A 47 4.97 6.20 13.71
CA TYR A 47 4.02 7.31 13.55
C TYR A 47 4.49 8.60 14.23
N THR A 48 4.05 9.74 13.70
CA THR A 48 4.17 11.09 14.28
C THR A 48 2.84 11.81 14.14
N GLN A 49 2.22 12.18 15.26
CA GLN A 49 1.05 13.05 15.29
C GLN A 49 1.47 14.49 14.95
N VAL A 50 0.64 15.19 14.17
CA VAL A 50 0.73 16.65 13.95
C VAL A 50 -0.62 17.29 14.29
N GLY A 51 -0.56 18.48 14.87
CA GLY A 51 -1.71 19.17 15.50
C GLY A 51 -2.06 18.63 16.91
N PRO A 52 -2.85 19.38 17.69
CA PRO A 52 -3.28 18.99 19.04
C PRO A 52 -4.31 17.85 19.00
N ASP A 53 -4.47 17.13 20.11
CA ASP A 53 -5.30 15.92 20.20
C ASP A 53 -6.79 16.13 19.86
N HIS A 54 -7.30 17.36 19.95
CA HIS A 54 -8.67 17.73 19.55
C HIS A 54 -8.83 18.06 18.04
N ASN A 55 -7.73 18.27 17.33
CA ASN A 55 -7.67 18.59 15.89
C ASN A 55 -6.29 18.22 15.30
N ARG A 56 -6.16 16.97 14.83
CA ARG A 56 -4.89 16.35 14.44
C ARG A 56 -4.95 15.53 13.14
N SER A 57 -3.77 15.25 12.62
CA SER A 57 -3.47 14.31 11.54
C SER A 57 -2.20 13.53 11.92
N PHE A 58 -1.89 12.47 11.16
CA PHE A 58 -0.79 11.56 11.45
C PHE A 58 0.10 11.35 10.23
N ILE A 59 1.41 11.45 10.47
CA ILE A 59 2.47 11.06 9.55
C ILE A 59 2.87 9.63 9.93
N ALA A 60 3.09 8.75 8.96
CA ALA A 60 3.57 7.39 9.16
C ALA A 60 4.74 7.10 8.22
N GLU A 61 5.74 6.38 8.72
CA GLU A 61 6.98 6.11 8.00
C GLU A 61 7.53 4.70 8.26
N MET A 62 8.26 4.17 7.27
CA MET A 62 8.79 2.81 7.22
C MET A 62 9.92 2.71 6.19
N THR A 63 10.94 1.89 6.49
CA THR A 63 12.08 1.58 5.61
C THR A 63 12.36 0.09 5.67
N ILE A 64 12.52 -0.56 4.52
CA ILE A 64 12.75 -2.01 4.40
C ILE A 64 13.87 -2.31 3.41
N TYR A 65 14.66 -3.34 3.72
CA TYR A 65 15.75 -3.84 2.89
C TYR A 65 15.32 -5.03 2.02
N ILE A 66 15.77 -5.02 0.76
CA ILE A 66 15.40 -5.97 -0.30
C ILE A 66 16.62 -6.83 -0.64
N LYS A 67 16.70 -8.00 -0.02
CA LYS A 67 17.81 -8.95 -0.17
C LYS A 67 17.94 -9.56 -1.57
N GLN A 68 16.84 -9.57 -2.33
CA GLN A 68 16.81 -9.99 -3.73
C GLN A 68 17.35 -8.94 -4.73
N LEU A 69 17.55 -7.70 -4.28
CA LEU A 69 18.14 -6.61 -5.10
C LEU A 69 19.50 -6.11 -4.56
N GLY A 70 19.74 -6.21 -3.24
CA GLY A 70 20.96 -5.73 -2.59
C GLY A 70 20.89 -4.26 -2.14
N ARG A 71 19.67 -3.74 -1.91
CA ARG A 71 19.39 -2.34 -1.56
C ARG A 71 18.14 -2.23 -0.66
N ARG A 72 17.80 -1.02 -0.21
CA ARG A 72 16.62 -0.71 0.62
C ARG A 72 15.73 0.38 0.01
N ILE A 73 14.49 0.47 0.50
CA ILE A 73 13.47 1.48 0.13
C ILE A 73 12.80 2.04 1.38
N PHE A 74 12.40 3.32 1.32
CA PHE A 74 11.89 4.11 2.44
C PHE A 74 10.66 4.93 2.02
N ALA A 75 9.75 5.17 2.96
CA ALA A 75 8.55 5.98 2.80
C ALA A 75 8.26 6.82 4.06
N ARG A 76 7.61 7.97 3.86
CA ARG A 76 7.14 8.90 4.91
C ARG A 76 5.96 9.69 4.34
N GLU A 77 4.75 9.28 4.73
CA GLU A 77 3.48 9.72 4.16
C GLU A 77 2.51 10.12 5.28
N HIS A 78 1.32 10.63 4.95
CA HIS A 78 0.38 11.13 5.96
C HIS A 78 -1.11 11.00 5.59
N GLY A 79 -1.96 10.92 6.61
CA GLY A 79 -3.42 10.89 6.54
C GLY A 79 -4.08 11.54 7.75
N SER A 80 -5.40 11.69 7.73
CA SER A 80 -6.18 12.26 8.84
C SER A 80 -6.23 11.34 10.09
N ASN A 81 -5.82 10.08 9.95
CA ASN A 81 -5.82 9.02 10.96
C ASN A 81 -4.65 8.05 10.71
N LYS A 82 -4.20 7.31 11.73
CA LYS A 82 -3.10 6.33 11.62
C LYS A 82 -3.33 5.26 10.54
N LYS A 83 -4.58 4.80 10.36
CA LYS A 83 -4.97 3.85 9.31
C LYS A 83 -4.67 4.40 7.91
N LEU A 84 -5.17 5.61 7.61
CA LEU A 84 -4.94 6.35 6.37
C LEU A 84 -3.45 6.63 6.13
N ALA A 85 -2.73 7.05 7.16
CA ALA A 85 -1.29 7.30 7.10
C ALA A 85 -0.50 6.03 6.74
N ALA A 86 -0.78 4.90 7.38
CA ALA A 86 -0.14 3.60 7.11
C ALA A 86 -0.57 2.99 5.76
N GLN A 87 -1.79 3.26 5.29
CA GLN A 87 -2.27 2.92 3.94
C GLN A 87 -1.44 3.66 2.88
N SER A 88 -1.26 4.98 3.02
CA SER A 88 -0.40 5.75 2.11
C SER A 88 1.05 5.30 2.18
N CYS A 89 1.57 5.02 3.38
CA CYS A 89 2.91 4.48 3.59
C CYS A 89 3.09 3.12 2.88
N ALA A 90 2.14 2.19 3.03
CA ALA A 90 2.16 0.91 2.34
C ALA A 90 2.20 1.08 0.81
N LEU A 91 1.35 1.95 0.25
CA LEU A 91 1.34 2.25 -1.17
C LEU A 91 2.66 2.89 -1.63
N SER A 92 3.32 3.67 -0.80
CA SER A 92 4.65 4.23 -1.08
C SER A 92 5.76 3.17 -1.12
N LEU A 93 5.76 2.14 -0.24
CA LEU A 93 6.66 0.99 -0.39
C LEU A 93 6.27 0.15 -1.61
N VAL A 94 4.99 -0.20 -1.75
CA VAL A 94 4.51 -1.10 -2.81
C VAL A 94 4.75 -0.52 -4.22
N ARG A 95 4.61 0.79 -4.42
CA ARG A 95 4.95 1.43 -5.70
C ARG A 95 6.48 1.54 -5.94
N GLN A 96 7.31 1.49 -4.91
CA GLN A 96 8.77 1.36 -5.07
C GLN A 96 9.16 -0.10 -5.37
N LEU A 97 8.47 -1.09 -4.78
CA LEU A 97 8.64 -2.51 -5.10
C LEU A 97 8.29 -2.78 -6.56
N TYR A 98 7.20 -2.20 -7.07
CA TYR A 98 6.80 -2.25 -8.48
C TYR A 98 7.80 -1.53 -9.42
N HIS A 99 8.27 -0.33 -9.04
CA HIS A 99 9.26 0.42 -9.82
C HIS A 99 10.62 -0.30 -9.95
N LEU A 100 11.05 -0.99 -8.90
CA LEU A 100 12.28 -1.81 -8.86
C LEU A 100 12.07 -3.24 -9.42
N GLY A 101 10.82 -3.64 -9.70
CA GLY A 101 10.49 -4.93 -10.32
C GLY A 101 10.38 -6.11 -9.33
N VAL A 102 10.22 -5.83 -8.04
CA VAL A 102 10.00 -6.85 -6.99
C VAL A 102 8.58 -7.44 -7.06
N ILE A 103 7.62 -6.65 -7.58
CA ILE A 103 6.23 -7.05 -7.84
C ILE A 103 5.79 -6.66 -9.26
N GLU A 104 4.70 -7.27 -9.72
CA GLU A 104 3.98 -6.89 -10.94
C GLU A 104 2.78 -5.99 -10.59
N ALA A 105 1.95 -5.63 -11.56
CA ALA A 105 0.73 -4.83 -11.34
C ALA A 105 -0.35 -5.60 -10.57
N TYR A 106 -1.27 -4.88 -9.91
CA TYR A 106 -2.38 -5.47 -9.16
C TYR A 106 -3.34 -6.33 -10.04
N SER A 107 -4.08 -7.19 -9.36
CA SER A 107 -4.90 -8.30 -9.83
C SER A 107 -6.28 -7.91 -10.41
N SER A 108 -6.65 -6.63 -10.36
CA SER A 108 -7.94 -6.12 -10.85
C SER A 108 -7.84 -4.64 -11.28
N GLY A 109 -8.94 -4.08 -11.80
CA GLY A 109 -9.00 -2.70 -12.33
C GLY A 109 -9.07 -1.63 -11.23
N PRO A 110 -8.72 -0.36 -11.55
CA PRO A 110 -8.83 0.77 -10.65
C PRO A 110 -10.29 1.25 -10.50
N SER A 111 -10.54 2.11 -9.51
CA SER A 111 -11.86 2.71 -9.26
C SER A 111 -11.77 3.98 -8.38
N SER A 112 -12.79 4.86 -8.47
CA SER A 112 -12.82 6.16 -7.77
C SER A 112 -14.10 6.40 -6.94
N GLY A 113 -14.96 5.37 -6.80
CA GLY A 113 -16.26 5.45 -6.09
C GLY A 113 -17.00 4.11 -6.07
N GLY A 1 -29.88 -20.67 7.66
CA GLY A 1 -28.60 -19.95 7.41
C GLY A 1 -28.79 -18.84 6.39
N SER A 2 -27.94 -17.81 6.45
CA SER A 2 -28.06 -16.59 5.62
C SER A 2 -27.50 -16.73 4.19
N SER A 3 -26.78 -17.82 3.90
CA SER A 3 -26.09 -18.08 2.62
C SER A 3 -26.09 -19.59 2.27
N GLY A 4 -26.06 -19.91 0.97
CA GLY A 4 -25.98 -21.29 0.46
C GLY A 4 -24.56 -21.86 0.45
N SER A 5 -24.43 -23.14 0.11
CA SER A 5 -23.15 -23.88 0.13
C SER A 5 -22.21 -23.55 -1.05
N SER A 6 -22.68 -22.81 -2.04
CA SER A 6 -21.96 -22.45 -3.29
C SER A 6 -22.36 -21.04 -3.77
N GLY A 7 -21.44 -20.33 -4.44
CA GLY A 7 -21.65 -18.99 -4.99
C GLY A 7 -20.60 -18.56 -6.00
N LEU A 8 -20.89 -17.47 -6.73
CA LEU A 8 -20.07 -16.89 -7.80
C LEU A 8 -20.21 -15.35 -7.81
N GLU A 9 -19.31 -14.67 -8.53
CA GLU A 9 -19.30 -13.23 -8.74
C GLU A 9 -18.62 -12.90 -10.08
N SER A 10 -19.31 -12.12 -10.91
CA SER A 10 -18.74 -11.55 -12.15
C SER A 10 -17.86 -10.33 -11.84
N GLU A 11 -16.62 -10.32 -12.35
CA GLU A 11 -15.65 -9.23 -12.23
C GLU A 11 -15.11 -8.85 -13.62
N GLU A 12 -14.85 -7.55 -13.84
CA GLU A 12 -14.38 -6.97 -15.11
C GLU A 12 -13.72 -5.61 -14.86
N VAL A 13 -12.59 -5.35 -15.53
CA VAL A 13 -11.73 -4.17 -15.33
C VAL A 13 -10.95 -3.83 -16.61
N ASP A 14 -10.55 -2.56 -16.75
CA ASP A 14 -9.68 -2.08 -17.84
C ASP A 14 -8.27 -2.70 -17.82
N LEU A 15 -7.76 -2.97 -19.01
CA LEU A 15 -6.44 -3.56 -19.25
C LEU A 15 -5.32 -2.51 -19.36
N ASN A 16 -5.63 -1.28 -19.79
CA ASN A 16 -4.63 -0.21 -19.93
C ASN A 16 -4.08 0.23 -18.56
N ALA A 17 -4.88 0.15 -17.51
CA ALA A 17 -4.47 0.32 -16.11
C ALA A 17 -3.32 -0.62 -15.68
N GLY A 18 -3.18 -1.79 -16.31
CA GLY A 18 -2.11 -2.77 -16.02
C GLY A 18 -0.72 -2.34 -16.51
N LEU A 19 -0.64 -1.37 -17.42
CA LEU A 19 0.64 -0.78 -17.87
C LEU A 19 1.18 0.26 -16.86
N HIS A 20 0.28 0.88 -16.08
CA HIS A 20 0.61 1.81 -15.00
C HIS A 20 0.67 1.16 -13.60
N GLY A 21 0.11 -0.05 -13.47
CA GLY A 21 -0.01 -0.82 -12.23
C GLY A 21 -1.33 -0.51 -11.51
N ASN A 22 -2.07 -1.56 -11.13
CA ASN A 22 -3.33 -1.49 -10.38
C ASN A 22 -3.12 -1.35 -8.85
N TRP A 23 -1.98 -0.82 -8.42
CA TRP A 23 -1.64 -0.63 -7.00
C TRP A 23 -2.38 0.57 -6.40
N THR A 24 -3.20 0.29 -5.38
CA THR A 24 -4.06 1.22 -4.62
C THR A 24 -3.80 1.05 -3.12
N LEU A 25 -4.39 1.94 -2.30
CA LEU A 25 -4.26 1.93 -0.84
C LEU A 25 -4.59 0.58 -0.18
N GLU A 26 -5.56 -0.17 -0.72
CA GLU A 26 -5.96 -1.48 -0.17
C GLU A 26 -5.14 -2.62 -0.79
N ASN A 27 -4.94 -2.59 -2.11
CA ASN A 27 -4.15 -3.58 -2.84
C ASN A 27 -2.70 -3.64 -2.32
N ALA A 28 -2.10 -2.48 -2.03
CA ALA A 28 -0.74 -2.36 -1.51
C ALA A 28 -0.63 -2.76 -0.04
N LYS A 29 -1.56 -2.37 0.82
CA LYS A 29 -1.53 -2.72 2.25
C LYS A 29 -1.57 -4.24 2.47
N ALA A 30 -2.31 -4.94 1.62
CA ALA A 30 -2.30 -6.41 1.53
C ALA A 30 -0.97 -6.94 0.96
N ARG A 31 -0.49 -6.39 -0.17
CA ARG A 31 0.70 -6.92 -0.85
C ARG A 31 1.99 -6.77 -0.03
N LEU A 32 2.12 -5.71 0.77
CA LEU A 32 3.28 -5.54 1.65
C LEU A 32 3.31 -6.58 2.77
N ASN A 33 2.14 -6.91 3.35
CA ASN A 33 1.99 -8.00 4.32
C ASN A 33 2.26 -9.39 3.68
N GLN A 34 1.81 -9.61 2.45
CA GLN A 34 2.16 -10.82 1.67
C GLN A 34 3.68 -10.92 1.44
N TYR A 35 4.33 -9.84 0.99
CA TYR A 35 5.78 -9.79 0.78
C TYR A 35 6.56 -10.15 2.05
N PHE A 36 6.12 -9.65 3.21
CA PHE A 36 6.73 -9.95 4.51
C PHE A 36 6.57 -11.41 4.92
N GLN A 37 5.44 -12.05 4.60
CA GLN A 37 5.20 -13.48 4.88
C GLN A 37 5.97 -14.39 3.91
N LYS A 38 6.13 -14.00 2.64
CA LYS A 38 6.85 -14.78 1.63
C LYS A 38 8.38 -14.72 1.79
N GLU A 39 8.92 -13.55 2.19
CA GLU A 39 10.35 -13.34 2.40
C GLU A 39 10.79 -13.53 3.87
N LYS A 40 9.85 -13.72 4.80
CA LYS A 40 10.09 -13.84 6.26
C LYS A 40 10.77 -12.58 6.83
N ILE A 41 10.37 -11.41 6.31
CA ILE A 41 10.80 -10.06 6.72
C ILE A 41 9.82 -9.52 7.77
N GLN A 42 10.28 -8.60 8.61
CA GLN A 42 9.50 -7.98 9.67
C GLN A 42 9.60 -6.45 9.55
N GLY A 43 8.45 -5.77 9.45
CA GLY A 43 8.33 -4.31 9.39
C GLY A 43 7.06 -3.80 10.08
N GLU A 44 7.17 -2.69 10.79
CA GLU A 44 6.09 -1.99 11.47
C GLU A 44 6.17 -0.48 11.21
N TYR A 45 5.01 0.19 11.15
CA TYR A 45 4.92 1.62 10.85
C TYR A 45 5.29 2.48 12.07
N LYS A 46 6.19 3.44 11.86
CA LYS A 46 6.47 4.51 12.83
C LYS A 46 5.50 5.66 12.52
N TYR A 47 4.87 6.24 13.55
CA TYR A 47 3.97 7.38 13.38
C TYR A 47 4.50 8.67 14.03
N THR A 48 4.07 9.81 13.48
CA THR A 48 4.24 11.17 14.02
C THR A 48 2.88 11.87 13.97
N GLN A 49 2.36 12.25 15.12
CA GLN A 49 1.15 13.07 15.21
C GLN A 49 1.47 14.51 14.79
N VAL A 50 0.56 15.17 14.05
CA VAL A 50 0.61 16.62 13.79
C VAL A 50 -0.73 17.24 14.20
N GLY A 51 -0.65 18.47 14.73
CA GLY A 51 -1.76 19.16 15.39
C GLY A 51 -1.95 18.72 16.87
N PRO A 52 -2.65 19.52 17.69
CA PRO A 52 -2.87 19.25 19.13
C PRO A 52 -3.82 18.07 19.37
N ASP A 53 -3.85 17.58 20.61
CA ASP A 53 -4.65 16.41 21.04
C ASP A 53 -6.16 16.53 20.75
N HIS A 54 -6.71 17.75 20.75
CA HIS A 54 -8.12 18.02 20.43
C HIS A 54 -8.43 18.14 18.92
N ASN A 55 -7.41 18.29 18.06
CA ASN A 55 -7.54 18.43 16.61
C ASN A 55 -6.22 18.03 15.90
N ARG A 56 -6.13 16.76 15.48
CA ARG A 56 -4.89 16.14 14.97
C ARG A 56 -5.08 15.30 13.71
N SER A 57 -3.95 14.96 13.09
CA SER A 57 -3.77 14.00 12.01
C SER A 57 -2.39 13.33 12.14
N PHE A 58 -2.08 12.35 11.30
CA PHE A 58 -0.90 11.48 11.48
C PHE A 58 -0.08 11.30 10.21
N ILE A 59 1.24 11.43 10.38
CA ILE A 59 2.24 11.03 9.40
C ILE A 59 2.68 9.61 9.79
N ALA A 60 2.81 8.70 8.82
CA ALA A 60 3.37 7.37 9.02
C ALA A 60 4.58 7.16 8.10
N GLU A 61 5.56 6.39 8.57
CA GLU A 61 6.81 6.12 7.84
C GLU A 61 7.36 4.72 8.11
N MET A 62 8.08 4.18 7.13
CA MET A 62 8.62 2.81 7.11
C MET A 62 9.79 2.71 6.12
N THR A 63 10.78 1.87 6.44
CA THR A 63 11.95 1.56 5.60
C THR A 63 12.22 0.06 5.67
N ILE A 64 12.43 -0.58 4.53
CA ILE A 64 12.69 -2.03 4.41
C ILE A 64 13.85 -2.32 3.46
N TYR A 65 14.64 -3.34 3.81
CA TYR A 65 15.75 -3.84 3.01
C TYR A 65 15.33 -5.02 2.13
N ILE A 66 15.81 -5.03 0.88
CA ILE A 66 15.46 -5.98 -0.18
C ILE A 66 16.70 -6.83 -0.50
N LYS A 67 16.75 -8.00 0.12
CA LYS A 67 17.85 -8.97 -0.01
C LYS A 67 18.02 -9.58 -1.42
N GLN A 68 16.94 -9.57 -2.20
CA GLN A 68 16.93 -9.97 -3.61
C GLN A 68 17.46 -8.91 -4.60
N LEU A 69 17.68 -7.67 -4.13
CA LEU A 69 18.29 -6.57 -4.91
C LEU A 69 19.63 -6.09 -4.35
N GLY A 70 19.86 -6.21 -3.03
CA GLY A 70 21.08 -5.72 -2.35
C GLY A 70 21.00 -4.25 -1.91
N ARG A 71 19.77 -3.74 -1.70
CA ARG A 71 19.47 -2.33 -1.34
C ARG A 71 18.22 -2.22 -0.47
N ARG A 72 17.87 -1.02 -0.02
CA ARG A 72 16.66 -0.72 0.77
C ARG A 72 15.79 0.37 0.13
N ILE A 73 14.53 0.46 0.56
CA ILE A 73 13.53 1.47 0.17
C ILE A 73 12.80 2.02 1.41
N PHE A 74 12.45 3.31 1.35
CA PHE A 74 11.86 4.08 2.45
C PHE A 74 10.64 4.89 1.96
N ALA A 75 9.72 5.17 2.87
CA ALA A 75 8.53 6.00 2.65
C ALA A 75 8.11 6.78 3.90
N ARG A 76 7.41 7.90 3.68
CA ARG A 76 6.85 8.80 4.69
C ARG A 76 5.66 9.55 4.09
N GLU A 77 4.45 9.38 4.65
CA GLU A 77 3.19 9.87 4.09
C GLU A 77 2.18 10.28 5.17
N HIS A 78 1.29 11.21 4.84
CA HIS A 78 0.31 11.83 5.74
C HIS A 78 -1.14 11.41 5.45
N GLY A 79 -1.87 10.99 6.48
CA GLY A 79 -3.32 10.73 6.46
C GLY A 79 -4.05 11.45 7.60
N SER A 80 -5.37 11.55 7.49
CA SER A 80 -6.23 12.12 8.55
C SER A 80 -6.26 11.27 9.83
N ASN A 81 -5.77 10.02 9.76
CA ASN A 81 -5.64 9.05 10.86
C ASN A 81 -4.55 8.01 10.54
N LYS A 82 -4.17 7.19 11.53
CA LYS A 82 -3.10 6.19 11.38
C LYS A 82 -3.37 5.15 10.27
N LYS A 83 -4.62 4.77 10.03
CA LYS A 83 -4.99 3.81 8.98
C LYS A 83 -4.68 4.36 7.58
N LEU A 84 -5.23 5.54 7.26
CA LEU A 84 -4.94 6.29 6.03
C LEU A 84 -3.45 6.57 5.82
N ALA A 85 -2.76 6.96 6.89
CA ALA A 85 -1.31 7.21 6.87
C ALA A 85 -0.51 5.94 6.53
N ALA A 86 -0.79 4.81 7.20
CA ALA A 86 -0.13 3.53 6.94
C ALA A 86 -0.50 2.91 5.59
N GLN A 87 -1.73 3.12 5.11
CA GLN A 87 -2.18 2.79 3.74
C GLN A 87 -1.35 3.56 2.69
N SER A 88 -1.18 4.86 2.88
CA SER A 88 -0.40 5.71 1.95
C SER A 88 1.10 5.37 2.00
N CYS A 89 1.61 5.03 3.19
CA CYS A 89 2.96 4.52 3.38
C CYS A 89 3.15 3.17 2.66
N ALA A 90 2.24 2.21 2.84
CA ALA A 90 2.30 0.91 2.17
C ALA A 90 2.29 1.04 0.64
N LEU A 91 1.42 1.89 0.09
CA LEU A 91 1.38 2.21 -1.34
C LEU A 91 2.70 2.81 -1.83
N SER A 92 3.39 3.58 -0.99
CA SER A 92 4.70 4.16 -1.31
C SER A 92 5.85 3.12 -1.28
N LEU A 93 5.81 2.08 -0.44
CA LEU A 93 6.74 0.95 -0.54
C LEU A 93 6.38 0.10 -1.76
N VAL A 94 5.11 -0.27 -1.92
CA VAL A 94 4.66 -1.18 -2.98
C VAL A 94 4.89 -0.60 -4.38
N ARG A 95 4.72 0.71 -4.60
CA ARG A 95 5.08 1.35 -5.86
C ARG A 95 6.59 1.44 -6.12
N GLN A 96 7.44 1.39 -5.08
CA GLN A 96 8.89 1.23 -5.24
C GLN A 96 9.28 -0.22 -5.52
N LEU A 97 8.60 -1.20 -4.90
CA LEU A 97 8.79 -2.62 -5.19
C LEU A 97 8.44 -2.93 -6.65
N TYR A 98 7.35 -2.36 -7.16
CA TYR A 98 6.93 -2.45 -8.57
C TYR A 98 7.90 -1.74 -9.53
N HIS A 99 8.41 -0.56 -9.18
CA HIS A 99 9.40 0.17 -9.98
C HIS A 99 10.77 -0.54 -10.08
N LEU A 100 11.20 -1.17 -8.98
CA LEU A 100 12.44 -1.96 -8.92
C LEU A 100 12.27 -3.40 -9.43
N GLY A 101 11.03 -3.85 -9.70
CA GLY A 101 10.73 -5.15 -10.28
C GLY A 101 10.64 -6.31 -9.28
N VAL A 102 10.44 -6.01 -7.99
CA VAL A 102 10.21 -7.00 -6.91
C VAL A 102 8.79 -7.60 -7.01
N ILE A 103 7.84 -6.83 -7.54
CA ILE A 103 6.45 -7.24 -7.81
C ILE A 103 6.03 -6.88 -9.24
N GLU A 104 4.93 -7.48 -9.70
CA GLU A 104 4.25 -7.16 -10.96
C GLU A 104 3.03 -6.24 -10.70
N ALA A 105 2.13 -6.07 -11.67
CA ALA A 105 0.89 -5.32 -11.50
C ALA A 105 -0.21 -6.16 -10.80
N TYR A 106 -1.01 -5.52 -9.95
CA TYR A 106 -2.18 -6.14 -9.32
C TYR A 106 -3.30 -6.52 -10.34
N SER A 107 -4.27 -7.32 -9.92
CA SER A 107 -5.34 -7.87 -10.74
C SER A 107 -6.47 -6.88 -11.13
N SER A 108 -6.94 -6.04 -10.20
CA SER A 108 -8.11 -5.17 -10.40
C SER A 108 -8.09 -3.89 -9.53
N GLY A 109 -8.58 -2.77 -10.08
CA GLY A 109 -8.76 -1.48 -9.38
C GLY A 109 -10.22 -0.99 -9.43
N PRO A 110 -10.68 -0.21 -8.43
CA PRO A 110 -12.03 0.33 -8.37
C PRO A 110 -12.20 1.52 -9.33
N SER A 111 -13.44 1.78 -9.76
CA SER A 111 -13.79 2.92 -10.62
C SER A 111 -13.84 4.23 -9.80
N SER A 112 -12.77 5.02 -9.87
CA SER A 112 -12.61 6.27 -9.09
C SER A 112 -13.18 7.54 -9.78
N GLY A 113 -13.63 7.42 -11.04
CA GLY A 113 -14.23 8.50 -11.84
C GLY A 113 -14.52 8.09 -13.28
N GLY A 1 -21.22 12.54 24.33
CA GLY A 1 -21.01 12.21 22.91
C GLY A 1 -19.95 13.11 22.28
N SER A 2 -19.17 12.57 21.34
CA SER A 2 -18.01 13.24 20.72
C SER A 2 -17.84 12.83 19.24
N SER A 3 -17.33 13.74 18.40
CA SER A 3 -16.90 13.53 17.00
C SER A 3 -18.04 13.31 15.97
N GLY A 4 -19.21 12.83 16.40
CA GLY A 4 -20.39 12.60 15.55
C GLY A 4 -20.25 11.39 14.62
N SER A 5 -21.05 11.36 13.55
CA SER A 5 -21.07 10.32 12.53
C SER A 5 -21.80 10.81 11.25
N SER A 6 -21.54 10.20 10.10
CA SER A 6 -22.10 10.54 8.78
C SER A 6 -21.80 9.44 7.75
N GLY A 7 -22.66 9.30 6.73
CA GLY A 7 -22.48 8.37 5.60
C GLY A 7 -21.54 8.91 4.51
N LEU A 8 -21.04 8.00 3.67
CA LEU A 8 -20.11 8.28 2.57
C LEU A 8 -20.04 7.12 1.56
N GLU A 9 -19.36 7.34 0.44
CA GLU A 9 -18.97 6.36 -0.55
C GLU A 9 -17.67 6.84 -1.21
N SER A 10 -16.67 5.97 -1.26
CA SER A 10 -15.31 6.23 -1.78
C SER A 10 -15.27 6.26 -3.33
N GLU A 11 -16.05 7.15 -3.95
CA GLU A 11 -16.11 7.34 -5.40
C GLU A 11 -14.78 7.90 -5.94
N GLU A 12 -14.10 7.11 -6.78
CA GLU A 12 -12.78 7.41 -7.37
C GLU A 12 -12.65 6.74 -8.75
N VAL A 13 -11.80 7.30 -9.62
CA VAL A 13 -11.52 6.85 -11.00
C VAL A 13 -10.02 7.01 -11.28
N ASP A 14 -9.39 5.99 -11.84
CA ASP A 14 -7.96 5.93 -12.12
C ASP A 14 -7.59 6.59 -13.46
N LEU A 15 -6.62 7.51 -13.43
CA LEU A 15 -6.11 8.23 -14.61
C LEU A 15 -4.65 7.85 -14.91
N ASN A 16 -3.76 8.04 -13.92
CA ASN A 16 -2.30 7.85 -14.05
C ASN A 16 -1.81 6.44 -13.63
N ALA A 17 -2.70 5.55 -13.20
CA ALA A 17 -2.36 4.21 -12.69
C ALA A 17 -1.67 3.29 -13.72
N GLY A 18 -1.73 3.61 -15.03
CA GLY A 18 -0.97 2.91 -16.07
C GLY A 18 0.54 3.18 -16.01
N LEU A 19 0.96 4.29 -15.36
CA LEU A 19 2.36 4.66 -15.15
C LEU A 19 2.85 4.20 -13.77
N HIS A 20 2.03 4.37 -12.72
CA HIS A 20 2.39 4.13 -11.32
C HIS A 20 2.02 2.73 -10.79
N GLY A 21 1.31 1.92 -11.57
CA GLY A 21 0.73 0.63 -11.17
C GLY A 21 -0.65 0.80 -10.55
N ASN A 22 -1.52 -0.20 -10.75
CA ASN A 22 -2.91 -0.21 -10.26
C ASN A 22 -3.07 -0.28 -8.74
N TRP A 23 -1.97 -0.42 -7.98
CA TRP A 23 -1.98 -0.54 -6.52
C TRP A 23 -2.77 0.60 -5.86
N THR A 24 -3.64 0.19 -4.94
CA THR A 24 -4.55 1.04 -4.16
C THR A 24 -4.16 0.99 -2.68
N LEU A 25 -4.73 1.89 -1.87
CA LEU A 25 -4.44 1.99 -0.44
C LEU A 25 -4.65 0.69 0.34
N GLU A 26 -5.62 -0.14 -0.06
CA GLU A 26 -5.93 -1.41 0.61
C GLU A 26 -5.13 -2.57 0.02
N ASN A 27 -5.05 -2.66 -1.32
CA ASN A 27 -4.34 -3.75 -1.99
C ASN A 27 -2.82 -3.64 -1.81
N ALA A 28 -2.26 -2.44 -1.64
CA ALA A 28 -0.86 -2.26 -1.26
C ALA A 28 -0.58 -2.74 0.17
N LYS A 29 -1.44 -2.40 1.14
CA LYS A 29 -1.27 -2.84 2.53
C LYS A 29 -1.30 -4.38 2.66
N ALA A 30 -2.21 -5.01 1.93
CA ALA A 30 -2.26 -6.48 1.77
C ALA A 30 -1.01 -7.04 1.06
N ARG A 31 -0.55 -6.41 -0.03
CA ARG A 31 0.60 -6.87 -0.81
C ARG A 31 1.92 -6.73 -0.05
N LEU A 32 2.10 -5.70 0.78
CA LEU A 32 3.27 -5.53 1.63
C LEU A 32 3.34 -6.58 2.74
N ASN A 33 2.19 -6.91 3.35
CA ASN A 33 2.09 -8.02 4.29
C ASN A 33 2.42 -9.38 3.61
N GLN A 34 1.91 -9.61 2.41
CA GLN A 34 2.26 -10.80 1.60
C GLN A 34 3.75 -10.84 1.25
N TYR A 35 4.36 -9.72 0.85
CA TYR A 35 5.80 -9.62 0.61
C TYR A 35 6.63 -10.04 1.84
N PHE A 36 6.20 -9.61 3.04
CA PHE A 36 6.82 -9.99 4.31
C PHE A 36 6.62 -11.47 4.67
N GLN A 37 5.46 -12.05 4.33
CA GLN A 37 5.16 -13.47 4.54
C GLN A 37 5.90 -14.40 3.56
N LYS A 38 6.20 -13.92 2.34
CA LYS A 38 6.97 -14.67 1.34
C LYS A 38 8.49 -14.60 1.60
N GLU A 39 9.01 -13.41 1.92
CA GLU A 39 10.46 -13.17 2.11
C GLU A 39 10.95 -13.37 3.55
N LYS A 40 10.05 -13.56 4.52
CA LYS A 40 10.36 -13.67 5.96
C LYS A 40 11.06 -12.41 6.50
N ILE A 41 10.63 -11.26 5.98
CA ILE A 41 11.04 -9.89 6.39
C ILE A 41 10.05 -9.38 7.46
N GLN A 42 10.48 -8.42 8.27
CA GLN A 42 9.67 -7.81 9.33
C GLN A 42 9.72 -6.29 9.21
N GLY A 43 8.55 -5.64 9.14
CA GLY A 43 8.37 -4.19 9.10
C GLY A 43 7.15 -3.73 9.88
N GLU A 44 7.29 -2.62 10.61
CA GLU A 44 6.22 -1.95 11.36
C GLU A 44 6.28 -0.43 11.13
N TYR A 45 5.12 0.24 11.19
CA TYR A 45 5.01 1.67 10.91
C TYR A 45 5.40 2.52 12.13
N LYS A 46 6.37 3.42 11.95
CA LYS A 46 6.70 4.47 12.92
C LYS A 46 5.73 5.63 12.69
N TYR A 47 4.92 5.98 13.68
CA TYR A 47 3.97 7.10 13.56
C TYR A 47 4.46 8.39 14.24
N THR A 48 4.05 9.54 13.68
CA THR A 48 4.22 10.88 14.25
C THR A 48 2.91 11.64 14.14
N GLN A 49 2.34 12.07 15.26
CA GLN A 49 1.18 12.99 15.28
C GLN A 49 1.63 14.41 14.91
N VAL A 50 0.81 15.12 14.13
CA VAL A 50 0.97 16.57 13.87
C VAL A 50 -0.35 17.29 14.16
N GLY A 51 -0.25 18.50 14.72
CA GLY A 51 -1.37 19.27 15.28
C GLY A 51 -1.79 18.82 16.69
N PRO A 52 -2.53 19.67 17.43
CA PRO A 52 -3.04 19.37 18.78
C PRO A 52 -4.16 18.32 18.74
N ASP A 53 -4.45 17.68 19.88
CA ASP A 53 -5.39 16.55 19.94
C ASP A 53 -6.84 16.88 19.53
N HIS A 54 -7.24 18.16 19.59
CA HIS A 54 -8.55 18.63 19.10
C HIS A 54 -8.61 18.88 17.57
N ASN A 55 -7.45 18.95 16.90
CA ASN A 55 -7.32 19.17 15.44
C ASN A 55 -5.96 18.66 14.94
N ARG A 56 -5.90 17.37 14.55
CA ARG A 56 -4.66 16.66 14.22
C ARG A 56 -4.76 15.76 12.98
N SER A 57 -3.58 15.36 12.50
CA SER A 57 -3.32 14.35 11.49
C SER A 57 -2.11 13.49 11.92
N PHE A 58 -1.87 12.38 11.24
CA PHE A 58 -0.78 11.45 11.52
C PHE A 58 0.08 11.21 10.28
N ILE A 59 1.39 11.29 10.48
CA ILE A 59 2.42 10.87 9.54
C ILE A 59 2.83 9.45 9.93
N ALA A 60 3.02 8.57 8.95
CA ALA A 60 3.57 7.23 9.14
C ALA A 60 4.80 7.04 8.22
N GLU A 61 5.84 6.43 8.76
CA GLU A 61 7.11 6.20 8.05
C GLU A 61 7.67 4.79 8.28
N MET A 62 8.36 4.27 7.27
CA MET A 62 8.86 2.89 7.18
C MET A 62 10.01 2.80 6.17
N THR A 63 11.00 1.95 6.45
CA THR A 63 12.11 1.62 5.55
C THR A 63 12.37 0.12 5.61
N ILE A 64 12.50 -0.52 4.45
CA ILE A 64 12.74 -1.97 4.32
C ILE A 64 13.89 -2.26 3.35
N TYR A 65 14.69 -3.27 3.69
CA TYR A 65 15.80 -3.75 2.88
C TYR A 65 15.40 -4.95 2.02
N ILE A 66 15.87 -4.95 0.77
CA ILE A 66 15.54 -5.92 -0.29
C ILE A 66 16.76 -6.79 -0.58
N LYS A 67 16.82 -7.92 0.09
CA LYS A 67 17.93 -8.88 -0.03
C LYS A 67 18.08 -9.54 -1.41
N GLN A 68 16.98 -9.58 -2.16
CA GLN A 68 16.95 -10.04 -3.55
C GLN A 68 17.50 -9.02 -4.58
N LEU A 69 17.68 -7.76 -4.19
CA LEU A 69 18.27 -6.70 -5.03
C LEU A 69 19.58 -6.10 -4.48
N GLY A 70 19.84 -6.20 -3.17
CA GLY A 70 21.05 -5.67 -2.52
C GLY A 70 20.95 -4.18 -2.12
N ARG A 71 19.72 -3.69 -1.88
CA ARG A 71 19.41 -2.27 -1.62
C ARG A 71 18.18 -2.12 -0.72
N ARG A 72 17.81 -0.88 -0.33
CA ARG A 72 16.67 -0.59 0.56
C ARG A 72 15.78 0.55 0.05
N ILE A 73 14.52 0.57 0.47
CA ILE A 73 13.50 1.56 0.11
C ILE A 73 12.79 2.11 1.35
N PHE A 74 12.45 3.39 1.31
CA PHE A 74 11.91 4.18 2.43
C PHE A 74 10.69 5.00 1.99
N ALA A 75 9.78 5.25 2.93
CA ALA A 75 8.58 6.06 2.75
C ALA A 75 8.25 6.89 4.00
N ARG A 76 7.57 8.02 3.79
CA ARG A 76 7.04 8.91 4.83
C ARG A 76 5.82 9.65 4.26
N GLU A 77 4.63 9.21 4.69
CA GLU A 77 3.34 9.63 4.14
C GLU A 77 2.35 9.95 5.27
N HIS A 78 1.17 10.49 4.96
CA HIS A 78 0.24 10.98 6.00
C HIS A 78 -1.25 10.85 5.66
N GLY A 79 -2.06 10.73 6.71
CA GLY A 79 -3.53 10.72 6.68
C GLY A 79 -4.13 11.41 7.91
N SER A 80 -5.45 11.47 8.00
CA SER A 80 -6.15 12.05 9.17
C SER A 80 -5.97 11.23 10.47
N ASN A 81 -5.54 9.97 10.35
CA ASN A 81 -5.36 8.99 11.44
C ASN A 81 -4.45 7.83 11.00
N LYS A 82 -3.95 7.04 11.97
CA LYS A 82 -2.91 6.01 11.76
C LYS A 82 -3.21 5.02 10.62
N LYS A 83 -4.44 4.54 10.49
CA LYS A 83 -4.85 3.62 9.42
C LYS A 83 -4.62 4.22 8.02
N LEU A 84 -5.15 5.43 7.79
CA LEU A 84 -4.96 6.21 6.56
C LEU A 84 -3.49 6.52 6.27
N ALA A 85 -2.73 6.90 7.30
CA ALA A 85 -1.30 7.17 7.18
C ALA A 85 -0.51 5.91 6.76
N ALA A 86 -0.76 4.76 7.40
CA ALA A 86 -0.12 3.48 7.10
C ALA A 86 -0.56 2.90 5.73
N GLN A 87 -1.81 3.13 5.32
CA GLN A 87 -2.33 2.84 3.97
C GLN A 87 -1.51 3.58 2.91
N SER A 88 -1.32 4.89 3.05
CA SER A 88 -0.49 5.67 2.12
C SER A 88 0.98 5.25 2.16
N CYS A 89 1.52 4.97 3.35
CA CYS A 89 2.89 4.48 3.55
C CYS A 89 3.11 3.14 2.82
N ALA A 90 2.20 2.17 2.98
CA ALA A 90 2.25 0.90 2.27
C ALA A 90 2.26 1.08 0.74
N LEU A 91 1.38 1.93 0.21
CA LEU A 91 1.34 2.26 -1.20
C LEU A 91 2.64 2.91 -1.70
N SER A 92 3.32 3.68 -0.85
CA SER A 92 4.63 4.26 -1.17
C SER A 92 5.77 3.22 -1.20
N LEU A 93 5.77 2.19 -0.33
CA LEU A 93 6.71 1.06 -0.46
C LEU A 93 6.34 0.21 -1.69
N VAL A 94 5.07 -0.14 -1.85
CA VAL A 94 4.60 -1.03 -2.92
C VAL A 94 4.83 -0.44 -4.31
N ARG A 95 4.67 0.87 -4.50
CA ARG A 95 5.01 1.52 -5.77
C ARG A 95 6.52 1.66 -6.03
N GLN A 96 7.36 1.57 -5.00
CA GLN A 96 8.82 1.45 -5.16
C GLN A 96 9.22 0.00 -5.49
N LEU A 97 8.55 -1.00 -4.90
CA LEU A 97 8.74 -2.42 -5.24
C LEU A 97 8.36 -2.69 -6.71
N TYR A 98 7.27 -2.08 -7.19
CA TYR A 98 6.84 -2.09 -8.59
C TYR A 98 7.85 -1.38 -9.52
N HIS A 99 8.36 -0.21 -9.13
CA HIS A 99 9.39 0.53 -9.90
C HIS A 99 10.73 -0.23 -10.01
N LEU A 100 11.12 -0.96 -8.95
CA LEU A 100 12.30 -1.84 -8.92
C LEU A 100 12.06 -3.21 -9.58
N GLY A 101 10.80 -3.56 -9.90
CA GLY A 101 10.43 -4.80 -10.57
C GLY A 101 10.29 -6.01 -9.64
N VAL A 102 10.13 -5.79 -8.33
CA VAL A 102 9.89 -6.84 -7.32
C VAL A 102 8.46 -7.39 -7.42
N ILE A 103 7.53 -6.56 -7.88
CA ILE A 103 6.11 -6.89 -8.09
C ILE A 103 5.61 -6.42 -9.47
N GLU A 104 4.45 -6.95 -9.88
CA GLU A 104 3.67 -6.49 -11.03
C GLU A 104 2.58 -5.48 -10.58
N ALA A 105 1.79 -4.96 -11.53
CA ALA A 105 0.64 -4.09 -11.22
C ALA A 105 -0.54 -4.89 -10.64
N TYR A 106 -1.34 -4.25 -9.78
CA TYR A 106 -2.51 -4.88 -9.14
C TYR A 106 -3.59 -5.36 -10.15
N SER A 107 -4.32 -6.37 -9.71
CA SER A 107 -5.32 -7.18 -10.41
C SER A 107 -6.62 -6.46 -10.84
N SER A 108 -6.86 -5.22 -10.40
CA SER A 108 -8.14 -4.51 -10.63
C SER A 108 -8.00 -2.97 -10.49
N GLY A 109 -9.09 -2.24 -10.73
CA GLY A 109 -9.18 -0.78 -10.58
C GLY A 109 -9.67 -0.35 -9.18
N PRO A 110 -10.02 0.95 -9.00
CA PRO A 110 -10.58 1.48 -7.75
C PRO A 110 -12.06 1.08 -7.53
N SER A 111 -12.71 0.48 -8.53
CA SER A 111 -14.11 0.00 -8.49
C SER A 111 -14.35 -1.10 -9.54
N SER A 112 -15.40 -1.89 -9.38
CA SER A 112 -15.70 -3.07 -10.22
C SER A 112 -16.68 -2.82 -11.38
N GLY A 113 -17.28 -1.62 -11.46
CA GLY A 113 -18.25 -1.23 -12.50
C GLY A 113 -18.92 0.12 -12.22
N GLY A 1 -30.92 -0.57 4.28
CA GLY A 1 -30.87 0.33 3.10
C GLY A 1 -32.20 1.02 2.86
N SER A 2 -32.18 2.18 2.21
CA SER A 2 -33.36 3.03 1.94
C SER A 2 -34.12 2.69 0.63
N SER A 3 -33.56 1.83 -0.22
CA SER A 3 -34.11 1.43 -1.53
C SER A 3 -33.77 -0.04 -1.85
N GLY A 4 -34.62 -0.69 -2.65
CA GLY A 4 -34.43 -2.07 -3.15
C GLY A 4 -33.55 -2.15 -4.40
N SER A 5 -33.43 -3.35 -4.96
CA SER A 5 -32.63 -3.66 -6.15
C SER A 5 -33.06 -4.99 -6.80
N SER A 6 -32.55 -5.26 -8.00
CA SER A 6 -32.90 -6.43 -8.85
C SER A 6 -31.68 -7.00 -9.61
N GLY A 7 -30.46 -6.55 -9.27
CA GLY A 7 -29.19 -6.90 -9.93
C GLY A 7 -28.56 -5.70 -10.66
N LEU A 8 -27.26 -5.83 -10.96
CA LEU A 8 -26.41 -4.80 -11.55
C LEU A 8 -25.10 -5.38 -12.11
N GLU A 9 -24.22 -4.51 -12.63
CA GLU A 9 -22.85 -4.82 -13.05
C GLU A 9 -21.94 -3.66 -12.62
N SER A 10 -21.02 -3.94 -11.70
CA SER A 10 -20.16 -2.95 -11.02
C SER A 10 -18.67 -3.04 -11.40
N GLU A 11 -18.36 -3.79 -12.46
CA GLU A 11 -17.00 -4.00 -12.98
C GLU A 11 -16.47 -2.74 -13.68
N GLU A 12 -15.28 -2.30 -13.28
CA GLU A 12 -14.55 -1.15 -13.85
C GLU A 12 -13.05 -1.49 -13.91
N VAL A 13 -12.45 -1.37 -15.10
CA VAL A 13 -11.08 -1.80 -15.42
C VAL A 13 -10.49 -0.87 -16.49
N ASP A 14 -9.19 -0.59 -16.41
CA ASP A 14 -8.43 0.22 -17.37
C ASP A 14 -7.05 -0.39 -17.63
N LEU A 15 -6.64 -0.38 -18.91
CA LEU A 15 -5.46 -1.05 -19.41
C LEU A 15 -4.18 -0.20 -19.25
N ASN A 16 -4.22 1.09 -19.61
CA ASN A 16 -3.05 1.97 -19.50
C ASN A 16 -2.73 2.36 -18.05
N ALA A 17 -3.70 2.34 -17.13
CA ALA A 17 -3.46 2.47 -15.69
C ALA A 17 -2.65 1.29 -15.13
N GLY A 18 -2.79 0.09 -15.72
CA GLY A 18 -2.06 -1.12 -15.36
C GLY A 18 -0.57 -1.07 -15.71
N LEU A 19 -0.17 -0.23 -16.67
CA LEU A 19 1.24 0.03 -17.01
C LEU A 19 1.97 0.81 -15.92
N HIS A 20 1.23 1.61 -15.15
CA HIS A 20 1.70 2.32 -13.95
C HIS A 20 1.40 1.55 -12.64
N GLY A 21 0.78 0.36 -12.74
CA GLY A 21 0.35 -0.48 -11.63
C GLY A 21 -1.00 -0.03 -11.07
N ASN A 22 -1.96 -0.95 -10.99
CA ASN A 22 -3.32 -0.71 -10.44
C ASN A 22 -3.38 -0.74 -8.89
N TRP A 23 -2.23 -0.81 -8.20
CA TRP A 23 -2.14 -0.82 -6.73
C TRP A 23 -2.88 0.36 -6.09
N THR A 24 -3.87 0.05 -5.25
CA THR A 24 -4.61 1.02 -4.43
C THR A 24 -4.16 0.93 -2.97
N LEU A 25 -4.67 1.84 -2.12
CA LEU A 25 -4.36 1.91 -0.68
C LEU A 25 -4.58 0.58 0.07
N GLU A 26 -5.58 -0.20 -0.33
CA GLU A 26 -5.91 -1.49 0.32
C GLU A 26 -5.09 -2.63 -0.28
N ASN A 27 -4.99 -2.70 -1.62
CA ASN A 27 -4.24 -3.74 -2.30
C ASN A 27 -2.73 -3.66 -1.98
N ALA A 28 -2.20 -2.45 -1.78
CA ALA A 28 -0.80 -2.25 -1.38
C ALA A 28 -0.53 -2.74 0.05
N LYS A 29 -1.39 -2.42 1.01
CA LYS A 29 -1.21 -2.87 2.40
C LYS A 29 -1.25 -4.40 2.52
N ALA A 30 -2.15 -5.04 1.77
CA ALA A 30 -2.20 -6.50 1.58
C ALA A 30 -0.93 -7.05 0.90
N ARG A 31 -0.47 -6.43 -0.21
CA ARG A 31 0.70 -6.90 -0.97
C ARG A 31 2.01 -6.76 -0.20
N LEU A 32 2.16 -5.73 0.64
CA LEU A 32 3.31 -5.52 1.50
C LEU A 32 3.36 -6.57 2.63
N ASN A 33 2.22 -6.90 3.22
CA ASN A 33 2.11 -8.00 4.18
C ASN A 33 2.44 -9.37 3.52
N GLN A 34 1.96 -9.60 2.30
CA GLN A 34 2.30 -10.79 1.51
C GLN A 34 3.79 -10.86 1.17
N TYR A 35 4.43 -9.75 0.79
CA TYR A 35 5.88 -9.67 0.59
C TYR A 35 6.65 -10.08 1.87
N PHE A 36 6.19 -9.61 3.04
CA PHE A 36 6.77 -9.96 4.33
C PHE A 36 6.56 -11.44 4.72
N GLN A 37 5.43 -12.03 4.35
CA GLN A 37 5.12 -13.45 4.60
C GLN A 37 5.91 -14.39 3.68
N LYS A 38 6.12 -14.01 2.41
CA LYS A 38 6.87 -14.81 1.44
C LYS A 38 8.39 -14.73 1.62
N GLU A 39 8.92 -13.56 2.02
CA GLU A 39 10.36 -13.34 2.26
C GLU A 39 10.78 -13.54 3.72
N LYS A 40 9.83 -13.73 4.65
CA LYS A 40 10.06 -13.87 6.09
C LYS A 40 10.75 -12.62 6.69
N ILE A 41 10.37 -11.46 6.17
CA ILE A 41 10.80 -10.10 6.60
C ILE A 41 9.81 -9.57 7.65
N GLN A 42 10.24 -8.62 8.48
CA GLN A 42 9.43 -7.98 9.51
C GLN A 42 9.51 -6.46 9.36
N GLY A 43 8.36 -5.81 9.16
CA GLY A 43 8.21 -4.35 9.07
C GLY A 43 6.99 -3.86 9.85
N GLU A 44 7.16 -2.76 10.60
CA GLU A 44 6.12 -2.09 11.37
C GLU A 44 6.17 -0.58 11.13
N TYR A 45 5.01 0.07 11.09
CA TYR A 45 4.90 1.52 10.85
C TYR A 45 5.26 2.34 12.09
N LYS A 46 6.14 3.34 11.91
CA LYS A 46 6.44 4.37 12.90
C LYS A 46 5.53 5.58 12.63
N TYR A 47 4.94 6.18 13.67
CA TYR A 47 4.00 7.31 13.51
C TYR A 47 4.46 8.59 14.22
N THR A 48 4.03 9.74 13.67
CA THR A 48 4.15 11.09 14.27
C THR A 48 2.82 11.83 14.13
N GLN A 49 2.21 12.20 15.25
CA GLN A 49 1.05 13.11 15.27
C GLN A 49 1.52 14.53 14.94
N VAL A 50 0.76 15.27 14.13
CA VAL A 50 0.92 16.72 13.93
C VAL A 50 -0.39 17.43 14.22
N GLY A 51 -0.29 18.62 14.83
CA GLY A 51 -1.40 19.36 15.42
C GLY A 51 -1.79 18.89 16.82
N PRO A 52 -2.55 19.69 17.60
CA PRO A 52 -3.00 19.35 18.95
C PRO A 52 -4.08 18.27 18.93
N ASP A 53 -4.29 17.59 20.06
CA ASP A 53 -5.18 16.41 20.16
C ASP A 53 -6.66 16.68 19.80
N HIS A 54 -7.11 17.94 19.84
CA HIS A 54 -8.46 18.36 19.41
C HIS A 54 -8.57 18.65 17.89
N ASN A 55 -7.45 18.80 17.18
CA ASN A 55 -7.37 19.08 15.75
C ASN A 55 -6.01 18.64 15.18
N ARG A 56 -5.93 17.37 14.75
CA ARG A 56 -4.69 16.68 14.36
C ARG A 56 -4.80 15.81 13.11
N SER A 57 -3.64 15.40 12.62
CA SER A 57 -3.43 14.38 11.60
C SER A 57 -2.14 13.60 11.94
N PHE A 58 -1.90 12.49 11.22
CA PHE A 58 -0.82 11.54 11.52
C PHE A 58 0.05 11.30 10.30
N ILE A 59 1.35 11.47 10.49
CA ILE A 59 2.40 11.06 9.55
C ILE A 59 2.79 9.62 9.93
N ALA A 60 2.98 8.75 8.93
CA ALA A 60 3.50 7.40 9.12
C ALA A 60 4.71 7.17 8.20
N GLU A 61 5.69 6.44 8.71
CA GLU A 61 6.97 6.20 8.03
C GLU A 61 7.49 4.77 8.24
N MET A 62 8.23 4.26 7.25
CA MET A 62 8.74 2.88 7.17
C MET A 62 9.90 2.80 6.16
N THR A 63 10.88 1.93 6.46
CA THR A 63 12.02 1.62 5.59
C THR A 63 12.27 0.12 5.63
N ILE A 64 12.44 -0.50 4.47
CA ILE A 64 12.66 -1.96 4.32
C ILE A 64 13.80 -2.27 3.35
N TYR A 65 14.55 -3.33 3.67
CA TYR A 65 15.65 -3.83 2.85
C TYR A 65 15.22 -5.01 1.97
N ILE A 66 15.69 -4.99 0.72
CA ILE A 66 15.34 -5.94 -0.34
C ILE A 66 16.56 -6.79 -0.67
N LYS A 67 16.60 -7.97 -0.05
CA LYS A 67 17.71 -8.94 -0.19
C LYS A 67 17.85 -9.55 -1.59
N GLN A 68 16.76 -9.55 -2.36
CA GLN A 68 16.74 -9.96 -3.77
C GLN A 68 17.30 -8.91 -4.76
N LEU A 69 17.55 -7.68 -4.29
CA LEU A 69 18.18 -6.59 -5.07
C LEU A 69 19.53 -6.11 -4.49
N GLY A 70 19.74 -6.22 -3.18
CA GLY A 70 20.95 -5.75 -2.49
C GLY A 70 20.88 -4.28 -2.05
N ARG A 71 19.67 -3.75 -1.84
CA ARG A 71 19.39 -2.34 -1.50
C ARG A 71 18.16 -2.20 -0.60
N ARG A 72 17.77 -0.98 -0.24
CA ARG A 72 16.59 -0.67 0.59
C ARG A 72 15.73 0.47 0.01
N ILE A 73 14.49 0.56 0.49
CA ILE A 73 13.49 1.60 0.14
C ILE A 73 12.81 2.15 1.39
N PHE A 74 12.46 3.44 1.36
CA PHE A 74 11.91 4.20 2.48
C PHE A 74 10.69 5.03 2.02
N ALA A 75 9.78 5.30 2.95
CA ALA A 75 8.58 6.12 2.76
C ALA A 75 8.24 6.94 4.01
N ARG A 76 7.57 8.08 3.79
CA ARG A 76 7.03 8.98 4.82
C ARG A 76 5.82 9.73 4.26
N GLU A 77 4.63 9.35 4.69
CA GLU A 77 3.34 9.77 4.14
C GLU A 77 2.38 10.15 5.29
N HIS A 78 1.16 10.62 4.99
CA HIS A 78 0.22 11.10 6.03
C HIS A 78 -1.27 10.94 5.68
N GLY A 79 -2.09 10.81 6.72
CA GLY A 79 -3.55 10.75 6.67
C GLY A 79 -4.20 11.39 7.91
N SER A 80 -5.52 11.45 7.95
CA SER A 80 -6.28 12.01 9.10
C SER A 80 -6.15 11.17 10.39
N ASN A 81 -5.72 9.91 10.27
CA ASN A 81 -5.57 8.92 11.34
C ASN A 81 -4.62 7.78 10.91
N LYS A 82 -4.12 7.00 11.88
CA LYS A 82 -3.04 6.02 11.65
C LYS A 82 -3.31 4.99 10.53
N LYS A 83 -4.57 4.53 10.39
CA LYS A 83 -4.96 3.61 9.30
C LYS A 83 -4.71 4.21 7.90
N LEU A 84 -5.25 5.42 7.67
CA LEU A 84 -5.04 6.20 6.44
C LEU A 84 -3.56 6.52 6.19
N ALA A 85 -2.83 6.91 7.23
CA ALA A 85 -1.39 7.18 7.14
C ALA A 85 -0.58 5.94 6.75
N ALA A 86 -0.84 4.78 7.37
CA ALA A 86 -0.19 3.50 7.06
C ALA A 86 -0.61 2.93 5.69
N GLN A 87 -1.85 3.16 5.25
CA GLN A 87 -2.33 2.87 3.90
C GLN A 87 -1.51 3.63 2.84
N SER A 88 -1.35 4.95 3.01
CA SER A 88 -0.52 5.75 2.10
C SER A 88 0.96 5.34 2.16
N CYS A 89 1.49 5.06 3.36
CA CYS A 89 2.84 4.55 3.55
C CYS A 89 3.06 3.22 2.81
N ALA A 90 2.15 2.25 2.94
CA ALA A 90 2.22 0.98 2.23
C ALA A 90 2.23 1.17 0.70
N LEU A 91 1.36 2.03 0.17
CA LEU A 91 1.33 2.36 -1.25
C LEU A 91 2.64 3.03 -1.71
N SER A 92 3.28 3.82 -0.86
CA SER A 92 4.58 4.42 -1.13
C SER A 92 5.75 3.40 -1.17
N LEU A 93 5.74 2.35 -0.33
CA LEU A 93 6.67 1.22 -0.48
C LEU A 93 6.31 0.42 -1.73
N VAL A 94 5.04 0.07 -1.91
CA VAL A 94 4.58 -0.82 -2.99
C VAL A 94 4.82 -0.23 -4.39
N ARG A 95 4.69 1.09 -4.55
CA ARG A 95 5.02 1.76 -5.82
C ARG A 95 6.54 1.90 -6.07
N GLN A 96 7.38 1.72 -5.05
CA GLN A 96 8.85 1.58 -5.22
C GLN A 96 9.21 0.11 -5.51
N LEU A 97 8.53 -0.87 -4.88
CA LEU A 97 8.70 -2.29 -5.17
C LEU A 97 8.36 -2.62 -6.63
N TYR A 98 7.26 -2.06 -7.15
CA TYR A 98 6.87 -2.18 -8.56
C TYR A 98 7.86 -1.50 -9.52
N HIS A 99 8.36 -0.31 -9.17
CA HIS A 99 9.37 0.42 -9.97
C HIS A 99 10.73 -0.30 -10.06
N LEU A 100 11.13 -0.97 -8.97
CA LEU A 100 12.34 -1.79 -8.89
C LEU A 100 12.14 -3.24 -9.38
N GLY A 101 10.89 -3.64 -9.67
CA GLY A 101 10.55 -4.95 -10.23
C GLY A 101 10.42 -6.09 -9.21
N VAL A 102 10.21 -5.77 -7.94
CA VAL A 102 10.02 -6.73 -6.83
C VAL A 102 8.62 -7.35 -6.84
N ILE A 103 7.64 -6.63 -7.40
CA ILE A 103 6.24 -7.04 -7.55
C ILE A 103 5.72 -6.85 -8.99
N GLU A 104 4.59 -7.50 -9.26
CA GLU A 104 3.78 -7.34 -10.47
C GLU A 104 2.82 -6.14 -10.35
N ALA A 105 2.06 -5.83 -11.41
CA ALA A 105 0.94 -4.90 -11.36
C ALA A 105 -0.28 -5.58 -10.69
N TYR A 106 -1.16 -4.81 -10.04
CA TYR A 106 -2.32 -5.37 -9.33
C TYR A 106 -3.28 -6.20 -10.22
N SER A 107 -4.01 -7.07 -9.55
CA SER A 107 -4.83 -8.18 -10.06
C SER A 107 -6.23 -7.79 -10.57
N SER A 108 -6.63 -6.52 -10.46
CA SER A 108 -7.96 -6.03 -10.85
C SER A 108 -7.94 -4.53 -11.18
N GLY A 109 -9.10 -3.98 -11.55
CA GLY A 109 -9.27 -2.57 -11.94
C GLY A 109 -9.59 -1.63 -10.77
N PRO A 110 -9.55 -0.30 -11.02
CA PRO A 110 -9.82 0.72 -10.00
C PRO A 110 -11.32 0.80 -9.66
N SER A 111 -11.63 0.95 -8.37
CA SER A 111 -13.00 1.01 -7.83
C SER A 111 -13.03 1.56 -6.39
N SER A 112 -14.21 1.94 -5.88
CA SER A 112 -14.38 2.66 -4.61
C SER A 112 -15.48 2.10 -3.68
N GLY A 113 -16.11 0.98 -4.05
CA GLY A 113 -17.19 0.33 -3.28
C GLY A 113 -17.70 -0.96 -3.94
N GLY A 1 -26.36 -1.84 10.02
CA GLY A 1 -26.97 -3.14 9.68
C GLY A 1 -26.05 -4.01 8.85
N SER A 2 -26.59 -5.04 8.21
CA SER A 2 -25.86 -6.00 7.36
C SER A 2 -26.83 -6.80 6.45
N SER A 3 -26.30 -7.59 5.52
CA SER A 3 -27.05 -8.32 4.48
C SER A 3 -26.20 -9.41 3.80
N GLY A 4 -26.85 -10.34 3.09
CA GLY A 4 -26.20 -11.45 2.37
C GLY A 4 -25.69 -11.05 0.98
N SER A 5 -24.81 -11.89 0.43
CA SER A 5 -24.13 -11.68 -0.86
C SER A 5 -23.86 -13.02 -1.58
N SER A 6 -23.74 -12.99 -2.91
CA SER A 6 -23.54 -14.18 -3.77
C SER A 6 -22.96 -13.82 -5.15
N GLY A 7 -22.45 -14.83 -5.87
CA GLY A 7 -21.76 -14.67 -7.16
C GLY A 7 -20.26 -14.39 -7.02
N LEU A 8 -19.53 -14.46 -8.15
CA LEU A 8 -18.07 -14.30 -8.26
C LEU A 8 -17.68 -13.63 -9.59
N GLU A 9 -16.51 -13.00 -9.61
CA GLU A 9 -15.88 -12.37 -10.76
C GLU A 9 -14.37 -12.30 -10.50
N SER A 10 -13.56 -12.82 -11.43
CA SER A 10 -12.12 -13.06 -11.22
C SER A 10 -11.24 -12.55 -12.39
N GLU A 11 -11.74 -11.60 -13.19
CA GLU A 11 -11.07 -11.09 -14.39
C GLU A 11 -11.54 -9.65 -14.70
N GLU A 12 -10.59 -8.78 -15.05
CA GLU A 12 -10.77 -7.39 -15.46
C GLU A 12 -9.50 -6.91 -16.21
N VAL A 13 -9.64 -6.00 -17.17
CA VAL A 13 -8.57 -5.54 -18.07
C VAL A 13 -8.70 -4.03 -18.32
N ASP A 14 -7.58 -3.31 -18.32
CA ASP A 14 -7.46 -1.90 -18.70
C ASP A 14 -6.07 -1.64 -19.33
N LEU A 15 -6.06 -0.76 -20.34
CA LEU A 15 -4.91 -0.52 -21.21
C LEU A 15 -3.95 0.55 -20.69
N ASN A 16 -4.42 1.52 -19.91
CA ASN A 16 -3.61 2.61 -19.36
C ASN A 16 -3.19 2.39 -17.89
N ALA A 17 -4.00 1.69 -17.09
CA ALA A 17 -3.70 1.40 -15.68
C ALA A 17 -2.47 0.50 -15.51
N GLY A 18 -2.28 -0.46 -16.42
CA GLY A 18 -1.14 -1.39 -16.44
C GLY A 18 0.20 -0.75 -16.81
N LEU A 19 0.20 0.50 -17.30
CA LEU A 19 1.41 1.28 -17.60
C LEU A 19 1.99 1.95 -16.34
N HIS A 20 1.15 2.20 -15.32
CA HIS A 20 1.50 2.89 -14.07
C HIS A 20 1.38 2.00 -12.81
N GLY A 21 0.82 0.79 -12.94
CA GLY A 21 0.51 -0.13 -11.84
C GLY A 21 -0.83 0.21 -11.20
N ASN A 22 -1.66 -0.80 -10.97
CA ASN A 22 -3.03 -0.65 -10.46
C ASN A 22 -3.13 -0.44 -8.93
N TRP A 23 -2.02 -0.56 -8.18
CA TRP A 23 -2.04 -0.59 -6.71
C TRP A 23 -2.72 0.65 -6.10
N THR A 24 -3.59 0.37 -5.12
CA THR A 24 -4.36 1.33 -4.32
C THR A 24 -4.10 1.10 -2.84
N LEU A 25 -4.61 1.99 -1.99
CA LEU A 25 -4.40 1.96 -0.53
C LEU A 25 -4.79 0.62 0.13
N GLU A 26 -5.78 -0.09 -0.41
CA GLU A 26 -6.29 -1.32 0.19
C GLU A 26 -5.47 -2.55 -0.23
N ASN A 27 -5.20 -2.71 -1.53
CA ASN A 27 -4.43 -3.85 -2.03
C ASN A 27 -2.91 -3.70 -1.80
N ALA A 28 -2.38 -2.48 -1.64
CA ALA A 28 -0.99 -2.28 -1.22
C ALA A 28 -0.76 -2.69 0.24
N LYS A 29 -1.67 -2.33 1.16
CA LYS A 29 -1.56 -2.70 2.58
C LYS A 29 -1.55 -4.23 2.77
N ALA A 30 -2.32 -4.94 1.95
CA ALA A 30 -2.28 -6.41 1.84
C ALA A 30 -0.98 -6.92 1.17
N ARG A 31 -0.56 -6.33 0.04
CA ARG A 31 0.58 -6.83 -0.73
C ARG A 31 1.90 -6.68 0.01
N LEU A 32 2.08 -5.65 0.85
CA LEU A 32 3.26 -5.49 1.69
C LEU A 32 3.34 -6.57 2.78
N ASN A 33 2.22 -6.93 3.40
CA ASN A 33 2.15 -8.05 4.34
C ASN A 33 2.44 -9.39 3.62
N GLN A 34 1.84 -9.61 2.45
CA GLN A 34 2.12 -10.79 1.61
C GLN A 34 3.61 -10.90 1.25
N TYR A 35 4.24 -9.79 0.84
CA TYR A 35 5.69 -9.72 0.58
C TYR A 35 6.51 -10.11 1.82
N PHE A 36 6.10 -9.68 3.02
CA PHE A 36 6.74 -10.02 4.28
C PHE A 36 6.60 -11.50 4.64
N GLN A 37 5.48 -12.15 4.30
CA GLN A 37 5.33 -13.61 4.46
C GLN A 37 6.18 -14.41 3.45
N LYS A 38 6.29 -13.93 2.20
CA LYS A 38 7.03 -14.63 1.13
C LYS A 38 8.56 -14.52 1.28
N GLU A 39 9.08 -13.36 1.68
CA GLU A 39 10.51 -13.10 1.90
C GLU A 39 10.97 -13.31 3.36
N LYS A 40 10.04 -13.53 4.30
CA LYS A 40 10.31 -13.67 5.74
C LYS A 40 10.94 -12.40 6.35
N ILE A 41 10.52 -11.24 5.83
CA ILE A 41 10.87 -9.89 6.30
C ILE A 41 9.84 -9.45 7.36
N GLN A 42 10.18 -8.47 8.20
CA GLN A 42 9.28 -7.87 9.18
C GLN A 42 9.43 -6.35 9.15
N GLY A 43 8.29 -5.65 9.20
CA GLY A 43 8.20 -4.19 9.24
C GLY A 43 6.99 -3.71 10.03
N GLU A 44 7.18 -2.68 10.86
CA GLU A 44 6.15 -2.00 11.64
C GLU A 44 6.24 -0.48 11.40
N TYR A 45 5.09 0.17 11.28
CA TYR A 45 5.01 1.62 11.01
C TYR A 45 5.40 2.45 12.25
N LYS A 46 6.31 3.40 12.07
CA LYS A 46 6.62 4.43 13.07
C LYS A 46 5.76 5.66 12.76
N TYR A 47 5.11 6.25 13.77
CA TYR A 47 4.20 7.38 13.60
C TYR A 47 4.68 8.67 14.27
N THR A 48 4.21 9.81 13.75
CA THR A 48 4.34 11.16 14.33
C THR A 48 3.01 11.88 14.21
N GLN A 49 2.44 12.33 15.33
CA GLN A 49 1.25 13.19 15.33
C GLN A 49 1.63 14.63 14.94
N VAL A 50 0.78 15.30 14.16
CA VAL A 50 0.85 16.74 13.89
C VAL A 50 -0.52 17.37 14.20
N GLY A 51 -0.49 18.59 14.73
CA GLY A 51 -1.66 19.29 15.30
C GLY A 51 -1.99 18.84 16.75
N PRO A 52 -2.79 19.62 17.50
CA PRO A 52 -3.16 19.33 18.89
C PRO A 52 -4.15 18.16 19.01
N ASP A 53 -4.32 17.64 20.23
CA ASP A 53 -5.15 16.46 20.53
C ASP A 53 -6.62 16.59 20.08
N HIS A 54 -7.18 17.81 20.04
CA HIS A 54 -8.54 18.09 19.58
C HIS A 54 -8.69 18.24 18.05
N ASN A 55 -7.59 18.42 17.31
CA ASN A 55 -7.56 18.60 15.85
C ASN A 55 -6.18 18.22 15.27
N ARG A 56 -6.05 16.99 14.75
CA ARG A 56 -4.76 16.39 14.37
C ARG A 56 -4.82 15.52 13.11
N SER A 57 -3.63 15.23 12.59
CA SER A 57 -3.32 14.26 11.55
C SER A 57 -2.06 13.48 11.99
N PHE A 58 -1.80 12.34 11.35
CA PHE A 58 -0.67 11.47 11.65
C PHE A 58 0.19 11.25 10.40
N ILE A 59 1.49 11.44 10.58
CA ILE A 59 2.52 11.05 9.62
C ILE A 59 2.96 9.63 10.02
N ALA A 60 3.10 8.72 9.05
CA ALA A 60 3.62 7.37 9.25
C ALA A 60 4.79 7.12 8.30
N GLU A 61 5.80 6.39 8.77
CA GLU A 61 7.02 6.11 8.02
C GLU A 61 7.61 4.72 8.31
N MET A 62 8.30 4.17 7.30
CA MET A 62 8.80 2.79 7.24
C MET A 62 9.94 2.68 6.22
N THR A 63 10.92 1.80 6.50
CA THR A 63 12.03 1.46 5.61
C THR A 63 12.29 -0.04 5.67
N ILE A 64 12.47 -0.69 4.52
CA ILE A 64 12.74 -2.13 4.39
C ILE A 64 13.90 -2.41 3.43
N TYR A 65 14.72 -3.39 3.78
CA TYR A 65 15.84 -3.88 2.97
C TYR A 65 15.44 -5.09 2.11
N ILE A 66 15.89 -5.08 0.86
CA ILE A 66 15.55 -6.03 -0.19
C ILE A 66 16.79 -6.84 -0.57
N LYS A 67 16.92 -8.00 0.06
CA LYS A 67 18.07 -8.89 -0.13
C LYS A 67 18.17 -9.51 -1.54
N GLN A 68 17.03 -9.59 -2.23
CA GLN A 68 16.93 -10.01 -3.63
C GLN A 68 17.38 -8.96 -4.65
N LEU A 69 17.63 -7.71 -4.22
CA LEU A 69 18.19 -6.62 -5.03
C LEU A 69 19.54 -6.09 -4.52
N GLY A 70 19.82 -6.20 -3.21
CA GLY A 70 21.05 -5.68 -2.58
C GLY A 70 20.95 -4.21 -2.16
N ARG A 71 19.73 -3.72 -1.88
CA ARG A 71 19.41 -2.32 -1.54
C ARG A 71 18.21 -2.24 -0.59
N ARG A 72 17.79 -1.02 -0.23
CA ARG A 72 16.63 -0.74 0.63
C ARG A 72 15.73 0.35 0.03
N ILE A 73 14.48 0.40 0.51
CA ILE A 73 13.46 1.40 0.15
C ILE A 73 12.77 1.95 1.40
N PHE A 74 12.44 3.24 1.37
CA PHE A 74 11.89 4.01 2.48
C PHE A 74 10.68 4.82 2.02
N ALA A 75 9.76 5.12 2.95
CA ALA A 75 8.59 5.96 2.73
C ALA A 75 8.21 6.76 3.99
N ARG A 76 7.55 7.90 3.77
CA ARG A 76 6.98 8.79 4.78
C ARG A 76 5.78 9.52 4.16
N GLU A 77 4.59 9.33 4.72
CA GLU A 77 3.31 9.83 4.22
C GLU A 77 2.36 10.15 5.38
N HIS A 78 1.22 10.80 5.13
CA HIS A 78 0.32 11.26 6.20
C HIS A 78 -1.18 11.18 5.84
N GLY A 79 -1.99 10.90 6.86
CA GLY A 79 -3.46 10.82 6.80
C GLY A 79 -4.14 11.48 8.00
N SER A 80 -5.46 11.60 7.95
CA SER A 80 -6.28 12.13 9.06
C SER A 80 -6.31 11.22 10.31
N ASN A 81 -5.77 10.00 10.20
CA ASN A 81 -5.62 8.99 11.24
C ASN A 81 -4.49 8.00 10.90
N LYS A 82 -4.08 7.17 11.87
CA LYS A 82 -2.98 6.21 11.68
C LYS A 82 -3.24 5.17 10.57
N LYS A 83 -4.50 4.75 10.36
CA LYS A 83 -4.85 3.79 9.29
C LYS A 83 -4.58 4.37 7.90
N LEU A 84 -5.12 5.56 7.61
CA LEU A 84 -4.88 6.33 6.37
C LEU A 84 -3.38 6.62 6.16
N ALA A 85 -2.68 7.01 7.21
CA ALA A 85 -1.23 7.27 7.17
C ALA A 85 -0.43 6.00 6.80
N ALA A 86 -0.69 4.87 7.46
CA ALA A 86 -0.03 3.58 7.20
C ALA A 86 -0.43 2.97 5.84
N GLN A 87 -1.66 3.19 5.38
CA GLN A 87 -2.12 2.86 4.03
C GLN A 87 -1.32 3.62 2.96
N SER A 88 -1.14 4.93 3.14
CA SER A 88 -0.39 5.77 2.21
C SER A 88 1.11 5.43 2.21
N CYS A 89 1.65 5.10 3.39
CA CYS A 89 3.00 4.57 3.56
C CYS A 89 3.15 3.21 2.83
N ALA A 90 2.22 2.27 3.02
CA ALA A 90 2.23 0.96 2.36
C ALA A 90 2.23 1.09 0.83
N LEU A 91 1.36 1.94 0.28
CA LEU A 91 1.32 2.21 -1.16
C LEU A 91 2.63 2.83 -1.66
N SER A 92 3.34 3.58 -0.83
CA SER A 92 4.66 4.14 -1.17
C SER A 92 5.78 3.10 -1.16
N LEU A 93 5.75 2.06 -0.30
CA LEU A 93 6.67 0.91 -0.40
C LEU A 93 6.27 0.07 -1.60
N VAL A 94 4.98 -0.27 -1.74
CA VAL A 94 4.49 -1.17 -2.80
C VAL A 94 4.74 -0.61 -4.20
N ARG A 95 4.61 0.71 -4.41
CA ARG A 95 4.94 1.32 -5.70
C ARG A 95 6.44 1.37 -5.98
N GLN A 96 7.30 1.41 -4.96
CA GLN A 96 8.75 1.24 -5.15
C GLN A 96 9.10 -0.22 -5.45
N LEU A 97 8.45 -1.20 -4.81
CA LEU A 97 8.61 -2.63 -5.11
C LEU A 97 8.22 -2.94 -6.57
N TYR A 98 7.11 -2.36 -7.05
CA TYR A 98 6.66 -2.45 -8.44
C TYR A 98 7.64 -1.78 -9.42
N HIS A 99 8.12 -0.56 -9.14
CA HIS A 99 9.08 0.15 -10.01
C HIS A 99 10.49 -0.51 -10.04
N LEU A 100 10.86 -1.26 -8.99
CA LEU A 100 12.07 -2.10 -8.93
C LEU A 100 11.87 -3.53 -9.47
N GLY A 101 10.63 -3.93 -9.77
CA GLY A 101 10.29 -5.23 -10.38
C GLY A 101 10.14 -6.39 -9.37
N VAL A 102 9.95 -6.08 -8.08
CA VAL A 102 9.79 -7.07 -7.00
C VAL A 102 8.37 -7.67 -6.98
N ILE A 103 7.38 -6.91 -7.48
CA ILE A 103 5.96 -7.30 -7.57
C ILE A 103 5.38 -7.07 -8.97
N GLU A 104 4.21 -7.65 -9.21
CA GLU A 104 3.36 -7.47 -10.39
C GLU A 104 2.47 -6.21 -10.26
N ALA A 105 1.61 -5.97 -11.26
CA ALA A 105 0.53 -4.98 -11.18
C ALA A 105 -0.76 -5.66 -10.66
N TYR A 106 -1.53 -4.97 -9.83
CA TYR A 106 -2.79 -5.50 -9.27
C TYR A 106 -3.89 -5.75 -10.34
N SER A 107 -4.85 -6.61 -10.03
CA SER A 107 -5.83 -7.11 -11.01
C SER A 107 -6.95 -6.12 -11.37
N SER A 108 -7.52 -5.41 -10.40
CA SER A 108 -8.67 -4.52 -10.62
C SER A 108 -8.27 -3.04 -10.79
N GLY A 109 -9.08 -2.26 -11.52
CA GLY A 109 -8.92 -0.81 -11.64
C GLY A 109 -9.46 -0.05 -10.41
N PRO A 110 -8.99 1.19 -10.16
CA PRO A 110 -9.48 2.04 -9.07
C PRO A 110 -10.90 2.55 -9.36
N SER A 111 -11.66 2.82 -8.30
CA SER A 111 -13.06 3.29 -8.35
C SER A 111 -13.47 3.97 -7.02
N SER A 112 -14.41 4.92 -7.07
CA SER A 112 -14.82 5.74 -5.91
C SER A 112 -15.80 5.05 -4.94
N GLY A 113 -16.30 3.87 -5.28
CA GLY A 113 -17.24 3.07 -4.47
C GLY A 113 -17.78 1.84 -5.21
N GLY A 1 -26.46 -10.15 3.58
CA GLY A 1 -26.27 -8.74 4.03
C GLY A 1 -27.58 -8.11 4.47
N SER A 2 -27.55 -6.84 4.87
CA SER A 2 -28.71 -6.11 5.43
C SER A 2 -29.81 -5.82 4.39
N SER A 3 -29.49 -5.87 3.10
CA SER A 3 -30.43 -5.75 1.97
C SER A 3 -30.91 -7.11 1.42
N GLY A 4 -30.53 -8.23 2.07
CA GLY A 4 -30.73 -9.61 1.63
C GLY A 4 -29.44 -10.25 1.11
N SER A 5 -29.57 -11.40 0.45
CA SER A 5 -28.47 -12.22 -0.06
C SER A 5 -28.87 -12.97 -1.35
N SER A 6 -27.94 -13.16 -2.28
CA SER A 6 -28.15 -13.82 -3.58
C SER A 6 -26.81 -14.18 -4.25
N GLY A 7 -26.84 -15.01 -5.30
CA GLY A 7 -25.67 -15.39 -6.10
C GLY A 7 -25.30 -14.27 -7.07
N LEU A 8 -24.05 -13.81 -7.01
CA LEU A 8 -23.53 -12.61 -7.69
C LEU A 8 -22.07 -12.78 -8.12
N GLU A 9 -21.64 -11.93 -9.04
CA GLU A 9 -20.27 -11.80 -9.53
C GLU A 9 -20.04 -10.37 -10.03
N SER A 10 -18.94 -9.75 -9.60
CA SER A 10 -18.51 -8.43 -10.06
C SER A 10 -16.97 -8.32 -10.03
N GLU A 11 -16.38 -7.82 -11.11
CA GLU A 11 -14.93 -7.71 -11.35
C GLU A 11 -14.66 -6.71 -12.49
N GLU A 12 -13.52 -6.02 -12.46
CA GLU A 12 -13.10 -5.05 -13.48
C GLU A 12 -11.57 -4.98 -13.54
N VAL A 13 -11.02 -4.72 -14.74
CA VAL A 13 -9.58 -4.82 -15.07
C VAL A 13 -9.24 -3.79 -16.15
N ASP A 14 -8.08 -3.13 -16.01
CA ASP A 14 -7.52 -2.22 -17.03
C ASP A 14 -6.00 -2.35 -17.16
N LEU A 15 -5.54 -2.27 -18.40
CA LEU A 15 -4.17 -2.40 -18.85
C LEU A 15 -3.51 -1.04 -19.13
N ASN A 16 -4.30 0.00 -19.40
CA ASN A 16 -3.80 1.38 -19.57
C ASN A 16 -3.25 1.91 -18.24
N ALA A 17 -3.97 1.69 -17.13
CA ALA A 17 -3.50 1.91 -15.77
C ALA A 17 -2.31 0.98 -15.41
N GLY A 18 -2.22 -0.20 -16.05
CA GLY A 18 -1.16 -1.19 -15.84
C GLY A 18 0.23 -0.75 -16.33
N LEU A 19 0.29 0.31 -17.14
CA LEU A 19 1.54 0.98 -17.53
C LEU A 19 2.13 1.81 -16.36
N HIS A 20 1.30 2.16 -15.37
CA HIS A 20 1.64 2.93 -14.16
C HIS A 20 1.52 2.12 -12.86
N GLY A 21 0.97 0.89 -12.93
CA GLY A 21 0.68 0.01 -11.79
C GLY A 21 -0.71 0.26 -11.21
N ASN A 22 -1.50 -0.80 -11.04
CA ASN A 22 -2.88 -0.75 -10.54
C ASN A 22 -2.99 -0.75 -9.01
N TRP A 23 -1.88 -0.77 -8.27
CA TRP A 23 -1.86 -0.85 -6.80
C TRP A 23 -2.65 0.29 -6.15
N THR A 24 -3.55 -0.11 -5.25
CA THR A 24 -4.44 0.75 -4.46
C THR A 24 -4.04 0.71 -2.99
N LEU A 25 -4.59 1.61 -2.18
CA LEU A 25 -4.32 1.70 -0.74
C LEU A 25 -4.53 0.37 0.01
N GLU A 26 -5.57 -0.39 -0.36
CA GLU A 26 -5.91 -1.64 0.33
C GLU A 26 -5.07 -2.81 -0.19
N ASN A 27 -4.95 -2.94 -1.52
CA ASN A 27 -4.18 -4.03 -2.13
C ASN A 27 -2.67 -3.87 -1.91
N ALA A 28 -2.15 -2.66 -1.72
CA ALA A 28 -0.76 -2.43 -1.31
C ALA A 28 -0.50 -2.85 0.14
N LYS A 29 -1.39 -2.52 1.08
CA LYS A 29 -1.23 -2.94 2.48
C LYS A 29 -1.22 -4.47 2.62
N ALA A 30 -2.08 -5.15 1.85
CA ALA A 30 -2.05 -6.60 1.70
C ALA A 30 -0.76 -7.10 1.03
N ARG A 31 -0.31 -6.49 -0.08
CA ARG A 31 0.86 -6.95 -0.84
C ARG A 31 2.17 -6.78 -0.07
N LEU A 32 2.29 -5.75 0.77
CA LEU A 32 3.46 -5.57 1.64
C LEU A 32 3.52 -6.65 2.73
N ASN A 33 2.38 -7.02 3.31
CA ASN A 33 2.28 -8.15 4.23
C ASN A 33 2.58 -9.51 3.54
N GLN A 34 2.10 -9.71 2.31
CA GLN A 34 2.43 -10.88 1.50
C GLN A 34 3.94 -10.97 1.22
N TYR A 35 4.58 -9.86 0.84
CA TYR A 35 6.03 -9.78 0.64
C TYR A 35 6.80 -10.18 1.91
N PHE A 36 6.35 -9.73 3.08
CA PHE A 36 6.93 -10.07 4.38
C PHE A 36 6.74 -11.55 4.74
N GLN A 37 5.60 -12.15 4.40
CA GLN A 37 5.32 -13.57 4.63
C GLN A 37 6.11 -14.49 3.67
N LYS A 38 6.42 -14.04 2.46
CA LYS A 38 7.21 -14.81 1.47
C LYS A 38 8.73 -14.70 1.71
N GLU A 39 9.23 -13.51 2.04
CA GLU A 39 10.67 -13.26 2.26
C GLU A 39 11.11 -13.45 3.72
N LYS A 40 10.17 -13.67 4.65
CA LYS A 40 10.42 -13.80 6.10
C LYS A 40 11.02 -12.51 6.72
N ILE A 41 10.60 -11.37 6.17
CA ILE A 41 10.94 -10.01 6.60
C ILE A 41 9.86 -9.52 7.58
N GLN A 42 10.15 -8.50 8.39
CA GLN A 42 9.20 -7.86 9.29
C GLN A 42 9.34 -6.34 9.21
N GLY A 43 8.20 -5.66 9.13
CA GLY A 43 8.08 -4.20 9.11
C GLY A 43 6.86 -3.72 9.90
N GLU A 44 7.04 -2.70 10.73
CA GLU A 44 5.99 -2.02 11.49
C GLU A 44 6.05 -0.51 11.25
N TYR A 45 4.90 0.15 11.11
CA TYR A 45 4.81 1.58 10.82
C TYR A 45 5.18 2.43 12.05
N LYS A 46 6.07 3.40 11.84
CA LYS A 46 6.39 4.46 12.80
C LYS A 46 5.50 5.68 12.47
N TYR A 47 5.02 6.40 13.49
CA TYR A 47 4.13 7.56 13.28
C TYR A 47 4.66 8.87 13.90
N THR A 48 4.24 9.99 13.30
CA THR A 48 4.39 11.37 13.81
C THR A 48 3.02 12.03 13.79
N GLN A 49 2.51 12.40 14.95
CA GLN A 49 1.31 13.23 15.07
C GLN A 49 1.61 14.65 14.62
N VAL A 50 0.66 15.30 13.93
CA VAL A 50 0.69 16.74 13.64
C VAL A 50 -0.64 17.38 14.07
N GLY A 51 -0.55 18.60 14.58
CA GLY A 51 -1.66 19.30 15.26
C GLY A 51 -1.82 18.90 16.75
N PRO A 52 -2.53 19.71 17.55
CA PRO A 52 -2.79 19.46 18.97
C PRO A 52 -3.76 18.28 19.18
N ASP A 53 -3.77 17.71 20.38
CA ASP A 53 -4.48 16.44 20.67
C ASP A 53 -6.01 16.50 20.50
N HIS A 54 -6.60 17.70 20.53
CA HIS A 54 -8.02 17.95 20.26
C HIS A 54 -8.37 18.14 18.77
N ASN A 55 -7.36 18.36 17.90
CA ASN A 55 -7.49 18.56 16.46
C ASN A 55 -6.17 18.21 15.74
N ARG A 56 -6.03 16.93 15.36
CA ARG A 56 -4.79 16.32 14.86
C ARG A 56 -4.99 15.43 13.64
N SER A 57 -3.87 15.09 13.00
CA SER A 57 -3.71 14.09 11.96
C SER A 57 -2.33 13.42 12.10
N PHE A 58 -2.05 12.41 11.27
CA PHE A 58 -0.87 11.54 11.46
C PHE A 58 -0.08 11.32 10.17
N ILE A 59 1.23 11.46 10.30
CA ILE A 59 2.21 11.04 9.30
C ILE A 59 2.67 9.63 9.70
N ALA A 60 2.78 8.70 8.76
CA ALA A 60 3.34 7.37 8.97
C ALA A 60 4.55 7.14 8.05
N GLU A 61 5.51 6.34 8.52
CA GLU A 61 6.77 6.09 7.84
C GLU A 61 7.33 4.69 8.10
N MET A 62 8.08 4.17 7.13
CA MET A 62 8.65 2.82 7.12
C MET A 62 9.81 2.74 6.13
N THR A 63 10.83 1.93 6.45
CA THR A 63 11.99 1.62 5.60
C THR A 63 12.28 0.13 5.66
N ILE A 64 12.48 -0.52 4.52
CA ILE A 64 12.76 -1.96 4.40
C ILE A 64 13.93 -2.24 3.46
N TYR A 65 14.73 -3.24 3.80
CA TYR A 65 15.85 -3.72 3.00
C TYR A 65 15.45 -4.91 2.11
N ILE A 66 15.92 -4.90 0.87
CA ILE A 66 15.58 -5.84 -0.20
C ILE A 66 16.82 -6.67 -0.54
N LYS A 67 16.91 -7.84 0.08
CA LYS A 67 18.03 -8.77 -0.08
C LYS A 67 18.18 -9.38 -1.48
N GLN A 68 17.09 -9.40 -2.24
CA GLN A 68 17.06 -9.80 -3.66
C GLN A 68 17.58 -8.72 -4.65
N LEU A 69 17.79 -7.49 -4.17
CA LEU A 69 18.39 -6.39 -4.95
C LEU A 69 19.73 -5.87 -4.39
N GLY A 70 19.97 -6.00 -3.08
CA GLY A 70 21.18 -5.49 -2.41
C GLY A 70 21.07 -4.03 -1.97
N ARG A 71 19.85 -3.53 -1.74
CA ARG A 71 19.53 -2.13 -1.39
C ARG A 71 18.29 -2.04 -0.48
N ARG A 72 17.87 -0.83 -0.12
CA ARG A 72 16.68 -0.56 0.71
C ARG A 72 15.78 0.52 0.10
N ILE A 73 14.53 0.58 0.55
CA ILE A 73 13.50 1.55 0.17
C ILE A 73 12.76 2.09 1.39
N PHE A 74 12.39 3.38 1.34
CA PHE A 74 11.83 4.15 2.45
C PHE A 74 10.60 4.96 1.97
N ALA A 75 9.65 5.21 2.87
CA ALA A 75 8.48 6.05 2.65
C ALA A 75 8.09 6.84 3.91
N ARG A 76 7.42 7.98 3.69
CA ARG A 76 6.84 8.85 4.73
C ARG A 76 5.65 9.61 4.14
N GLU A 77 4.45 9.35 4.64
CA GLU A 77 3.18 9.79 4.05
C GLU A 77 2.16 10.25 5.10
N HIS A 78 1.35 11.25 4.75
CA HIS A 78 0.37 11.88 5.63
C HIS A 78 -1.09 11.45 5.34
N GLY A 79 -1.81 11.00 6.38
CA GLY A 79 -3.25 10.74 6.38
C GLY A 79 -3.97 11.51 7.49
N SER A 80 -5.30 11.63 7.39
CA SER A 80 -6.13 12.26 8.43
C SER A 80 -6.16 11.47 9.75
N ASN A 81 -5.69 10.21 9.73
CA ASN A 81 -5.55 9.28 10.86
C ASN A 81 -4.51 8.20 10.54
N LYS A 82 -4.12 7.38 11.54
CA LYS A 82 -3.10 6.34 11.38
C LYS A 82 -3.46 5.27 10.32
N LYS A 83 -4.74 4.92 10.16
CA LYS A 83 -5.19 3.93 9.17
C LYS A 83 -4.95 4.39 7.72
N LEU A 84 -5.29 5.64 7.43
CA LEU A 84 -5.03 6.31 6.14
C LEU A 84 -3.54 6.51 5.90
N ALA A 85 -2.81 6.94 6.94
CA ALA A 85 -1.36 7.16 6.87
C ALA A 85 -0.58 5.87 6.57
N ALA A 86 -0.90 4.76 7.26
CA ALA A 86 -0.28 3.45 7.03
C ALA A 86 -0.63 2.85 5.66
N GLN A 87 -1.87 3.04 5.19
CA GLN A 87 -2.28 2.69 3.82
C GLN A 87 -1.47 3.46 2.78
N SER A 88 -1.29 4.77 2.95
CA SER A 88 -0.51 5.60 2.03
C SER A 88 0.98 5.21 2.06
N CYS A 89 1.53 4.97 3.26
CA CYS A 89 2.89 4.48 3.45
C CYS A 89 3.11 3.14 2.73
N ALA A 90 2.20 2.16 2.91
CA ALA A 90 2.27 0.87 2.24
C ALA A 90 2.30 1.01 0.70
N LEU A 91 1.42 1.85 0.15
CA LEU A 91 1.39 2.14 -1.28
C LEU A 91 2.70 2.77 -1.77
N SER A 92 3.36 3.61 -0.97
CA SER A 92 4.68 4.14 -1.33
C SER A 92 5.83 3.12 -1.26
N LEU A 93 5.78 2.08 -0.41
CA LEU A 93 6.73 0.95 -0.49
C LEU A 93 6.38 0.09 -1.70
N VAL A 94 5.12 -0.29 -1.86
CA VAL A 94 4.67 -1.18 -2.95
C VAL A 94 4.92 -0.59 -4.34
N ARG A 95 4.76 0.73 -4.52
CA ARG A 95 5.11 1.38 -5.79
C ARG A 95 6.61 1.50 -6.04
N GLN A 96 7.46 1.43 -5.00
CA GLN A 96 8.91 1.31 -5.17
C GLN A 96 9.32 -0.15 -5.47
N LEU A 97 8.65 -1.14 -4.86
CA LEU A 97 8.84 -2.56 -5.18
C LEU A 97 8.49 -2.83 -6.65
N TYR A 98 7.40 -2.25 -7.16
CA TYR A 98 6.99 -2.28 -8.56
C TYR A 98 7.98 -1.56 -9.49
N HIS A 99 8.46 -0.37 -9.12
CA HIS A 99 9.45 0.40 -9.90
C HIS A 99 10.81 -0.32 -10.02
N LEU A 100 11.24 -1.00 -8.95
CA LEU A 100 12.48 -1.80 -8.91
C LEU A 100 12.29 -3.24 -9.46
N GLY A 101 11.05 -3.65 -9.77
CA GLY A 101 10.75 -4.94 -10.40
C GLY A 101 10.63 -6.12 -9.44
N VAL A 102 10.43 -5.87 -8.14
CA VAL A 102 10.19 -6.89 -7.11
C VAL A 102 8.77 -7.48 -7.22
N ILE A 103 7.82 -6.67 -7.72
CA ILE A 103 6.42 -7.06 -8.00
C ILE A 103 5.99 -6.60 -9.41
N GLU A 104 4.87 -7.16 -9.87
CA GLU A 104 4.14 -6.72 -11.07
C GLU A 104 2.96 -5.82 -10.67
N ALA A 105 2.14 -5.39 -11.63
CA ALA A 105 0.92 -4.60 -11.37
C ALA A 105 -0.19 -5.42 -10.68
N TYR A 106 -1.05 -4.75 -9.91
CA TYR A 106 -2.22 -5.39 -9.26
C TYR A 106 -3.19 -6.04 -10.27
N SER A 107 -3.96 -7.04 -9.80
CA SER A 107 -4.76 -7.95 -10.62
C SER A 107 -6.07 -7.36 -11.20
N SER A 108 -6.61 -6.30 -10.60
CA SER A 108 -7.86 -5.63 -11.00
C SER A 108 -7.66 -4.13 -11.25
N GLY A 109 -8.67 -3.46 -11.82
CA GLY A 109 -8.61 -2.02 -12.11
C GLY A 109 -8.62 -1.16 -10.84
N PRO A 110 -7.85 -0.06 -10.76
CA PRO A 110 -7.77 0.79 -9.59
C PRO A 110 -9.06 1.61 -9.40
N SER A 111 -9.50 1.76 -8.15
CA SER A 111 -10.72 2.48 -7.76
C SER A 111 -10.74 2.75 -6.24
N SER A 112 -11.73 3.52 -5.77
CA SER A 112 -11.86 3.97 -4.38
C SER A 112 -13.32 4.23 -3.92
N GLY A 113 -14.31 3.94 -4.78
CA GLY A 113 -15.75 4.15 -4.49
C GLY A 113 -16.64 3.81 -5.69
N GLY A 1 -23.20 0.54 24.26
CA GLY A 1 -23.34 -0.35 23.09
C GLY A 1 -22.58 0.19 21.89
N SER A 2 -22.83 -0.39 20.71
CA SER A 2 -22.19 -0.03 19.43
C SER A 2 -23.00 -0.58 18.23
N SER A 3 -22.65 -0.18 17.01
CA SER A 3 -23.33 -0.55 15.75
C SER A 3 -22.45 -0.21 14.52
N GLY A 4 -22.76 -0.80 13.36
CA GLY A 4 -22.02 -0.62 12.11
C GLY A 4 -20.74 -1.47 12.05
N SER A 5 -19.74 -1.01 11.31
CA SER A 5 -18.40 -1.60 11.13
C SER A 5 -18.38 -2.83 10.20
N SER A 6 -19.41 -3.69 10.26
CA SER A 6 -19.62 -4.82 9.34
C SER A 6 -20.22 -4.41 7.98
N GLY A 7 -20.70 -3.16 7.86
CA GLY A 7 -21.19 -2.53 6.63
C GLY A 7 -20.51 -1.18 6.36
N LEU A 8 -20.40 -0.82 5.07
CA LEU A 8 -19.76 0.41 4.56
C LEU A 8 -20.09 0.64 3.08
N GLU A 9 -19.63 1.75 2.52
CA GLU A 9 -19.68 2.09 1.10
C GLU A 9 -18.52 3.03 0.77
N SER A 10 -17.68 2.62 -0.18
CA SER A 10 -16.61 3.44 -0.78
C SER A 10 -16.18 2.81 -2.12
N GLU A 11 -16.11 3.62 -3.18
CA GLU A 11 -15.73 3.19 -4.54
C GLU A 11 -15.21 4.38 -5.37
N GLU A 12 -14.03 4.22 -5.97
CA GLU A 12 -13.34 5.21 -6.82
C GLU A 12 -12.43 4.47 -7.82
N VAL A 13 -12.41 4.92 -9.09
CA VAL A 13 -11.69 4.27 -10.19
C VAL A 13 -11.20 5.28 -11.24
N ASP A 14 -10.02 5.02 -11.80
CA ASP A 14 -9.35 5.81 -12.84
C ASP A 14 -8.18 5.02 -13.47
N LEU A 15 -8.01 5.20 -14.78
CA LEU A 15 -7.01 4.51 -15.59
C LEU A 15 -5.65 5.23 -15.58
N ASN A 16 -5.63 6.56 -15.39
CA ASN A 16 -4.39 7.35 -15.34
C ASN A 16 -3.59 7.03 -14.06
N ALA A 17 -4.27 6.84 -12.93
CA ALA A 17 -3.71 6.33 -11.68
C ALA A 17 -3.13 4.90 -11.80
N GLY A 18 -3.63 4.09 -12.74
CA GLY A 18 -3.16 2.73 -13.01
C GLY A 18 -1.85 2.65 -13.80
N LEU A 19 -1.41 3.76 -14.40
CA LEU A 19 -0.09 3.88 -15.07
C LEU A 19 1.08 3.80 -14.08
N HIS A 20 0.82 4.04 -12.80
CA HIS A 20 1.74 3.90 -11.66
C HIS A 20 1.64 2.51 -10.99
N GLY A 21 0.92 1.58 -11.61
CA GLY A 21 0.51 0.28 -11.08
C GLY A 21 -0.84 0.39 -10.39
N ASN A 22 -1.74 -0.58 -10.62
CA ASN A 22 -3.12 -0.55 -10.11
C ASN A 22 -3.24 -0.67 -8.57
N TRP A 23 -2.12 -0.86 -7.85
CA TRP A 23 -2.08 -0.88 -6.38
C TRP A 23 -2.77 0.36 -5.80
N THR A 24 -3.82 0.12 -5.00
CA THR A 24 -4.54 1.14 -4.22
C THR A 24 -4.12 1.07 -2.76
N LEU A 25 -4.63 1.97 -1.92
CA LEU A 25 -4.36 2.01 -0.48
C LEU A 25 -4.62 0.66 0.22
N GLU A 26 -5.65 -0.09 -0.19
CA GLU A 26 -6.01 -1.37 0.43
C GLU A 26 -5.20 -2.52 -0.17
N ASN A 27 -5.06 -2.57 -1.50
CA ASN A 27 -4.31 -3.62 -2.19
C ASN A 27 -2.82 -3.57 -1.82
N ALA A 28 -2.25 -2.38 -1.62
CA ALA A 28 -0.87 -2.20 -1.18
C ALA A 28 -0.66 -2.61 0.29
N LYS A 29 -1.58 -2.24 1.20
CA LYS A 29 -1.48 -2.62 2.61
C LYS A 29 -1.49 -4.15 2.79
N ALA A 30 -2.27 -4.85 1.96
CA ALA A 30 -2.24 -6.31 1.85
C ALA A 30 -0.94 -6.82 1.18
N ARG A 31 -0.51 -6.21 0.07
CA ARG A 31 0.64 -6.69 -0.72
C ARG A 31 1.98 -6.58 0.03
N LEU A 32 2.14 -5.57 0.88
CA LEU A 32 3.33 -5.43 1.72
C LEU A 32 3.41 -6.54 2.78
N ASN A 33 2.27 -6.92 3.37
CA ASN A 33 2.19 -8.06 4.28
C ASN A 33 2.39 -9.41 3.57
N GLN A 34 1.90 -9.56 2.33
CA GLN A 34 2.19 -10.73 1.48
C GLN A 34 3.69 -10.84 1.18
N TYR A 35 4.35 -9.75 0.81
CA TYR A 35 5.80 -9.69 0.60
C TYR A 35 6.59 -10.12 1.85
N PHE A 36 6.13 -9.69 3.03
CA PHE A 36 6.72 -10.07 4.33
C PHE A 36 6.51 -11.55 4.66
N GLN A 37 5.36 -12.14 4.30
CA GLN A 37 5.13 -13.58 4.45
C GLN A 37 5.98 -14.42 3.48
N LYS A 38 6.16 -13.97 2.24
CA LYS A 38 6.98 -14.66 1.22
C LYS A 38 8.47 -14.63 1.57
N GLU A 39 9.02 -13.46 1.89
CA GLU A 39 10.45 -13.24 2.14
C GLU A 39 10.88 -13.47 3.60
N LYS A 40 9.93 -13.69 4.52
CA LYS A 40 10.17 -13.86 5.97
C LYS A 40 10.75 -12.59 6.63
N ILE A 41 10.37 -11.43 6.09
CA ILE A 41 10.77 -10.08 6.53
C ILE A 41 9.75 -9.57 7.58
N GLN A 42 10.16 -8.63 8.42
CA GLN A 42 9.34 -8.03 9.47
C GLN A 42 9.49 -6.50 9.41
N GLY A 43 8.36 -5.79 9.32
CA GLY A 43 8.28 -4.33 9.34
C GLY A 43 7.07 -3.84 10.11
N GLU A 44 7.25 -2.77 10.90
CA GLU A 44 6.20 -2.08 11.66
C GLU A 44 6.27 -0.56 11.44
N TYR A 45 5.12 0.11 11.39
CA TYR A 45 5.01 1.54 11.12
C TYR A 45 5.39 2.38 12.35
N LYS A 46 6.24 3.39 12.14
CA LYS A 46 6.56 4.44 13.12
C LYS A 46 5.74 5.71 12.79
N TYR A 47 5.10 6.33 13.79
CA TYR A 47 4.17 7.44 13.58
C TYR A 47 4.61 8.77 14.21
N THR A 48 4.14 9.88 13.63
CA THR A 48 4.23 11.26 14.14
C THR A 48 2.84 11.91 14.03
N GLN A 49 2.28 12.37 15.14
CA GLN A 49 1.06 13.20 15.14
C GLN A 49 1.41 14.63 14.69
N VAL A 50 0.53 15.26 13.90
CA VAL A 50 0.57 16.69 13.59
C VAL A 50 -0.78 17.33 13.92
N GLY A 51 -0.74 18.56 14.42
CA GLY A 51 -1.88 19.26 15.03
C GLY A 51 -2.18 18.84 16.48
N PRO A 52 -2.96 19.64 17.24
CA PRO A 52 -3.29 19.37 18.65
C PRO A 52 -4.26 18.21 18.82
N ASP A 53 -4.41 17.71 20.06
CA ASP A 53 -5.23 16.55 20.41
C ASP A 53 -6.71 16.66 20.00
N HIS A 54 -7.26 17.89 19.95
CA HIS A 54 -8.64 18.16 19.52
C HIS A 54 -8.83 18.26 17.98
N ASN A 55 -7.75 18.42 17.22
CA ASN A 55 -7.76 18.58 15.76
C ASN A 55 -6.40 18.17 15.15
N ARG A 56 -6.28 16.93 14.66
CA ARG A 56 -5.02 16.33 14.25
C ARG A 56 -5.11 15.44 12.99
N SER A 57 -3.93 15.18 12.44
CA SER A 57 -3.63 14.20 11.39
C SER A 57 -2.33 13.46 11.77
N PHE A 58 -1.99 12.39 11.05
CA PHE A 58 -0.85 11.54 11.35
C PHE A 58 0.04 11.31 10.13
N ILE A 59 1.34 11.39 10.37
CA ILE A 59 2.41 10.97 9.46
C ILE A 59 2.84 9.57 9.92
N ALA A 60 3.08 8.66 8.98
CA ALA A 60 3.60 7.32 9.23
C ALA A 60 4.78 7.03 8.29
N GLU A 61 5.79 6.33 8.80
CA GLU A 61 7.01 6.02 8.06
C GLU A 61 7.52 4.59 8.33
N MET A 62 8.24 4.05 7.34
CA MET A 62 8.77 2.69 7.29
C MET A 62 9.91 2.59 6.27
N THR A 63 10.90 1.73 6.56
CA THR A 63 12.05 1.43 5.69
C THR A 63 12.32 -0.07 5.74
N ILE A 64 12.50 -0.70 4.59
CA ILE A 64 12.77 -2.14 4.44
C ILE A 64 13.92 -2.42 3.47
N TYR A 65 14.71 -3.43 3.79
CA TYR A 65 15.82 -3.91 2.95
C TYR A 65 15.38 -5.08 2.06
N ILE A 66 15.82 -5.06 0.80
CA ILE A 66 15.46 -5.97 -0.28
C ILE A 66 16.67 -6.82 -0.66
N LYS A 67 16.74 -8.00 -0.06
CA LYS A 67 17.85 -8.96 -0.26
C LYS A 67 17.97 -9.54 -1.67
N GLN A 68 16.86 -9.51 -2.41
CA GLN A 68 16.81 -9.88 -3.83
C GLN A 68 17.31 -8.79 -4.81
N LEU A 69 17.55 -7.58 -4.32
CA LEU A 69 18.14 -6.47 -5.09
C LEU A 69 19.51 -6.00 -4.56
N GLY A 70 19.77 -6.14 -3.25
CA GLY A 70 21.00 -5.68 -2.60
C GLY A 70 20.94 -4.23 -2.11
N ARG A 71 19.73 -3.70 -1.86
CA ARG A 71 19.44 -2.32 -1.45
C ARG A 71 18.21 -2.23 -0.56
N ARG A 72 17.87 -1.04 -0.06
CA ARG A 72 16.67 -0.75 0.75
C ARG A 72 15.78 0.34 0.14
N ILE A 73 14.54 0.41 0.59
CA ILE A 73 13.52 1.42 0.24
C ILE A 73 12.82 1.96 1.48
N PHE A 74 12.46 3.24 1.46
CA PHE A 74 11.93 4.01 2.59
C PHE A 74 10.72 4.86 2.14
N ALA A 75 9.80 5.11 3.06
CA ALA A 75 8.64 5.96 2.88
C ALA A 75 8.32 6.76 4.16
N ARG A 76 7.74 7.95 3.99
CA ARG A 76 7.18 8.81 5.05
C ARG A 76 6.01 9.58 4.45
N GLU A 77 4.79 9.17 4.79
CA GLU A 77 3.53 9.60 4.17
C GLU A 77 2.50 9.94 5.25
N HIS A 78 1.31 10.44 4.89
CA HIS A 78 0.34 10.96 5.87
C HIS A 78 -1.14 10.80 5.48
N GLY A 79 -1.99 10.75 6.51
CA GLY A 79 -3.46 10.68 6.42
C GLY A 79 -4.15 11.35 7.60
N SER A 80 -5.48 11.45 7.54
CA SER A 80 -6.31 12.05 8.62
C SER A 80 -6.34 11.21 9.92
N ASN A 81 -5.80 10.00 9.89
CA ASN A 81 -5.66 9.06 11.02
C ASN A 81 -4.53 8.04 10.75
N LYS A 82 -4.15 7.26 11.77
CA LYS A 82 -3.03 6.30 11.68
C LYS A 82 -3.25 5.19 10.63
N LYS A 83 -4.50 4.75 10.40
CA LYS A 83 -4.83 3.76 9.38
C LYS A 83 -4.55 4.29 7.96
N LEU A 84 -5.10 5.46 7.62
CA LEU A 84 -4.86 6.19 6.37
C LEU A 84 -3.37 6.50 6.15
N ALA A 85 -2.67 6.94 7.20
CA ALA A 85 -1.23 7.20 7.17
C ALA A 85 -0.42 5.94 6.82
N ALA A 86 -0.69 4.80 7.49
CA ALA A 86 -0.02 3.52 7.22
C ALA A 86 -0.42 2.89 5.87
N GLN A 87 -1.66 3.11 5.41
CA GLN A 87 -2.12 2.77 4.06
C GLN A 87 -1.33 3.54 2.99
N SER A 88 -1.16 4.85 3.16
CA SER A 88 -0.37 5.67 2.23
C SER A 88 1.11 5.29 2.26
N CYS A 89 1.66 5.02 3.46
CA CYS A 89 3.00 4.48 3.64
C CYS A 89 3.17 3.14 2.90
N ALA A 90 2.24 2.20 3.06
CA ALA A 90 2.28 0.92 2.34
C ALA A 90 2.26 1.09 0.82
N LEU A 91 1.40 1.97 0.30
CA LEU A 91 1.36 2.30 -1.13
C LEU A 91 2.69 2.91 -1.62
N SER A 92 3.38 3.68 -0.78
CA SER A 92 4.71 4.22 -1.09
C SER A 92 5.82 3.15 -1.12
N LEU A 93 5.80 2.12 -0.24
CA LEU A 93 6.70 0.96 -0.36
C LEU A 93 6.31 0.12 -1.58
N VAL A 94 5.04 -0.22 -1.73
CA VAL A 94 4.55 -1.11 -2.80
C VAL A 94 4.79 -0.53 -4.20
N ARG A 95 4.63 0.79 -4.39
CA ARG A 95 4.97 1.43 -5.67
C ARG A 95 6.48 1.58 -5.91
N GLN A 96 7.33 1.52 -4.86
CA GLN A 96 8.78 1.40 -5.02
C GLN A 96 9.19 -0.05 -5.36
N LEU A 97 8.52 -1.05 -4.79
CA LEU A 97 8.70 -2.47 -5.13
C LEU A 97 8.34 -2.72 -6.59
N TYR A 98 7.24 -2.13 -7.08
CA TYR A 98 6.82 -2.14 -8.49
C TYR A 98 7.82 -1.41 -9.42
N HIS A 99 8.30 -0.22 -9.02
CA HIS A 99 9.29 0.55 -9.79
C HIS A 99 10.64 -0.18 -9.94
N LEU A 100 11.08 -0.89 -8.89
CA LEU A 100 12.31 -1.69 -8.87
C LEU A 100 12.10 -3.12 -9.44
N GLY A 101 10.86 -3.51 -9.75
CA GLY A 101 10.53 -4.79 -10.41
C GLY A 101 10.41 -5.99 -9.46
N VAL A 102 10.22 -5.76 -8.16
CA VAL A 102 9.97 -6.80 -7.15
C VAL A 102 8.55 -7.37 -7.27
N ILE A 103 7.60 -6.56 -7.74
CA ILE A 103 6.20 -6.92 -8.00
C ILE A 103 5.74 -6.46 -9.39
N GLU A 104 4.62 -7.01 -9.85
CA GLU A 104 3.88 -6.56 -11.03
C GLU A 104 2.69 -5.66 -10.61
N ALA A 105 1.88 -5.19 -11.56
CA ALA A 105 0.69 -4.38 -11.27
C ALA A 105 -0.48 -5.24 -10.72
N TYR A 106 -1.31 -4.65 -9.85
CA TYR A 106 -2.50 -5.32 -9.30
C TYR A 106 -3.54 -5.69 -10.37
N SER A 107 -4.37 -6.70 -10.08
CA SER A 107 -5.41 -7.21 -10.97
C SER A 107 -6.81 -6.79 -10.47
N SER A 108 -7.64 -6.27 -11.37
CA SER A 108 -8.95 -5.69 -11.07
C SER A 108 -9.85 -5.61 -12.32
N GLY A 109 -11.17 -5.54 -12.13
CA GLY A 109 -12.18 -5.49 -13.21
C GLY A 109 -13.63 -5.47 -12.71
N PRO A 110 -14.62 -5.41 -13.62
CA PRO A 110 -16.05 -5.31 -13.31
C PRO A 110 -16.66 -6.68 -12.93
N SER A 111 -15.97 -7.45 -12.09
CA SER A 111 -16.30 -8.85 -11.76
C SER A 111 -17.55 -9.03 -10.88
N SER A 112 -18.18 -7.94 -10.46
CA SER A 112 -19.42 -7.91 -9.68
C SER A 112 -20.71 -8.01 -10.53
N GLY A 113 -20.61 -7.96 -11.86
CA GLY A 113 -21.72 -8.08 -12.81
C GLY A 113 -21.29 -8.05 -14.28
N GLY A 1 -27.84 -20.66 -5.94
CA GLY A 1 -27.60 -20.95 -7.36
C GLY A 1 -28.92 -21.10 -8.12
N SER A 2 -29.11 -20.31 -9.17
CA SER A 2 -30.37 -20.16 -9.92
C SER A 2 -30.10 -19.90 -11.41
N SER A 3 -31.16 -19.74 -12.22
CA SER A 3 -31.05 -19.36 -13.64
C SER A 3 -30.27 -18.04 -13.81
N GLY A 4 -29.10 -18.10 -14.45
CA GLY A 4 -28.18 -16.98 -14.65
C GLY A 4 -26.99 -16.93 -13.68
N SER A 5 -26.91 -17.81 -12.68
CA SER A 5 -25.76 -17.87 -11.76
C SER A 5 -24.45 -18.39 -12.41
N SER A 6 -24.51 -18.87 -13.65
CA SER A 6 -23.34 -19.21 -14.48
C SER A 6 -22.62 -17.98 -15.08
N GLY A 7 -23.25 -16.81 -15.03
CA GLY A 7 -22.69 -15.50 -15.43
C GLY A 7 -22.20 -14.69 -14.22
N LEU A 8 -21.18 -13.86 -14.44
CA LEU A 8 -20.54 -12.99 -13.43
C LEU A 8 -19.70 -11.87 -14.07
N GLU A 9 -19.26 -10.92 -13.25
CA GLU A 9 -18.50 -9.72 -13.65
C GLU A 9 -17.53 -9.24 -12.55
N SER A 10 -17.09 -10.16 -11.70
CA SER A 10 -16.30 -9.93 -10.47
C SER A 10 -14.82 -9.57 -10.72
N GLU A 11 -14.50 -9.04 -11.90
CA GLU A 11 -13.15 -8.73 -12.38
C GLU A 11 -13.20 -7.74 -13.55
N GLU A 12 -12.33 -6.72 -13.52
CA GLU A 12 -12.20 -5.67 -14.54
C GLU A 12 -10.81 -5.02 -14.41
N VAL A 13 -10.15 -4.75 -15.53
CA VAL A 13 -8.79 -4.15 -15.61
C VAL A 13 -8.72 -3.17 -16.77
N ASP A 14 -8.20 -1.97 -16.51
CA ASP A 14 -7.85 -0.98 -17.54
C ASP A 14 -6.35 -1.03 -17.84
N LEU A 15 -6.04 -1.02 -19.14
CA LEU A 15 -4.69 -1.11 -19.68
C LEU A 15 -3.93 0.21 -19.55
N ASN A 16 -4.62 1.35 -19.58
CA ASN A 16 -4.00 2.67 -19.40
C ASN A 16 -3.52 2.85 -17.95
N ALA A 17 -4.35 2.49 -16.97
CA ALA A 17 -3.99 2.38 -15.55
C ALA A 17 -2.86 1.36 -15.31
N GLY A 18 -2.81 0.28 -16.12
CA GLY A 18 -1.77 -0.75 -16.07
C GLY A 18 -0.38 -0.27 -16.51
N LEU A 19 -0.26 0.88 -17.18
CA LEU A 19 1.03 1.53 -17.47
C LEU A 19 1.65 2.14 -16.21
N HIS A 20 0.81 2.65 -15.30
CA HIS A 20 1.20 3.29 -14.04
C HIS A 20 1.18 2.33 -12.83
N GLY A 21 0.66 1.11 -13.01
CA GLY A 21 0.43 0.12 -11.94
C GLY A 21 -0.91 0.38 -11.24
N ASN A 22 -1.71 -0.68 -11.06
CA ASN A 22 -3.07 -0.60 -10.51
C ASN A 22 -3.15 -0.53 -8.97
N TRP A 23 -2.02 -0.61 -8.25
CA TRP A 23 -1.98 -0.66 -6.78
C TRP A 23 -2.73 0.51 -6.14
N THR A 24 -3.71 0.19 -5.30
CA THR A 24 -4.47 1.13 -4.45
C THR A 24 -4.05 0.97 -2.99
N LEU A 25 -4.54 1.88 -2.14
CA LEU A 25 -4.29 1.88 -0.69
C LEU A 25 -4.57 0.53 -0.01
N GLU A 26 -5.64 -0.16 -0.42
CA GLU A 26 -6.05 -1.44 0.19
C GLU A 26 -5.21 -2.60 -0.35
N ASN A 27 -4.98 -2.65 -1.68
CA ASN A 27 -4.20 -3.71 -2.31
C ASN A 27 -2.72 -3.65 -1.87
N ALA A 28 -2.18 -2.44 -1.66
CA ALA A 28 -0.80 -2.25 -1.23
C ALA A 28 -0.55 -2.71 0.21
N LYS A 29 -1.44 -2.41 1.15
CA LYS A 29 -1.28 -2.85 2.55
C LYS A 29 -1.25 -4.38 2.66
N ALA A 30 -2.10 -5.07 1.89
CA ALA A 30 -2.06 -6.52 1.73
C ALA A 30 -0.75 -6.98 1.04
N ARG A 31 -0.35 -6.38 -0.07
CA ARG A 31 0.81 -6.82 -0.85
C ARG A 31 2.14 -6.65 -0.11
N LEU A 32 2.27 -5.65 0.77
CA LEU A 32 3.45 -5.46 1.60
C LEU A 32 3.57 -6.54 2.69
N ASN A 33 2.45 -6.91 3.30
CA ASN A 33 2.40 -8.03 4.26
C ASN A 33 2.62 -9.39 3.58
N GLN A 34 2.14 -9.58 2.34
CA GLN A 34 2.45 -10.76 1.52
C GLN A 34 3.95 -10.82 1.21
N TYR A 35 4.56 -9.71 0.75
CA TYR A 35 6.00 -9.59 0.52
C TYR A 35 6.82 -9.99 1.77
N PHE A 36 6.38 -9.57 2.96
CA PHE A 36 7.03 -9.93 4.24
C PHE A 36 6.93 -11.43 4.55
N GLN A 37 5.80 -12.08 4.27
CA GLN A 37 5.61 -13.52 4.50
C GLN A 37 6.33 -14.39 3.46
N LYS A 38 6.54 -13.89 2.23
CA LYS A 38 7.31 -14.60 1.20
C LYS A 38 8.84 -14.49 1.42
N GLU A 39 9.32 -13.33 1.86
CA GLU A 39 10.75 -13.03 2.04
C GLU A 39 11.28 -13.31 3.47
N LYS A 40 10.38 -13.60 4.42
CA LYS A 40 10.67 -13.82 5.85
C LYS A 40 11.22 -12.54 6.54
N ILE A 41 10.71 -11.39 6.11
CA ILE A 41 11.02 -10.03 6.61
C ILE A 41 9.94 -9.62 7.64
N GLN A 42 10.26 -8.64 8.50
CA GLN A 42 9.35 -8.06 9.48
C GLN A 42 9.46 -6.53 9.44
N GLY A 43 8.31 -5.84 9.45
CA GLY A 43 8.23 -4.37 9.44
C GLY A 43 6.96 -3.85 10.12
N GLU A 44 7.08 -2.76 10.87
CA GLU A 44 6.00 -2.04 11.55
C GLU A 44 6.16 -0.53 11.34
N TYR A 45 5.04 0.19 11.20
CA TYR A 45 5.03 1.64 10.95
C TYR A 45 5.39 2.44 12.20
N LYS A 46 6.32 3.39 12.07
CA LYS A 46 6.63 4.40 13.09
C LYS A 46 5.80 5.65 12.80
N TYR A 47 4.96 6.07 13.77
CA TYR A 47 4.02 7.19 13.58
C TYR A 47 4.49 8.49 14.27
N THR A 48 4.05 9.63 13.71
CA THR A 48 4.21 10.98 14.28
C THR A 48 2.89 11.73 14.16
N GLN A 49 2.30 12.12 15.28
CA GLN A 49 1.13 13.01 15.33
C GLN A 49 1.54 14.45 14.96
N VAL A 50 0.69 15.16 14.22
CA VAL A 50 0.81 16.61 13.97
C VAL A 50 -0.53 17.29 14.28
N GLY A 51 -0.46 18.51 14.82
CA GLY A 51 -1.60 19.24 15.39
C GLY A 51 -1.97 18.83 16.83
N PRO A 52 -2.76 19.65 17.54
CA PRO A 52 -3.21 19.38 18.91
C PRO A 52 -4.22 18.22 18.95
N ASP A 53 -4.43 17.64 20.14
CA ASP A 53 -5.19 16.39 20.29
C ASP A 53 -6.69 16.50 19.92
N HIS A 54 -7.24 17.71 19.89
CA HIS A 54 -8.61 18.01 19.46
C HIS A 54 -8.75 18.25 17.93
N ASN A 55 -7.64 18.47 17.22
CA ASN A 55 -7.59 18.73 15.76
C ASN A 55 -6.21 18.34 15.20
N ARG A 56 -6.08 17.08 14.75
CA ARG A 56 -4.80 16.45 14.38
C ARG A 56 -4.88 15.57 13.14
N SER A 57 -3.69 15.25 12.63
CA SER A 57 -3.40 14.27 11.58
C SER A 57 -2.15 13.47 11.98
N PHE A 58 -1.88 12.37 11.27
CA PHE A 58 -0.80 11.45 11.57
C PHE A 58 0.07 11.21 10.33
N ILE A 59 1.38 11.33 10.54
CA ILE A 59 2.42 10.91 9.61
C ILE A 59 2.83 9.48 9.99
N ALA A 60 3.09 8.61 9.02
CA ALA A 60 3.57 7.26 9.21
C ALA A 60 4.77 7.01 8.28
N GLU A 61 5.80 6.34 8.79
CA GLU A 61 7.03 6.05 8.04
C GLU A 61 7.60 4.66 8.31
N MET A 62 8.33 4.15 7.31
CA MET A 62 8.87 2.79 7.25
C MET A 62 10.02 2.73 6.23
N THR A 63 11.05 1.92 6.52
CA THR A 63 12.16 1.59 5.61
C THR A 63 12.39 0.09 5.66
N ILE A 64 12.49 -0.55 4.49
CA ILE A 64 12.67 -2.00 4.34
C ILE A 64 13.77 -2.32 3.33
N TYR A 65 14.47 -3.44 3.59
CA TYR A 65 15.56 -3.93 2.76
C TYR A 65 15.12 -5.07 1.83
N ILE A 66 15.61 -5.05 0.59
CA ILE A 66 15.28 -6.00 -0.48
C ILE A 66 16.46 -6.95 -0.70
N LYS A 67 16.38 -8.08 -0.03
CA LYS A 67 17.39 -9.15 -0.06
C LYS A 67 17.57 -9.83 -1.43
N GLN A 68 16.55 -9.74 -2.28
CA GLN A 68 16.60 -10.20 -3.67
C GLN A 68 17.25 -9.22 -4.67
N LEU A 69 17.45 -7.95 -4.27
CA LEU A 69 18.09 -6.91 -5.11
C LEU A 69 19.40 -6.34 -4.53
N GLY A 70 19.63 -6.43 -3.21
CA GLY A 70 20.83 -5.93 -2.54
C GLY A 70 20.78 -4.45 -2.15
N ARG A 71 19.56 -3.91 -1.94
CA ARG A 71 19.29 -2.47 -1.67
C ARG A 71 18.04 -2.29 -0.79
N ARG A 72 17.77 -1.07 -0.29
CA ARG A 72 16.63 -0.75 0.58
C ARG A 72 15.79 0.43 0.08
N ILE A 73 14.53 0.50 0.51
CA ILE A 73 13.54 1.54 0.16
C ILE A 73 12.85 2.09 1.41
N PHE A 74 12.53 3.39 1.39
CA PHE A 74 11.98 4.16 2.50
C PHE A 74 10.75 4.97 2.06
N ALA A 75 9.84 5.23 2.99
CA ALA A 75 8.66 6.07 2.81
C ALA A 75 8.30 6.83 4.10
N ARG A 76 7.70 8.02 3.94
CA ARG A 76 7.15 8.85 5.01
C ARG A 76 5.96 9.64 4.43
N GLU A 77 4.75 9.25 4.82
CA GLU A 77 3.48 9.70 4.24
C GLU A 77 2.48 10.05 5.35
N HIS A 78 1.31 10.61 5.03
CA HIS A 78 0.37 11.09 6.06
C HIS A 78 -1.12 11.01 5.67
N GLY A 79 -1.96 10.81 6.70
CA GLY A 79 -3.42 10.78 6.63
C GLY A 79 -4.08 11.48 7.83
N SER A 80 -5.40 11.59 7.81
CA SER A 80 -6.17 12.18 8.93
C SER A 80 -6.16 11.30 10.21
N ASN A 81 -5.67 10.07 10.11
CA ASN A 81 -5.53 9.07 11.19
C ASN A 81 -4.48 8.01 10.83
N LYS A 82 -4.09 7.16 11.79
CA LYS A 82 -3.06 6.13 11.59
C LYS A 82 -3.41 5.11 10.49
N LYS A 83 -4.69 4.75 10.32
CA LYS A 83 -5.13 3.80 9.28
C LYS A 83 -4.88 4.32 7.86
N LEU A 84 -5.23 5.59 7.61
CA LEU A 84 -4.97 6.32 6.37
C LEU A 84 -3.47 6.54 6.14
N ALA A 85 -2.74 6.94 7.19
CA ALA A 85 -1.30 7.16 7.13
C ALA A 85 -0.52 5.87 6.77
N ALA A 86 -0.84 4.74 7.42
CA ALA A 86 -0.24 3.44 7.15
C ALA A 86 -0.60 2.89 5.76
N GLN A 87 -1.83 3.11 5.28
CA GLN A 87 -2.24 2.81 3.91
C GLN A 87 -1.42 3.61 2.88
N SER A 88 -1.23 4.91 3.11
CA SER A 88 -0.43 5.76 2.23
C SER A 88 1.04 5.35 2.23
N CYS A 89 1.59 5.03 3.42
CA CYS A 89 2.94 4.51 3.59
C CYS A 89 3.12 3.17 2.84
N ALA A 90 2.20 2.21 3.02
CA ALA A 90 2.21 0.94 2.29
C ALA A 90 2.26 1.14 0.77
N LEU A 91 1.39 2.00 0.23
CA LEU A 91 1.37 2.32 -1.20
C LEU A 91 2.68 2.98 -1.67
N SER A 92 3.34 3.76 -0.82
CA SER A 92 4.66 4.35 -1.12
C SER A 92 5.79 3.30 -1.15
N LEU A 93 5.79 2.26 -0.30
CA LEU A 93 6.70 1.13 -0.44
C LEU A 93 6.33 0.30 -1.68
N VAL A 94 5.06 -0.06 -1.83
CA VAL A 94 4.59 -0.95 -2.91
C VAL A 94 4.83 -0.36 -4.30
N ARG A 95 4.69 0.96 -4.48
CA ARG A 95 5.01 1.61 -5.75
C ARG A 95 6.53 1.73 -6.01
N GLN A 96 7.37 1.64 -4.98
CA GLN A 96 8.83 1.51 -5.16
C GLN A 96 9.21 0.06 -5.48
N LEU A 97 8.53 -0.94 -4.89
CA LEU A 97 8.71 -2.36 -5.22
C LEU A 97 8.35 -2.63 -6.68
N TYR A 98 7.25 -2.05 -7.17
CA TYR A 98 6.83 -2.08 -8.57
C TYR A 98 7.81 -1.37 -9.52
N HIS A 99 8.34 -0.21 -9.14
CA HIS A 99 9.35 0.53 -9.90
C HIS A 99 10.70 -0.22 -10.02
N LEU A 100 11.09 -0.93 -8.95
CA LEU A 100 12.28 -1.80 -8.91
C LEU A 100 12.04 -3.18 -9.54
N GLY A 101 10.80 -3.54 -9.87
CA GLY A 101 10.43 -4.81 -10.50
C GLY A 101 10.31 -6.00 -9.54
N VAL A 102 10.16 -5.74 -8.23
CA VAL A 102 9.95 -6.77 -7.19
C VAL A 102 8.53 -7.34 -7.26
N ILE A 103 7.57 -6.55 -7.74
CA ILE A 103 6.16 -6.92 -7.95
C ILE A 103 5.68 -6.53 -9.36
N GLU A 104 4.55 -7.12 -9.75
CA GLU A 104 3.77 -6.83 -10.96
C GLU A 104 2.76 -5.70 -10.73
N ALA A 105 1.93 -5.36 -11.73
CA ALA A 105 0.78 -4.48 -11.58
C ALA A 105 -0.43 -5.25 -11.00
N TYR A 106 -1.23 -4.60 -10.13
CA TYR A 106 -2.35 -5.26 -9.44
C TYR A 106 -3.47 -5.81 -10.36
N SER A 107 -4.14 -6.83 -9.84
CA SER A 107 -5.10 -7.74 -10.46
C SER A 107 -6.48 -7.16 -10.82
N SER A 108 -6.77 -5.90 -10.49
CA SER A 108 -8.06 -5.23 -10.74
C SER A 108 -7.88 -3.72 -10.88
N GLY A 109 -8.72 -3.05 -11.69
CA GLY A 109 -8.58 -1.63 -12.00
C GLY A 109 -8.79 -0.72 -10.77
N PRO A 110 -8.02 0.38 -10.63
CA PRO A 110 -8.09 1.28 -9.48
C PRO A 110 -9.38 2.10 -9.46
N SER A 111 -9.84 2.45 -8.25
CA SER A 111 -11.08 3.21 -8.00
C SER A 111 -11.12 3.75 -6.56
N SER A 112 -12.17 4.51 -6.21
CA SER A 112 -12.34 5.18 -4.90
C SER A 112 -13.84 5.30 -4.49
N GLY A 113 -14.75 4.60 -5.18
CA GLY A 113 -16.19 4.61 -4.91
C GLY A 113 -16.99 3.74 -5.88
N GLY A 1 -21.01 -14.48 9.22
CA GLY A 1 -20.71 -13.18 8.58
C GLY A 1 -21.99 -12.40 8.27
N SER A 2 -21.91 -11.07 8.28
CA SER A 2 -23.08 -10.17 8.14
C SER A 2 -23.50 -9.90 6.67
N SER A 3 -22.73 -10.37 5.69
CA SER A 3 -22.97 -10.20 4.25
C SER A 3 -22.15 -11.21 3.41
N GLY A 4 -22.39 -11.25 2.10
CA GLY A 4 -21.77 -12.20 1.15
C GLY A 4 -22.58 -13.48 0.95
N SER A 5 -22.10 -14.34 0.04
CA SER A 5 -22.74 -15.61 -0.36
C SER A 5 -21.75 -16.50 -1.15
N SER A 6 -22.20 -17.66 -1.63
CA SER A 6 -21.42 -18.62 -2.41
C SER A 6 -21.07 -18.13 -3.84
N GLY A 7 -19.96 -18.60 -4.39
CA GLY A 7 -19.44 -18.23 -5.72
C GLY A 7 -18.41 -17.10 -5.70
N LEU A 8 -17.81 -16.83 -6.86
CA LEU A 8 -16.72 -15.87 -7.06
C LEU A 8 -16.84 -15.18 -8.43
N GLU A 9 -16.29 -13.97 -8.53
CA GLU A 9 -16.22 -13.14 -9.74
C GLU A 9 -15.07 -12.13 -9.57
N SER A 10 -14.12 -12.12 -10.50
CA SER A 10 -12.86 -11.37 -10.39
C SER A 10 -12.18 -10.99 -11.72
N GLU A 11 -12.85 -11.26 -12.84
CA GLU A 11 -12.34 -11.10 -14.19
C GLU A 11 -12.24 -9.61 -14.59
N GLU A 12 -11.02 -9.17 -14.96
CA GLU A 12 -10.69 -7.81 -15.38
C GLU A 12 -9.34 -7.80 -16.12
N VAL A 13 -9.24 -7.04 -17.23
CA VAL A 13 -8.05 -6.92 -18.07
C VAL A 13 -7.99 -5.55 -18.77
N ASP A 14 -6.78 -5.02 -18.95
CA ASP A 14 -6.49 -3.77 -19.66
C ASP A 14 -5.00 -3.70 -20.07
N LEU A 15 -4.73 -3.17 -21.26
CA LEU A 15 -3.41 -3.14 -21.89
C LEU A 15 -2.49 -2.03 -21.36
N ASN A 16 -3.06 -0.92 -20.86
CA ASN A 16 -2.32 0.23 -20.33
C ASN A 16 -2.12 0.15 -18.79
N ALA A 17 -3.01 -0.55 -18.07
CA ALA A 17 -2.92 -0.73 -16.61
C ALA A 17 -1.62 -1.44 -16.17
N GLY A 18 -1.07 -2.33 -17.01
CA GLY A 18 0.19 -3.02 -16.79
C GLY A 18 1.45 -2.13 -16.91
N LEU A 19 1.30 -0.90 -17.41
CA LEU A 19 2.38 0.08 -17.57
C LEU A 19 2.48 1.04 -16.37
N HIS A 20 1.40 1.20 -15.59
CA HIS A 20 1.30 2.12 -14.45
C HIS A 20 1.10 1.43 -13.08
N GLY A 21 0.60 0.20 -13.08
CA GLY A 21 0.30 -0.60 -11.88
C GLY A 21 -1.11 -0.32 -11.34
N ASN A 22 -1.88 -1.39 -11.08
CA ASN A 22 -3.22 -1.30 -10.49
C ASN A 22 -3.23 -1.09 -8.96
N TRP A 23 -2.07 -1.08 -8.30
CA TRP A 23 -1.95 -0.99 -6.85
C TRP A 23 -2.69 0.22 -6.27
N THR A 24 -3.69 -0.07 -5.41
CA THR A 24 -4.49 0.88 -4.63
C THR A 24 -4.03 0.90 -3.18
N LEU A 25 -4.52 1.84 -2.38
CA LEU A 25 -4.24 1.94 -0.94
C LEU A 25 -4.46 0.62 -0.20
N GLU A 26 -5.58 -0.08 -0.49
CA GLU A 26 -5.93 -1.33 0.18
C GLU A 26 -5.16 -2.53 -0.38
N ASN A 27 -5.05 -2.63 -1.71
CA ASN A 27 -4.32 -3.74 -2.35
C ASN A 27 -2.81 -3.68 -2.08
N ALA A 28 -2.23 -2.49 -1.89
CA ALA A 28 -0.85 -2.32 -1.44
C ALA A 28 -0.68 -2.68 0.03
N LYS A 29 -1.56 -2.23 0.92
CA LYS A 29 -1.52 -2.57 2.35
C LYS A 29 -1.60 -4.10 2.57
N ALA A 30 -2.42 -4.78 1.79
CA ALA A 30 -2.47 -6.25 1.72
C ALA A 30 -1.20 -6.87 1.12
N ARG A 31 -0.69 -6.35 -0.01
CA ARG A 31 0.48 -6.90 -0.70
C ARG A 31 1.75 -6.80 0.14
N LEU A 32 1.95 -5.70 0.88
CA LEU A 32 3.11 -5.53 1.75
C LEU A 32 3.07 -6.47 2.96
N ASN A 33 1.88 -6.66 3.54
CA ASN A 33 1.64 -7.63 4.62
C ASN A 33 1.86 -9.09 4.17
N GLN A 34 1.57 -9.41 2.90
CA GLN A 34 1.92 -10.69 2.29
C GLN A 34 3.42 -10.80 2.02
N TYR A 35 4.05 -9.79 1.39
CA TYR A 35 5.48 -9.76 1.08
C TYR A 35 6.37 -10.04 2.31
N PHE A 36 6.00 -9.50 3.47
CA PHE A 36 6.69 -9.74 4.75
C PHE A 36 6.59 -11.19 5.24
N GLN A 37 5.52 -11.91 4.90
CA GLN A 37 5.35 -13.33 5.23
C GLN A 37 6.08 -14.23 4.20
N LYS A 38 6.08 -13.86 2.92
CA LYS A 38 6.80 -14.60 1.86
C LYS A 38 8.33 -14.52 2.03
N GLU A 39 8.85 -13.35 2.40
CA GLU A 39 10.28 -13.07 2.61
C GLU A 39 10.75 -13.24 4.07
N LYS A 40 9.84 -13.43 5.03
CA LYS A 40 10.11 -13.57 6.46
C LYS A 40 10.75 -12.30 7.07
N ILE A 41 10.35 -11.14 6.53
CA ILE A 41 10.77 -9.78 6.93
C ILE A 41 9.83 -9.26 8.02
N GLN A 42 10.30 -8.35 8.86
CA GLN A 42 9.55 -7.77 9.97
C GLN A 42 9.55 -6.24 9.85
N GLY A 43 8.53 -5.74 9.15
CA GLY A 43 8.26 -4.30 8.97
C GLY A 43 7.07 -3.85 9.82
N GLU A 44 7.25 -2.79 10.60
CA GLU A 44 6.21 -2.13 11.40
C GLU A 44 6.24 -0.61 11.16
N TYR A 45 5.06 0.02 11.10
CA TYR A 45 4.93 1.45 10.81
C TYR A 45 5.29 2.30 12.05
N LYS A 46 6.16 3.29 11.85
CA LYS A 46 6.43 4.36 12.83
C LYS A 46 5.46 5.51 12.53
N TYR A 47 4.87 6.11 13.55
CA TYR A 47 3.97 7.27 13.40
C TYR A 47 4.49 8.52 14.10
N THR A 48 4.12 9.68 13.56
CA THR A 48 4.31 11.03 14.12
C THR A 48 2.98 11.77 14.04
N GLN A 49 2.44 12.18 15.18
CA GLN A 49 1.25 13.03 15.23
C GLN A 49 1.63 14.48 14.86
N VAL A 50 0.75 15.16 14.12
CA VAL A 50 0.81 16.62 13.89
C VAL A 50 -0.53 17.24 14.26
N GLY A 51 -0.48 18.44 14.82
CA GLY A 51 -1.63 19.12 15.46
C GLY A 51 -1.92 18.61 16.89
N PRO A 52 -2.72 19.34 17.69
CA PRO A 52 -3.10 18.97 19.05
C PRO A 52 -4.09 17.79 19.05
N ASP A 53 -4.19 17.06 20.16
CA ASP A 53 -4.97 15.82 20.25
C ASP A 53 -6.50 15.97 20.02
N HIS A 54 -7.03 17.19 20.12
CA HIS A 54 -8.42 17.53 19.78
C HIS A 54 -8.64 17.83 18.27
N ASN A 55 -7.56 18.07 17.52
CA ASN A 55 -7.58 18.37 16.08
C ASN A 55 -6.22 18.03 15.45
N ARG A 56 -6.05 16.78 15.00
CA ARG A 56 -4.77 16.19 14.57
C ARG A 56 -4.87 15.38 13.28
N SER A 57 -3.68 15.12 12.71
CA SER A 57 -3.41 14.19 11.61
C SER A 57 -2.12 13.42 11.94
N PHE A 58 -1.84 12.35 11.20
CA PHE A 58 -0.72 11.45 11.44
C PHE A 58 0.14 11.28 10.19
N ILE A 59 1.45 11.37 10.40
CA ILE A 59 2.47 11.02 9.41
C ILE A 59 2.97 9.61 9.77
N ALA A 60 2.87 8.66 8.84
CA ALA A 60 3.40 7.31 9.02
C ALA A 60 4.61 7.09 8.11
N GLU A 61 5.58 6.32 8.58
CA GLU A 61 6.82 6.04 7.87
C GLU A 61 7.37 4.63 8.13
N MET A 62 8.13 4.11 7.17
CA MET A 62 8.65 2.75 7.13
C MET A 62 9.82 2.64 6.14
N THR A 63 10.81 1.76 6.45
CA THR A 63 11.96 1.45 5.60
C THR A 63 12.23 -0.04 5.65
N ILE A 64 12.45 -0.67 4.50
CA ILE A 64 12.68 -2.12 4.35
C ILE A 64 13.83 -2.42 3.38
N TYR A 65 14.57 -3.48 3.68
CA TYR A 65 15.71 -3.96 2.87
C TYR A 65 15.33 -5.11 1.93
N ILE A 66 15.82 -5.04 0.69
CA ILE A 66 15.53 -5.96 -0.41
C ILE A 66 16.79 -6.75 -0.77
N LYS A 67 16.87 -7.97 -0.26
CA LYS A 67 18.03 -8.86 -0.46
C LYS A 67 18.23 -9.33 -1.92
N GLN A 68 17.16 -9.35 -2.70
CA GLN A 68 17.20 -9.66 -4.13
C GLN A 68 17.71 -8.51 -5.02
N LEU A 69 17.83 -7.29 -4.47
CA LEU A 69 18.41 -6.13 -5.15
C LEU A 69 19.74 -5.65 -4.53
N GLY A 70 19.98 -5.94 -3.25
CA GLY A 70 21.18 -5.52 -2.51
C GLY A 70 21.09 -4.08 -1.97
N ARG A 71 19.87 -3.59 -1.74
CA ARG A 71 19.55 -2.22 -1.31
C ARG A 71 18.29 -2.17 -0.43
N ARG A 72 17.88 -0.97 -0.02
CA ARG A 72 16.67 -0.71 0.78
C ARG A 72 15.80 0.40 0.17
N ILE A 73 14.53 0.45 0.58
CA ILE A 73 13.51 1.45 0.19
C ILE A 73 12.78 1.98 1.42
N PHE A 74 12.44 3.27 1.38
CA PHE A 74 11.86 4.03 2.49
C PHE A 74 10.65 4.84 2.01
N ALA A 75 9.71 5.13 2.91
CA ALA A 75 8.55 5.97 2.70
C ALA A 75 8.15 6.75 3.96
N ARG A 76 7.47 7.89 3.75
CA ARG A 76 6.93 8.78 4.78
C ARG A 76 5.75 9.55 4.19
N GLU A 77 4.54 9.37 4.72
CA GLU A 77 3.28 9.86 4.14
C GLU A 77 2.26 10.29 5.20
N HIS A 78 1.42 11.26 4.82
CA HIS A 78 0.51 11.99 5.70
C HIS A 78 -0.97 11.61 5.45
N GLY A 79 -1.67 11.13 6.49
CA GLY A 79 -3.11 10.84 6.51
C GLY A 79 -3.85 11.57 7.63
N SER A 80 -5.17 11.72 7.49
CA SER A 80 -6.03 12.30 8.53
C SER A 80 -6.15 11.41 9.79
N ASN A 81 -5.67 10.16 9.72
CA ASN A 81 -5.60 9.17 10.80
C ASN A 81 -4.53 8.11 10.48
N LYS A 82 -4.18 7.26 11.46
CA LYS A 82 -3.15 6.22 11.29
C LYS A 82 -3.46 5.21 10.18
N LYS A 83 -4.73 4.84 9.98
CA LYS A 83 -5.14 3.89 8.93
C LYS A 83 -4.86 4.41 7.52
N LEU A 84 -5.22 5.67 7.26
CA LEU A 84 -4.93 6.39 6.01
C LEU A 84 -3.43 6.60 5.80
N ALA A 85 -2.73 7.01 6.86
CA ALA A 85 -1.28 7.24 6.83
C ALA A 85 -0.50 5.95 6.51
N ALA A 86 -0.83 4.82 7.18
CA ALA A 86 -0.19 3.53 6.94
C ALA A 86 -0.55 2.93 5.57
N GLN A 87 -1.76 3.16 5.05
CA GLN A 87 -2.13 2.82 3.67
C GLN A 87 -1.29 3.60 2.66
N SER A 88 -1.14 4.92 2.85
CA SER A 88 -0.34 5.77 1.95
C SER A 88 1.16 5.41 2.02
N CYS A 89 1.65 5.06 3.21
CA CYS A 89 2.99 4.51 3.41
C CYS A 89 3.16 3.18 2.68
N ALA A 90 2.25 2.22 2.84
CA ALA A 90 2.32 0.92 2.17
C ALA A 90 2.30 1.05 0.65
N LEU A 91 1.43 1.91 0.11
CA LEU A 91 1.38 2.24 -1.32
C LEU A 91 2.70 2.82 -1.83
N SER A 92 3.41 3.58 -0.99
CA SER A 92 4.72 4.13 -1.34
C SER A 92 5.85 3.09 -1.32
N LEU A 93 5.80 2.06 -0.45
CA LEU A 93 6.72 0.91 -0.55
C LEU A 93 6.34 0.05 -1.75
N VAL A 94 5.07 -0.30 -1.92
CA VAL A 94 4.61 -1.21 -2.98
C VAL A 94 4.85 -0.64 -4.37
N ARG A 95 4.67 0.68 -4.59
CA ARG A 95 5.02 1.31 -5.87
C ARG A 95 6.53 1.39 -6.11
N GLN A 96 7.37 1.43 -5.07
CA GLN A 96 8.83 1.30 -5.22
C GLN A 96 9.23 -0.15 -5.54
N LEU A 97 8.58 -1.15 -4.93
CA LEU A 97 8.78 -2.57 -5.24
C LEU A 97 8.43 -2.86 -6.71
N TYR A 98 7.34 -2.27 -7.22
CA TYR A 98 6.94 -2.32 -8.63
C TYR A 98 7.92 -1.61 -9.57
N HIS A 99 8.35 -0.39 -9.25
CA HIS A 99 9.30 0.36 -10.08
C HIS A 99 10.73 -0.23 -10.10
N LEU A 100 11.12 -0.99 -9.07
CA LEU A 100 12.38 -1.74 -8.99
C LEU A 100 12.27 -3.19 -9.51
N GLY A 101 11.06 -3.67 -9.79
CA GLY A 101 10.81 -4.99 -10.40
C GLY A 101 10.72 -6.16 -9.40
N VAL A 102 10.46 -5.88 -8.12
CA VAL A 102 10.23 -6.90 -7.08
C VAL A 102 8.81 -7.49 -7.19
N ILE A 103 7.86 -6.71 -7.71
CA ILE A 103 6.47 -7.11 -7.99
C ILE A 103 6.05 -6.69 -9.40
N GLU A 104 4.89 -7.15 -9.83
CA GLU A 104 4.22 -6.78 -11.09
C GLU A 104 2.95 -5.96 -10.84
N ALA A 105 2.20 -5.59 -11.89
CA ALA A 105 0.93 -4.87 -11.77
C ALA A 105 -0.19 -5.80 -11.25
N TYR A 106 -1.00 -5.29 -10.31
CA TYR A 106 -2.05 -6.08 -9.65
C TYR A 106 -3.23 -6.50 -10.56
N SER A 107 -3.94 -7.54 -10.12
CA SER A 107 -5.07 -8.21 -10.75
C SER A 107 -6.40 -7.41 -10.76
N SER A 108 -6.52 -6.30 -10.02
CA SER A 108 -7.77 -5.54 -9.90
C SER A 108 -7.53 -4.04 -9.60
N GLY A 109 -8.00 -3.16 -10.49
CA GLY A 109 -7.84 -1.70 -10.37
C GLY A 109 -8.85 -1.03 -9.44
N PRO A 110 -8.71 0.29 -9.19
CA PRO A 110 -9.64 1.08 -8.38
C PRO A 110 -10.99 1.22 -9.08
N SER A 111 -12.07 1.13 -8.30
CA SER A 111 -13.46 1.15 -8.81
C SER A 111 -14.09 2.56 -8.87
N SER A 112 -13.41 3.57 -8.31
CA SER A 112 -13.80 5.01 -8.32
C SER A 112 -15.08 5.36 -7.52
N GLY A 113 -15.67 4.40 -6.80
CA GLY A 113 -16.88 4.57 -5.98
C GLY A 113 -17.30 3.30 -5.24
N GLY A 1 -35.49 -2.23 -4.62
CA GLY A 1 -35.76 -3.68 -4.50
C GLY A 1 -35.67 -4.38 -5.85
N SER A 2 -35.41 -5.68 -5.84
CA SER A 2 -35.22 -6.53 -7.04
C SER A 2 -35.30 -8.03 -6.70
N SER A 3 -35.43 -8.89 -7.72
CA SER A 3 -35.59 -10.36 -7.55
C SER A 3 -35.30 -11.15 -8.84
N GLY A 4 -35.75 -10.65 -10.01
CA GLY A 4 -35.46 -11.22 -11.33
C GLY A 4 -34.13 -10.72 -11.89
N SER A 5 -33.43 -11.58 -12.64
CA SER A 5 -32.09 -11.35 -13.20
C SER A 5 -31.88 -12.15 -14.49
N SER A 6 -30.98 -11.68 -15.37
CA SER A 6 -30.62 -12.33 -16.64
C SER A 6 -29.24 -11.83 -17.14
N GLY A 7 -28.50 -12.69 -17.84
CA GLY A 7 -27.11 -12.45 -18.27
C GLY A 7 -26.08 -12.76 -17.19
N LEU A 8 -24.80 -12.76 -17.58
CA LEU A 8 -23.64 -13.09 -16.73
C LEU A 8 -22.42 -12.26 -17.13
N GLU A 9 -21.59 -11.92 -16.14
CA GLU A 9 -20.32 -11.21 -16.27
C GLU A 9 -19.52 -11.44 -14.98
N SER A 10 -18.33 -12.03 -15.11
CA SER A 10 -17.51 -12.53 -13.99
C SER A 10 -16.00 -12.28 -14.17
N GLU A 11 -15.63 -11.45 -15.14
CA GLU A 11 -14.27 -11.24 -15.63
C GLU A 11 -14.07 -9.85 -16.26
N GLU A 12 -12.80 -9.40 -16.31
CA GLU A 12 -12.35 -8.12 -16.87
C GLU A 12 -10.84 -8.21 -17.15
N VAL A 13 -10.36 -7.60 -18.24
CA VAL A 13 -8.98 -7.69 -18.73
C VAL A 13 -8.52 -6.33 -19.28
N ASP A 14 -7.29 -5.93 -18.95
CA ASP A 14 -6.62 -4.72 -19.42
C ASP A 14 -5.09 -4.87 -19.37
N LEU A 15 -4.42 -4.26 -20.34
CA LEU A 15 -2.98 -4.26 -20.52
C LEU A 15 -2.31 -3.00 -19.93
N ASN A 16 -3.02 -1.87 -19.91
CA ASN A 16 -2.50 -0.58 -19.41
C ASN A 16 -2.18 -0.63 -17.90
N ALA A 17 -2.89 -1.46 -17.14
CA ALA A 17 -2.59 -1.77 -15.74
C ALA A 17 -1.13 -2.20 -15.50
N GLY A 18 -0.53 -2.91 -16.46
CA GLY A 18 0.86 -3.38 -16.42
C GLY A 18 1.91 -2.32 -16.76
N LEU A 19 1.49 -1.17 -17.31
CA LEU A 19 2.35 -0.01 -17.59
C LEU A 19 2.36 0.98 -16.41
N HIS A 20 1.21 1.20 -15.76
CA HIS A 20 1.04 2.21 -14.72
C HIS A 20 1.19 1.68 -13.27
N GLY A 21 0.86 0.40 -13.04
CA GLY A 21 0.81 -0.21 -11.70
C GLY A 21 -0.49 0.16 -10.98
N ASN A 22 -1.50 -0.71 -11.04
CA ASN A 22 -2.85 -0.48 -10.51
C ASN A 22 -2.98 -0.56 -8.97
N TRP A 23 -1.87 -0.70 -8.22
CA TRP A 23 -1.85 -0.75 -6.76
C TRP A 23 -2.56 0.45 -6.12
N THR A 24 -3.38 0.15 -5.12
CA THR A 24 -4.24 1.06 -4.35
C THR A 24 -3.91 1.01 -2.86
N LEU A 25 -4.45 1.94 -2.08
CA LEU A 25 -4.23 2.04 -0.63
C LEU A 25 -4.48 0.73 0.14
N GLU A 26 -5.49 -0.04 -0.27
CA GLU A 26 -5.85 -1.30 0.40
C GLU A 26 -5.10 -2.51 -0.19
N ASN A 27 -4.98 -2.59 -1.53
CA ASN A 27 -4.27 -3.69 -2.17
C ASN A 27 -2.75 -3.64 -1.93
N ALA A 28 -2.17 -2.45 -1.72
CA ALA A 28 -0.79 -2.29 -1.28
C ALA A 28 -0.59 -2.72 0.19
N LYS A 29 -1.50 -2.35 1.08
CA LYS A 29 -1.43 -2.75 2.50
C LYS A 29 -1.46 -4.28 2.65
N ALA A 30 -2.23 -4.97 1.81
CA ALA A 30 -2.20 -6.43 1.66
C ALA A 30 -0.91 -6.96 1.00
N ARG A 31 -0.45 -6.34 -0.10
CA ARG A 31 0.71 -6.82 -0.86
C ARG A 31 2.03 -6.69 -0.10
N LEU A 32 2.19 -5.66 0.73
CA LEU A 32 3.36 -5.50 1.59
C LEU A 32 3.41 -6.54 2.71
N ASN A 33 2.27 -6.87 3.31
CA ASN A 33 2.15 -7.99 4.26
C ASN A 33 2.48 -9.33 3.59
N GLN A 34 1.98 -9.57 2.37
CA GLN A 34 2.35 -10.75 1.57
C GLN A 34 3.84 -10.80 1.25
N TYR A 35 4.47 -9.68 0.86
CA TYR A 35 5.92 -9.62 0.65
C TYR A 35 6.70 -10.04 1.91
N PHE A 36 6.25 -9.58 3.09
CA PHE A 36 6.85 -9.94 4.38
C PHE A 36 6.65 -11.41 4.74
N GLN A 37 5.48 -11.98 4.45
CA GLN A 37 5.16 -13.38 4.71
C GLN A 37 5.93 -14.34 3.78
N LYS A 38 6.12 -13.97 2.51
CA LYS A 38 6.82 -14.77 1.51
C LYS A 38 8.36 -14.72 1.65
N GLU A 39 8.91 -13.58 2.09
CA GLU A 39 10.35 -13.40 2.29
C GLU A 39 10.82 -13.66 3.73
N LYS A 40 9.90 -13.90 4.67
CA LYS A 40 10.17 -14.05 6.11
C LYS A 40 10.79 -12.78 6.74
N ILE A 41 10.39 -11.62 6.23
CA ILE A 41 10.78 -10.27 6.68
C ILE A 41 9.73 -9.78 7.71
N GLN A 42 10.08 -8.80 8.54
CA GLN A 42 9.18 -8.14 9.48
C GLN A 42 9.40 -6.62 9.41
N GLY A 43 8.29 -5.87 9.39
CA GLY A 43 8.25 -4.41 9.38
C GLY A 43 7.02 -3.87 10.09
N GLU A 44 7.19 -2.79 10.86
CA GLU A 44 6.14 -2.09 11.59
C GLU A 44 6.22 -0.58 11.33
N TYR A 45 5.07 0.08 11.15
CA TYR A 45 4.97 1.51 10.89
C TYR A 45 5.33 2.34 12.13
N LYS A 46 6.19 3.34 11.94
CA LYS A 46 6.49 4.38 12.94
C LYS A 46 5.65 5.62 12.62
N TYR A 47 5.10 6.29 13.64
CA TYR A 47 4.17 7.43 13.44
C TYR A 47 4.67 8.74 14.08
N THR A 48 4.21 9.85 13.48
CA THR A 48 4.34 11.23 13.99
C THR A 48 2.96 11.89 13.91
N GLN A 49 2.40 12.27 15.06
CA GLN A 49 1.18 13.10 15.11
C GLN A 49 1.52 14.55 14.70
N VAL A 50 0.60 15.19 13.97
CA VAL A 50 0.65 16.64 13.69
C VAL A 50 -0.70 17.28 14.05
N GLY A 51 -0.63 18.51 14.57
CA GLY A 51 -1.76 19.23 15.19
C GLY A 51 -2.04 18.80 16.65
N PRO A 52 -2.82 19.60 17.40
CA PRO A 52 -3.19 19.32 18.80
C PRO A 52 -4.17 18.14 18.89
N ASP A 53 -4.29 17.55 20.08
CA ASP A 53 -5.02 16.28 20.28
C ASP A 53 -6.53 16.35 19.98
N HIS A 54 -7.12 17.55 20.00
CA HIS A 54 -8.52 17.80 19.64
C HIS A 54 -8.75 18.04 18.11
N ASN A 55 -7.68 18.29 17.35
CA ASN A 55 -7.71 18.55 15.90
C ASN A 55 -6.34 18.20 15.26
N ARG A 56 -6.20 16.94 14.84
CA ARG A 56 -4.93 16.34 14.41
C ARG A 56 -5.04 15.48 13.15
N SER A 57 -3.88 15.19 12.58
CA SER A 57 -3.61 14.22 11.51
C SER A 57 -2.30 13.49 11.84
N PHE A 58 -1.95 12.46 11.07
CA PHE A 58 -0.81 11.60 11.34
C PHE A 58 0.06 11.39 10.09
N ILE A 59 1.36 11.39 10.32
CA ILE A 59 2.38 10.97 9.35
C ILE A 59 2.86 9.59 9.77
N ALA A 60 2.96 8.65 8.83
CA ALA A 60 3.51 7.32 9.06
C ALA A 60 4.70 7.06 8.12
N GLU A 61 5.70 6.36 8.63
CA GLU A 61 6.96 6.11 7.94
C GLU A 61 7.50 4.69 8.21
N MET A 62 8.23 4.17 7.23
CA MET A 62 8.78 2.82 7.20
C MET A 62 9.93 2.73 6.18
N THR A 63 10.94 1.89 6.47
CA THR A 63 12.08 1.59 5.59
C THR A 63 12.38 0.10 5.64
N ILE A 64 12.55 -0.52 4.47
CA ILE A 64 12.78 -1.97 4.33
C ILE A 64 13.90 -2.28 3.34
N TYR A 65 14.65 -3.35 3.61
CA TYR A 65 15.76 -3.83 2.80
C TYR A 65 15.33 -4.99 1.87
N ILE A 66 15.80 -4.94 0.62
CA ILE A 66 15.48 -5.87 -0.46
C ILE A 66 16.72 -6.68 -0.83
N LYS A 67 16.78 -7.90 -0.29
CA LYS A 67 17.90 -8.82 -0.48
C LYS A 67 18.09 -9.32 -1.92
N GLN A 68 17.02 -9.32 -2.71
CA GLN A 68 17.05 -9.66 -4.13
C GLN A 68 17.58 -8.54 -5.05
N LEU A 69 17.74 -7.32 -4.52
CA LEU A 69 18.33 -6.16 -5.23
C LEU A 69 19.67 -5.70 -4.64
N GLY A 70 19.91 -5.93 -3.34
CA GLY A 70 21.11 -5.48 -2.63
C GLY A 70 21.02 -4.04 -2.12
N ARG A 71 19.80 -3.54 -1.89
CA ARG A 71 19.50 -2.15 -1.49
C ARG A 71 18.25 -2.07 -0.60
N ARG A 72 17.86 -0.86 -0.19
CA ARG A 72 16.67 -0.59 0.65
C ARG A 72 15.80 0.52 0.06
N ILE A 73 14.54 0.59 0.50
CA ILE A 73 13.52 1.60 0.14
C ILE A 73 12.81 2.13 1.38
N PHE A 74 12.40 3.40 1.34
CA PHE A 74 11.87 4.17 2.47
C PHE A 74 10.65 4.99 2.04
N ALA A 75 9.75 5.26 2.99
CA ALA A 75 8.54 6.06 2.83
C ALA A 75 8.24 6.90 4.09
N ARG A 76 7.55 8.03 3.90
CA ARG A 76 7.06 8.93 4.95
C ARG A 76 5.86 9.72 4.39
N GLU A 77 4.65 9.31 4.75
CA GLU A 77 3.40 9.75 4.11
C GLU A 77 2.34 10.19 5.11
N HIS A 78 1.47 11.11 4.69
CA HIS A 78 0.48 11.79 5.52
C HIS A 78 -0.96 11.29 5.30
N GLY A 79 -1.70 11.02 6.39
CA GLY A 79 -3.13 10.68 6.39
C GLY A 79 -3.92 11.39 7.49
N SER A 80 -5.24 11.46 7.33
CA SER A 80 -6.15 12.06 8.32
C SER A 80 -6.15 11.35 9.69
N ASN A 81 -5.75 10.06 9.72
CA ASN A 81 -5.51 9.26 10.91
C ASN A 81 -4.44 8.18 10.64
N LYS A 82 -4.07 7.39 11.67
CA LYS A 82 -3.02 6.37 11.57
C LYS A 82 -3.30 5.28 10.52
N LYS A 83 -4.56 4.91 10.28
CA LYS A 83 -4.93 3.94 9.24
C LYS A 83 -4.64 4.49 7.83
N LEU A 84 -5.16 5.69 7.53
CA LEU A 84 -4.88 6.41 6.27
C LEU A 84 -3.38 6.64 6.06
N ALA A 85 -2.66 7.05 7.11
CA ALA A 85 -1.22 7.27 7.06
C ALA A 85 -0.45 5.97 6.71
N ALA A 86 -0.77 4.85 7.37
CA ALA A 86 -0.14 3.55 7.09
C ALA A 86 -0.56 2.95 5.74
N GLN A 87 -1.77 3.22 5.26
CA GLN A 87 -2.25 2.90 3.91
C GLN A 87 -1.41 3.64 2.85
N SER A 88 -1.22 4.95 2.99
CA SER A 88 -0.37 5.72 2.08
C SER A 88 1.11 5.30 2.17
N CYS A 89 1.61 5.01 3.37
CA CYS A 89 2.95 4.47 3.59
C CYS A 89 3.14 3.14 2.86
N ALA A 90 2.22 2.19 3.01
CA ALA A 90 2.27 0.91 2.30
C ALA A 90 2.27 1.10 0.77
N LEU A 91 1.41 1.98 0.25
CA LEU A 91 1.38 2.32 -1.17
C LEU A 91 2.70 2.94 -1.66
N SER A 92 3.37 3.72 -0.82
CA SER A 92 4.69 4.30 -1.11
C SER A 92 5.81 3.24 -1.17
N LEU A 93 5.83 2.23 -0.28
CA LEU A 93 6.73 1.07 -0.43
C LEU A 93 6.33 0.25 -1.65
N VAL A 94 5.05 -0.09 -1.81
CA VAL A 94 4.58 -1.01 -2.86
C VAL A 94 4.81 -0.44 -4.27
N ARG A 95 4.64 0.87 -4.48
CA ARG A 95 4.97 1.48 -5.78
C ARG A 95 6.49 1.54 -6.04
N GLN A 96 7.34 1.60 -5.01
CA GLN A 96 8.78 1.45 -5.17
C GLN A 96 9.18 -0.01 -5.45
N LEU A 97 8.53 -0.99 -4.81
CA LEU A 97 8.72 -2.42 -5.09
C LEU A 97 8.38 -2.74 -6.55
N TYR A 98 7.26 -2.21 -7.05
CA TYR A 98 6.84 -2.33 -8.45
C TYR A 98 7.81 -1.63 -9.43
N HIS A 99 8.23 -0.39 -9.16
CA HIS A 99 9.17 0.35 -10.03
C HIS A 99 10.59 -0.24 -10.06
N LEU A 100 10.98 -0.99 -9.01
CA LEU A 100 12.25 -1.73 -8.94
C LEU A 100 12.12 -3.21 -9.40
N GLY A 101 10.90 -3.70 -9.66
CA GLY A 101 10.64 -5.05 -10.21
C GLY A 101 10.55 -6.17 -9.17
N VAL A 102 10.32 -5.83 -7.90
CA VAL A 102 10.15 -6.79 -6.79
C VAL A 102 8.75 -7.43 -6.77
N ILE A 103 7.75 -6.73 -7.35
CA ILE A 103 6.37 -7.19 -7.50
C ILE A 103 5.85 -6.97 -8.93
N GLU A 104 4.73 -7.61 -9.23
CA GLU A 104 3.91 -7.42 -10.43
C GLU A 104 2.99 -6.19 -10.27
N ALA A 105 2.26 -5.83 -11.33
CA ALA A 105 1.16 -4.85 -11.25
C ALA A 105 -0.08 -5.49 -10.60
N TYR A 106 -0.97 -4.69 -10.02
CA TYR A 106 -2.17 -5.19 -9.34
C TYR A 106 -3.11 -6.00 -10.26
N SER A 107 -3.90 -6.85 -9.62
CA SER A 107 -4.74 -7.93 -10.16
C SER A 107 -6.10 -7.47 -10.75
N SER A 108 -6.42 -6.18 -10.68
CA SER A 108 -7.73 -5.62 -11.10
C SER A 108 -7.61 -4.10 -11.37
N GLY A 109 -8.74 -3.41 -11.55
CA GLY A 109 -8.80 -1.95 -11.69
C GLY A 109 -8.37 -1.21 -10.41
N PRO A 110 -8.07 0.10 -10.47
CA PRO A 110 -7.59 0.89 -9.35
C PRO A 110 -8.75 1.27 -8.41
N SER A 111 -9.30 0.26 -7.71
CA SER A 111 -10.40 0.36 -6.75
C SER A 111 -10.46 -0.91 -5.86
N SER A 112 -11.48 -1.00 -5.00
CA SER A 112 -11.67 -2.08 -4.02
C SER A 112 -13.14 -2.48 -3.78
N GLY A 113 -14.10 -1.86 -4.49
CA GLY A 113 -15.54 -2.13 -4.37
C GLY A 113 -16.39 -1.24 -5.28
N GLY A 1 -29.36 -20.51 -4.43
CA GLY A 1 -28.25 -19.85 -5.17
C GLY A 1 -28.78 -18.97 -6.28
N SER A 2 -27.99 -17.98 -6.71
CA SER A 2 -28.39 -16.95 -7.70
C SER A 2 -28.31 -17.42 -9.16
N SER A 3 -27.73 -18.58 -9.43
CA SER A 3 -27.53 -19.17 -10.77
C SER A 3 -27.18 -20.67 -10.68
N GLY A 4 -26.89 -21.31 -11.83
CA GLY A 4 -26.35 -22.68 -11.90
C GLY A 4 -24.85 -22.76 -11.57
N SER A 5 -24.19 -21.64 -11.27
CA SER A 5 -22.79 -21.53 -10.78
C SER A 5 -21.70 -21.84 -11.82
N SER A 6 -22.07 -22.27 -13.03
CA SER A 6 -21.12 -22.67 -14.10
C SER A 6 -20.63 -21.48 -14.97
N GLY A 7 -21.26 -20.31 -14.84
CA GLY A 7 -20.83 -19.05 -15.46
C GLY A 7 -20.18 -18.14 -14.42
N LEU A 8 -18.92 -17.76 -14.65
CA LEU A 8 -18.07 -16.99 -13.74
C LEU A 8 -17.08 -16.10 -14.50
N GLU A 9 -16.59 -15.07 -13.82
CA GLU A 9 -15.47 -14.21 -14.22
C GLU A 9 -14.81 -13.69 -12.93
N SER A 10 -13.48 -13.68 -12.90
CA SER A 10 -12.66 -13.43 -11.71
C SER A 10 -11.57 -12.36 -11.92
N GLU A 11 -11.62 -11.64 -13.05
CA GLU A 11 -10.66 -10.61 -13.46
C GLU A 11 -11.37 -9.49 -14.25
N GLU A 12 -10.90 -8.25 -14.05
CA GLU A 12 -11.35 -7.05 -14.78
C GLU A 12 -10.28 -5.95 -14.64
N VAL A 13 -9.88 -5.34 -15.76
CA VAL A 13 -8.71 -4.44 -15.84
C VAL A 13 -8.84 -3.45 -17.02
N ASP A 14 -8.09 -2.35 -16.95
CA ASP A 14 -7.93 -1.36 -18.04
C ASP A 14 -6.48 -1.37 -18.55
N LEU A 15 -6.36 -1.27 -19.88
CA LEU A 15 -5.10 -1.41 -20.61
C LEU A 15 -4.17 -0.20 -20.44
N ASN A 16 -4.72 0.99 -20.21
CA ASN A 16 -3.96 2.23 -19.94
C ASN A 16 -3.46 2.25 -18.48
N ALA A 17 -4.30 1.80 -17.54
CA ALA A 17 -3.96 1.68 -16.11
C ALA A 17 -2.79 0.70 -15.86
N GLY A 18 -2.59 -0.27 -16.75
CA GLY A 18 -1.48 -1.23 -16.70
C GLY A 18 -0.09 -0.63 -16.95
N LEU A 19 0.01 0.58 -17.52
CA LEU A 19 1.28 1.32 -17.65
C LEU A 19 1.65 2.05 -16.35
N HIS A 20 0.66 2.46 -15.56
CA HIS A 20 0.84 3.22 -14.31
C HIS A 20 0.86 2.33 -13.05
N GLY A 21 0.45 1.06 -13.17
CA GLY A 21 0.31 0.10 -12.06
C GLY A 21 -1.03 0.28 -11.35
N ASN A 22 -1.75 -0.83 -11.15
CA ASN A 22 -3.11 -0.84 -10.59
C ASN A 22 -3.17 -0.71 -9.04
N TRP A 23 -2.03 -0.69 -8.34
CA TRP A 23 -1.97 -0.72 -6.88
C TRP A 23 -2.77 0.41 -6.21
N THR A 24 -3.62 0.01 -5.27
CA THR A 24 -4.52 0.87 -4.48
C THR A 24 -4.11 0.83 -3.01
N LEU A 25 -4.66 1.76 -2.21
CA LEU A 25 -4.37 1.88 -0.77
C LEU A 25 -4.63 0.58 0.02
N GLU A 26 -5.67 -0.17 -0.36
CA GLU A 26 -6.09 -1.39 0.32
C GLU A 26 -5.21 -2.58 -0.10
N ASN A 27 -5.05 -2.76 -1.42
CA ASN A 27 -4.29 -3.88 -1.98
C ASN A 27 -2.79 -3.73 -1.76
N ALA A 28 -2.26 -2.51 -1.62
CA ALA A 28 -0.86 -2.29 -1.25
C ALA A 28 -0.57 -2.68 0.21
N LYS A 29 -1.46 -2.35 1.15
CA LYS A 29 -1.29 -2.74 2.57
C LYS A 29 -1.26 -4.27 2.73
N ALA A 30 -2.14 -4.96 2.00
CA ALA A 30 -2.10 -6.43 1.86
C ALA A 30 -0.80 -6.91 1.18
N ARG A 31 -0.38 -6.29 0.07
CA ARG A 31 0.78 -6.75 -0.70
C ARG A 31 2.11 -6.57 0.04
N LEU A 32 2.24 -5.55 0.88
CA LEU A 32 3.43 -5.37 1.72
C LEU A 32 3.52 -6.45 2.80
N ASN A 33 2.40 -6.83 3.41
CA ASN A 33 2.33 -7.97 4.31
C ASN A 33 2.62 -9.32 3.60
N GLN A 34 2.11 -9.52 2.39
CA GLN A 34 2.43 -10.68 1.55
C GLN A 34 3.93 -10.74 1.23
N TYR A 35 4.55 -9.63 0.84
CA TYR A 35 5.99 -9.53 0.62
C TYR A 35 6.80 -9.93 1.87
N PHE A 36 6.36 -9.51 3.05
CA PHE A 36 6.98 -9.87 4.33
C PHE A 36 6.82 -11.35 4.67
N GLN A 37 5.66 -11.96 4.36
CA GLN A 37 5.39 -13.38 4.59
C GLN A 37 6.21 -14.28 3.63
N LYS A 38 6.37 -13.87 2.36
CA LYS A 38 7.12 -14.63 1.36
C LYS A 38 8.65 -14.53 1.52
N GLU A 39 9.16 -13.39 1.98
CA GLU A 39 10.60 -13.14 2.20
C GLU A 39 11.05 -13.42 3.64
N LYS A 40 10.14 -13.71 4.57
CA LYS A 40 10.41 -13.91 6.01
C LYS A 40 10.98 -12.64 6.69
N ILE A 41 10.55 -11.47 6.21
CA ILE A 41 10.91 -10.13 6.70
C ILE A 41 9.87 -9.67 7.74
N GLN A 42 10.22 -8.71 8.59
CA GLN A 42 9.33 -8.09 9.58
C GLN A 42 9.47 -6.56 9.51
N GLY A 43 8.33 -5.85 9.47
CA GLY A 43 8.26 -4.38 9.44
C GLY A 43 6.99 -3.84 10.09
N GLU A 44 7.12 -2.74 10.83
CA GLU A 44 6.03 -2.01 11.49
C GLU A 44 6.18 -0.50 11.26
N TYR A 45 5.06 0.20 11.08
CA TYR A 45 5.04 1.65 10.81
C TYR A 45 5.41 2.47 12.05
N LYS A 46 6.34 3.43 11.89
CA LYS A 46 6.61 4.47 12.89
C LYS A 46 5.68 5.66 12.62
N TYR A 47 4.88 6.06 13.61
CA TYR A 47 3.93 7.16 13.47
C TYR A 47 4.41 8.45 14.16
N THR A 48 3.95 9.59 13.65
CA THR A 48 4.11 10.92 14.24
C THR A 48 2.79 11.67 14.16
N GLN A 49 2.24 12.09 15.29
CA GLN A 49 1.06 12.97 15.33
C GLN A 49 1.48 14.40 14.97
N VAL A 50 0.64 15.11 14.21
CA VAL A 50 0.75 16.56 13.98
C VAL A 50 -0.57 17.23 14.33
N GLY A 51 -0.49 18.43 14.89
CA GLY A 51 -1.62 19.15 15.52
C GLY A 51 -1.93 18.66 16.95
N PRO A 52 -2.68 19.45 17.75
CA PRO A 52 -3.03 19.13 19.14
C PRO A 52 -4.06 18.00 19.25
N ASP A 53 -4.24 17.46 20.46
CA ASP A 53 -5.12 16.31 20.74
C ASP A 53 -6.59 16.51 20.34
N HIS A 54 -7.08 17.76 20.33
CA HIS A 54 -8.44 18.12 19.91
C HIS A 54 -8.60 18.33 18.38
N ASN A 55 -7.51 18.45 17.62
CA ASN A 55 -7.50 18.68 16.17
C ASN A 55 -6.15 18.24 15.56
N ARG A 56 -6.09 17.02 15.02
CA ARG A 56 -4.84 16.36 14.58
C ARG A 56 -4.95 15.55 13.29
N SER A 57 -3.79 15.24 12.74
CA SER A 57 -3.53 14.30 11.66
C SER A 57 -2.27 13.47 12.00
N PHE A 58 -2.02 12.40 11.25
CA PHE A 58 -0.92 11.47 11.50
C PHE A 58 -0.05 11.27 10.26
N ILE A 59 1.26 11.34 10.48
CA ILE A 59 2.32 10.96 9.55
C ILE A 59 2.74 9.53 9.92
N ALA A 60 3.00 8.68 8.92
CA ALA A 60 3.51 7.32 9.10
C ALA A 60 4.71 7.09 8.17
N GLU A 61 5.72 6.40 8.66
CA GLU A 61 6.95 6.12 7.92
C GLU A 61 7.52 4.72 8.17
N MET A 62 8.25 4.22 7.17
CA MET A 62 8.80 2.86 7.12
C MET A 62 9.96 2.79 6.11
N THR A 63 10.98 2.00 6.42
CA THR A 63 12.13 1.70 5.54
C THR A 63 12.42 0.21 5.61
N ILE A 64 12.57 -0.44 4.45
CA ILE A 64 12.79 -1.89 4.32
C ILE A 64 13.91 -2.21 3.34
N TYR A 65 14.69 -3.25 3.65
CA TYR A 65 15.79 -3.74 2.84
C TYR A 65 15.36 -4.93 1.96
N ILE A 66 15.82 -4.93 0.71
CA ILE A 66 15.49 -5.88 -0.35
C ILE A 66 16.72 -6.73 -0.66
N LYS A 67 16.79 -7.88 -0.01
CA LYS A 67 17.90 -8.84 -0.14
C LYS A 67 18.03 -9.48 -1.53
N GLN A 68 16.93 -9.52 -2.27
CA GLN A 68 16.89 -9.97 -3.66
C GLN A 68 17.43 -8.94 -4.69
N LEU A 69 17.62 -7.68 -4.29
CA LEU A 69 18.21 -6.62 -5.12
C LEU A 69 19.55 -6.08 -4.58
N GLY A 70 19.80 -6.16 -3.27
CA GLY A 70 21.02 -5.65 -2.62
C GLY A 70 20.94 -4.17 -2.21
N ARG A 71 19.73 -3.66 -1.97
CA ARG A 71 19.43 -2.26 -1.64
C ARG A 71 18.21 -2.13 -0.70
N ARG A 72 17.82 -0.91 -0.35
CA ARG A 72 16.64 -0.61 0.51
C ARG A 72 15.76 0.49 -0.08
N ILE A 73 14.53 0.58 0.42
CA ILE A 73 13.51 1.59 0.07
C ILE A 73 12.82 2.15 1.32
N PHE A 74 12.44 3.43 1.26
CA PHE A 74 11.90 4.20 2.38
C PHE A 74 10.66 5.00 1.93
N ALA A 75 9.75 5.27 2.86
CA ALA A 75 8.60 6.14 2.68
C ALA A 75 8.25 6.91 3.96
N ARG A 76 7.63 8.08 3.79
CA ARG A 76 7.06 8.94 4.83
C ARG A 76 5.86 9.67 4.25
N GLU A 77 4.66 9.29 4.69
CA GLU A 77 3.36 9.70 4.12
C GLU A 77 2.38 10.06 5.24
N HIS A 78 1.18 10.56 4.94
CA HIS A 78 0.25 11.07 5.96
C HIS A 78 -1.24 10.96 5.58
N GLY A 79 -2.08 10.87 6.62
CA GLY A 79 -3.54 10.85 6.57
C GLY A 79 -4.17 11.53 7.78
N SER A 80 -5.50 11.60 7.83
CA SER A 80 -6.23 12.17 8.98
C SER A 80 -6.11 11.32 10.27
N ASN A 81 -5.66 10.05 10.14
CA ASN A 81 -5.51 9.08 11.22
C ASN A 81 -4.58 7.92 10.79
N LYS A 82 -4.10 7.12 11.76
CA LYS A 82 -3.04 6.10 11.55
C LYS A 82 -3.33 5.11 10.41
N LYS A 83 -4.57 4.64 10.25
CA LYS A 83 -4.96 3.73 9.17
C LYS A 83 -4.70 4.34 7.78
N LEU A 84 -5.21 5.55 7.54
CA LEU A 84 -4.99 6.34 6.32
C LEU A 84 -3.51 6.63 6.07
N ALA A 85 -2.78 7.02 7.11
CA ALA A 85 -1.34 7.28 7.04
C ALA A 85 -0.54 6.03 6.62
N ALA A 86 -0.82 4.87 7.25
CA ALA A 86 -0.19 3.58 6.94
C ALA A 86 -0.61 3.01 5.58
N GLN A 87 -1.84 3.26 5.13
CA GLN A 87 -2.33 2.96 3.78
C GLN A 87 -1.50 3.69 2.72
N SER A 88 -1.31 5.00 2.87
CA SER A 88 -0.47 5.78 1.95
C SER A 88 1.00 5.36 2.01
N CYS A 89 1.52 5.06 3.22
CA CYS A 89 2.87 4.55 3.41
C CYS A 89 3.07 3.20 2.69
N ALA A 90 2.15 2.26 2.86
CA ALA A 90 2.17 0.97 2.17
C ALA A 90 2.21 1.14 0.64
N LEU A 91 1.33 1.97 0.09
CA LEU A 91 1.32 2.28 -1.35
C LEU A 91 2.62 2.93 -1.83
N SER A 92 3.28 3.72 -0.99
CA SER A 92 4.59 4.31 -1.29
C SER A 92 5.73 3.27 -1.29
N LEU A 93 5.74 2.26 -0.42
CA LEU A 93 6.67 1.12 -0.52
C LEU A 93 6.31 0.23 -1.73
N VAL A 94 5.04 -0.14 -1.88
CA VAL A 94 4.58 -1.06 -2.93
C VAL A 94 4.81 -0.48 -4.34
N ARG A 95 4.64 0.82 -4.56
CA ARG A 95 4.98 1.45 -5.84
C ARG A 95 6.49 1.55 -6.09
N GLN A 96 7.33 1.57 -5.05
CA GLN A 96 8.79 1.44 -5.22
C GLN A 96 9.19 -0.01 -5.52
N LEU A 97 8.53 -1.00 -4.91
CA LEU A 97 8.73 -2.43 -5.22
C LEU A 97 8.36 -2.72 -6.68
N TYR A 98 7.27 -2.15 -7.17
CA TYR A 98 6.84 -2.20 -8.58
C TYR A 98 7.82 -1.50 -9.54
N HIS A 99 8.30 -0.30 -9.21
CA HIS A 99 9.27 0.43 -10.04
C HIS A 99 10.68 -0.22 -10.07
N LEU A 100 11.04 -0.98 -9.03
CA LEU A 100 12.26 -1.79 -8.96
C LEU A 100 12.09 -3.21 -9.55
N GLY A 101 10.86 -3.63 -9.84
CA GLY A 101 10.55 -4.93 -10.45
C GLY A 101 10.45 -6.10 -9.46
N VAL A 102 10.26 -5.82 -8.17
CA VAL A 102 10.04 -6.84 -7.11
C VAL A 102 8.62 -7.41 -7.19
N ILE A 103 7.67 -6.62 -7.71
CA ILE A 103 6.27 -7.00 -7.94
C ILE A 103 5.81 -6.58 -9.35
N GLU A 104 4.69 -7.14 -9.79
CA GLU A 104 3.95 -6.73 -10.99
C GLU A 104 2.76 -5.82 -10.61
N ALA A 105 1.95 -5.39 -11.58
CA ALA A 105 0.75 -4.59 -11.34
C ALA A 105 -0.37 -5.40 -10.64
N TYR A 106 -1.18 -4.74 -9.81
CA TYR A 106 -2.29 -5.37 -9.10
C TYR A 106 -3.35 -6.04 -10.02
N SER A 107 -3.99 -7.06 -9.46
CA SER A 107 -4.90 -8.04 -10.05
C SER A 107 -6.21 -7.51 -10.64
N SER A 108 -6.58 -6.24 -10.44
CA SER A 108 -7.82 -5.63 -10.92
C SER A 108 -7.67 -4.13 -11.15
N GLY A 109 -8.28 -3.59 -12.21
CA GLY A 109 -8.17 -2.17 -12.56
C GLY A 109 -8.95 -1.26 -11.60
N PRO A 110 -8.41 -0.09 -11.21
CA PRO A 110 -9.12 0.93 -10.43
C PRO A 110 -10.40 1.42 -11.12
N SER A 111 -11.42 1.79 -10.34
CA SER A 111 -12.74 2.23 -10.83
C SER A 111 -13.52 3.04 -9.77
N SER A 112 -14.51 3.82 -10.20
CA SER A 112 -15.26 4.76 -9.34
C SER A 112 -16.50 4.14 -8.65
N GLY A 113 -16.84 2.88 -8.96
CA GLY A 113 -18.01 2.17 -8.44
C GLY A 113 -18.19 0.77 -9.03
N GLY A 1 -1.80 -26.12 -14.01
CA GLY A 1 -0.44 -26.27 -14.58
C GLY A 1 -0.43 -26.14 -16.10
N SER A 2 0.70 -25.77 -16.68
CA SER A 2 0.83 -25.44 -18.12
C SER A 2 0.67 -26.63 -19.08
N SER A 3 0.66 -27.87 -18.57
CA SER A 3 0.37 -29.09 -19.33
C SER A 3 -1.15 -29.37 -19.50
N GLY A 4 -2.02 -28.59 -18.84
CA GLY A 4 -3.48 -28.68 -18.95
C GLY A 4 -4.07 -27.84 -20.08
N SER A 5 -5.40 -27.70 -20.08
CA SER A 5 -6.16 -26.91 -21.06
C SER A 5 -5.79 -25.42 -21.03
N SER A 6 -5.63 -24.78 -22.21
CA SER A 6 -5.09 -23.41 -22.33
C SER A 6 -5.86 -22.54 -23.36
N GLY A 7 -7.04 -22.97 -23.82
CA GLY A 7 -7.93 -22.24 -24.74
C GLY A 7 -8.78 -21.19 -24.03
N LEU A 8 -8.13 -20.36 -23.20
CA LEU A 8 -8.72 -19.42 -22.25
C LEU A 8 -7.69 -18.39 -21.75
N GLU A 9 -8.03 -17.68 -20.67
CA GLU A 9 -7.27 -16.67 -19.94
C GLU A 9 -7.41 -15.28 -20.59
N SER A 10 -8.23 -14.44 -19.96
CA SER A 10 -8.36 -13.00 -20.28
C SER A 10 -8.82 -12.24 -19.03
N GLU A 11 -8.03 -11.26 -18.58
CA GLU A 11 -8.29 -10.44 -17.39
C GLU A 11 -8.82 -9.04 -17.80
N GLU A 12 -10.03 -8.70 -17.38
CA GLU A 12 -10.69 -7.44 -17.71
C GLU A 12 -10.14 -6.29 -16.85
N VAL A 13 -9.05 -5.69 -17.33
CA VAL A 13 -8.30 -4.60 -16.69
C VAL A 13 -7.77 -3.61 -17.74
N ASP A 14 -7.68 -2.33 -17.37
CA ASP A 14 -7.16 -1.26 -18.23
C ASP A 14 -5.62 -1.30 -18.38
N LEU A 15 -5.17 -1.03 -19.60
CA LEU A 15 -3.77 -1.06 -20.02
C LEU A 15 -3.03 0.25 -19.69
N ASN A 16 -3.73 1.39 -19.68
CA ASN A 16 -3.14 2.70 -19.37
C ASN A 16 -2.73 2.77 -17.89
N ALA A 17 -3.61 2.32 -16.99
CA ALA A 17 -3.32 2.10 -15.57
C ALA A 17 -2.14 1.13 -15.37
N GLY A 18 -2.01 0.11 -16.24
CA GLY A 18 -0.95 -0.89 -16.22
C GLY A 18 0.45 -0.37 -16.58
N LEU A 19 0.57 0.86 -17.10
CA LEU A 19 1.85 1.55 -17.29
C LEU A 19 2.36 2.17 -15.98
N HIS A 20 1.46 2.72 -15.18
CA HIS A 20 1.74 3.42 -13.92
C HIS A 20 1.62 2.53 -12.66
N GLY A 21 1.10 1.31 -12.80
CA GLY A 21 0.78 0.38 -11.71
C GLY A 21 -0.61 0.68 -11.13
N ASN A 22 -1.43 -0.37 -11.01
CA ASN A 22 -2.84 -0.26 -10.56
C ASN A 22 -3.01 -0.14 -9.03
N TRP A 23 -1.93 -0.25 -8.24
CA TRP A 23 -1.99 -0.35 -6.78
C TRP A 23 -2.70 0.85 -6.13
N THR A 24 -3.55 0.53 -5.15
CA THR A 24 -4.36 1.44 -4.35
C THR A 24 -4.13 1.17 -2.87
N LEU A 25 -4.66 2.03 -2.00
CA LEU A 25 -4.48 1.96 -0.55
C LEU A 25 -4.86 0.61 0.07
N GLU A 26 -5.82 -0.11 -0.52
CA GLU A 26 -6.33 -1.37 0.04
C GLU A 26 -5.47 -2.56 -0.39
N ASN A 27 -5.19 -2.70 -1.70
CA ASN A 27 -4.39 -3.82 -2.22
C ASN A 27 -2.88 -3.64 -1.96
N ALA A 28 -2.37 -2.42 -1.81
CA ALA A 28 -0.98 -2.19 -1.41
C ALA A 28 -0.71 -2.62 0.05
N LYS A 29 -1.59 -2.25 0.99
CA LYS A 29 -1.46 -2.65 2.40
C LYS A 29 -1.42 -4.18 2.55
N ALA A 30 -2.32 -4.88 1.85
CA ALA A 30 -2.30 -6.34 1.75
C ALA A 30 -1.02 -6.88 1.08
N ARG A 31 -0.60 -6.30 -0.06
CA ARG A 31 0.55 -6.80 -0.83
C ARG A 31 1.87 -6.65 -0.08
N LEU A 32 2.04 -5.62 0.75
CA LEU A 32 3.22 -5.43 1.58
C LEU A 32 3.29 -6.42 2.75
N ASN A 33 2.16 -6.70 3.40
CA ASN A 33 2.08 -7.75 4.42
C ASN A 33 2.30 -9.16 3.82
N GLN A 34 1.88 -9.41 2.58
CA GLN A 34 2.23 -10.62 1.83
C GLN A 34 3.71 -10.68 1.46
N TYR A 35 4.31 -9.57 1.00
CA TYR A 35 5.75 -9.48 0.72
C TYR A 35 6.61 -9.88 1.94
N PHE A 36 6.19 -9.46 3.13
CA PHE A 36 6.84 -9.81 4.40
C PHE A 36 6.74 -11.30 4.74
N GLN A 37 5.63 -11.96 4.40
CA GLN A 37 5.47 -13.41 4.59
C GLN A 37 6.24 -14.24 3.56
N LYS A 38 6.33 -13.78 2.30
CA LYS A 38 7.07 -14.48 1.24
C LYS A 38 8.60 -14.39 1.39
N GLU A 39 9.11 -13.25 1.87
CA GLU A 39 10.54 -13.01 2.12
C GLU A 39 10.99 -13.29 3.56
N LYS A 40 10.04 -13.58 4.47
CA LYS A 40 10.28 -13.79 5.92
C LYS A 40 10.93 -12.56 6.59
N ILE A 41 10.48 -11.37 6.17
CA ILE A 41 10.88 -10.04 6.67
C ILE A 41 9.89 -9.61 7.78
N GLN A 42 10.33 -8.71 8.67
CA GLN A 42 9.52 -8.14 9.74
C GLN A 42 9.61 -6.60 9.68
N GLY A 43 8.46 -5.93 9.69
CA GLY A 43 8.34 -4.47 9.65
C GLY A 43 7.09 -3.94 10.34
N GLU A 44 7.22 -2.80 11.00
CA GLU A 44 6.15 -2.07 11.70
C GLU A 44 6.25 -0.56 11.42
N TYR A 45 5.12 0.13 11.36
CA TYR A 45 5.06 1.57 11.05
C TYR A 45 5.39 2.43 12.27
N LYS A 46 6.23 3.46 12.07
CA LYS A 46 6.48 4.52 13.06
C LYS A 46 5.66 5.76 12.68
N TYR A 47 5.24 6.57 13.66
CA TYR A 47 4.32 7.70 13.43
C TYR A 47 4.79 9.05 14.00
N THR A 48 4.25 10.13 13.43
CA THR A 48 4.33 11.51 13.94
C THR A 48 2.93 12.12 13.91
N GLN A 49 2.43 12.59 15.05
CA GLN A 49 1.20 13.38 15.12
C GLN A 49 1.49 14.82 14.66
N VAL A 50 0.58 15.42 13.89
CA VAL A 50 0.60 16.86 13.57
C VAL A 50 -0.75 17.48 13.91
N GLY A 51 -0.71 18.72 14.41
CA GLY A 51 -1.85 19.43 15.02
C GLY A 51 -2.14 18.99 16.47
N PRO A 52 -2.90 19.80 17.25
CA PRO A 52 -3.28 19.51 18.63
C PRO A 52 -4.31 18.37 18.70
N ASP A 53 -4.46 17.73 19.86
CA ASP A 53 -5.30 16.53 20.04
C ASP A 53 -6.79 16.73 19.72
N HIS A 54 -7.29 17.97 19.79
CA HIS A 54 -8.67 18.33 19.39
C HIS A 54 -8.86 18.52 17.86
N ASN A 55 -7.76 18.68 17.10
CA ASN A 55 -7.76 18.86 15.65
C ASN A 55 -6.39 18.45 15.04
N ARG A 56 -6.25 17.15 14.70
CA ARG A 56 -4.98 16.54 14.29
C ARG A 56 -5.09 15.62 13.06
N SER A 57 -3.92 15.35 12.50
CA SER A 57 -3.65 14.34 11.46
C SER A 57 -2.36 13.58 11.83
N PHE A 58 -2.07 12.48 11.13
CA PHE A 58 -0.94 11.61 11.40
C PHE A 58 -0.09 11.37 10.16
N ILE A 59 1.22 11.44 10.37
CA ILE A 59 2.25 11.00 9.42
C ILE A 59 2.69 9.61 9.87
N ALA A 60 2.90 8.69 8.94
CA ALA A 60 3.45 7.36 9.19
C ALA A 60 4.63 7.09 8.24
N GLU A 61 5.62 6.33 8.71
CA GLU A 61 6.85 6.05 8.00
C GLU A 61 7.35 4.61 8.22
N MET A 62 8.11 4.12 7.24
CA MET A 62 8.67 2.77 7.20
C MET A 62 9.83 2.70 6.20
N THR A 63 10.84 1.89 6.51
CA THR A 63 12.00 1.59 5.65
C THR A 63 12.25 0.10 5.69
N ILE A 64 12.40 -0.54 4.53
CA ILE A 64 12.58 -1.99 4.38
C ILE A 64 13.70 -2.33 3.40
N TYR A 65 14.41 -3.42 3.69
CA TYR A 65 15.52 -3.93 2.89
C TYR A 65 15.08 -5.08 1.97
N ILE A 66 15.55 -5.04 0.73
CA ILE A 66 15.20 -5.95 -0.36
C ILE A 66 16.38 -6.87 -0.65
N LYS A 67 16.33 -8.05 -0.04
CA LYS A 67 17.37 -9.09 -0.15
C LYS A 67 17.55 -9.67 -1.57
N GLN A 68 16.50 -9.59 -2.39
CA GLN A 68 16.54 -10.00 -3.79
C GLN A 68 17.16 -8.97 -4.75
N LEU A 69 17.37 -7.73 -4.30
CA LEU A 69 18.02 -6.65 -5.08
C LEU A 69 19.35 -6.15 -4.49
N GLY A 70 19.57 -6.31 -3.18
CA GLY A 70 20.79 -5.87 -2.48
C GLY A 70 20.75 -4.40 -2.03
N ARG A 71 19.55 -3.85 -1.81
CA ARG A 71 19.30 -2.44 -1.45
C ARG A 71 18.06 -2.29 -0.55
N ARG A 72 17.70 -1.07 -0.16
CA ARG A 72 16.53 -0.74 0.67
C ARG A 72 15.69 0.40 0.10
N ILE A 73 14.45 0.53 0.57
CA ILE A 73 13.45 1.56 0.21
C ILE A 73 12.75 2.10 1.45
N PHE A 74 12.38 3.39 1.42
CA PHE A 74 11.86 4.17 2.54
C PHE A 74 10.65 5.01 2.10
N ALA A 75 9.73 5.27 3.03
CA ALA A 75 8.56 6.14 2.86
C ALA A 75 8.22 6.90 4.15
N ARG A 76 7.59 8.07 3.99
CA ARG A 76 7.02 8.91 5.06
C ARG A 76 5.85 9.69 4.45
N GLU A 77 4.62 9.28 4.78
CA GLU A 77 3.36 9.70 4.15
C GLU A 77 2.30 10.00 5.23
N HIS A 78 1.15 10.59 4.88
CA HIS A 78 0.19 11.09 5.87
C HIS A 78 -1.30 10.97 5.51
N GLY A 79 -2.13 10.80 6.54
CA GLY A 79 -3.59 10.73 6.50
C GLY A 79 -4.25 11.43 7.69
N SER A 80 -5.57 11.49 7.71
CA SER A 80 -6.36 12.07 8.82
C SER A 80 -6.28 11.25 10.13
N ASN A 81 -5.73 10.03 10.08
CA ASN A 81 -5.54 9.09 11.19
C ASN A 81 -4.44 8.07 10.87
N LYS A 82 -4.01 7.27 11.86
CA LYS A 82 -2.92 6.29 11.69
C LYS A 82 -3.20 5.21 10.63
N LYS A 83 -4.46 4.80 10.44
CA LYS A 83 -4.84 3.78 9.44
C LYS A 83 -4.58 4.32 8.01
N LEU A 84 -5.17 5.47 7.69
CA LEU A 84 -4.96 6.21 6.44
C LEU A 84 -3.48 6.54 6.18
N ALA A 85 -2.76 6.95 7.22
CA ALA A 85 -1.33 7.23 7.15
C ALA A 85 -0.49 5.98 6.80
N ALA A 86 -0.74 4.85 7.48
CA ALA A 86 -0.06 3.58 7.24
C ALA A 86 -0.45 2.94 5.88
N GLN A 87 -1.70 3.12 5.44
CA GLN A 87 -2.17 2.78 4.09
C GLN A 87 -1.40 3.56 3.02
N SER A 88 -1.23 4.88 3.20
CA SER A 88 -0.48 5.73 2.27
C SER A 88 1.01 5.37 2.27
N CYS A 89 1.58 5.08 3.45
CA CYS A 89 2.94 4.57 3.61
C CYS A 89 3.13 3.24 2.87
N ALA A 90 2.23 2.27 3.05
CA ALA A 90 2.27 0.99 2.34
C ALA A 90 2.23 1.15 0.82
N LEU A 91 1.35 2.02 0.31
CA LEU A 91 1.30 2.35 -1.13
C LEU A 91 2.59 3.01 -1.62
N SER A 92 3.27 3.79 -0.80
CA SER A 92 4.57 4.38 -1.13
C SER A 92 5.71 3.33 -1.17
N LEU A 93 5.71 2.30 -0.31
CA LEU A 93 6.63 1.16 -0.45
C LEU A 93 6.26 0.32 -1.67
N VAL A 94 4.99 -0.03 -1.84
CA VAL A 94 4.51 -0.89 -2.94
C VAL A 94 4.77 -0.26 -4.31
N ARG A 95 4.64 1.07 -4.45
CA ARG A 95 4.98 1.76 -5.70
C ARG A 95 6.50 1.87 -5.95
N GLN A 96 7.34 1.75 -4.92
CA GLN A 96 8.79 1.59 -5.08
C GLN A 96 9.18 0.15 -5.41
N LEU A 97 8.48 -0.84 -4.86
CA LEU A 97 8.64 -2.26 -5.21
C LEU A 97 8.30 -2.50 -6.69
N TYR A 98 7.22 -1.88 -7.18
CA TYR A 98 6.82 -1.88 -8.59
C TYR A 98 7.85 -1.15 -9.48
N HIS A 99 8.35 0.01 -9.08
CA HIS A 99 9.37 0.77 -9.82
C HIS A 99 10.72 0.02 -9.94
N LEU A 100 11.11 -0.71 -8.89
CA LEU A 100 12.30 -1.57 -8.87
C LEU A 100 12.07 -2.96 -9.49
N GLY A 101 10.82 -3.33 -9.82
CA GLY A 101 10.46 -4.58 -10.50
C GLY A 101 10.31 -5.79 -9.56
N VAL A 102 10.12 -5.57 -8.26
CA VAL A 102 9.86 -6.62 -7.26
C VAL A 102 8.43 -7.16 -7.38
N ILE A 103 7.50 -6.33 -7.88
CA ILE A 103 6.10 -6.67 -8.16
C ILE A 103 5.68 -6.19 -9.56
N GLU A 104 4.54 -6.71 -10.03
CA GLU A 104 3.83 -6.23 -11.23
C GLU A 104 2.63 -5.35 -10.83
N ALA A 105 1.82 -4.90 -11.79
CA ALA A 105 0.62 -4.09 -11.53
C ALA A 105 -0.51 -4.93 -10.89
N TYR A 106 -1.33 -4.28 -10.03
CA TYR A 106 -2.47 -4.93 -9.38
C TYR A 106 -3.53 -5.50 -10.36
N SER A 107 -4.25 -6.50 -9.85
CA SER A 107 -5.18 -7.42 -10.51
C SER A 107 -6.51 -6.83 -11.03
N SER A 108 -6.79 -5.54 -10.81
CA SER A 108 -8.04 -4.88 -11.21
C SER A 108 -7.86 -3.36 -11.36
N GLY A 109 -8.84 -2.67 -11.97
CA GLY A 109 -8.76 -1.24 -12.28
C GLY A 109 -8.90 -0.36 -11.02
N PRO A 110 -8.08 0.69 -10.84
CA PRO A 110 -8.19 1.62 -9.72
C PRO A 110 -9.45 2.48 -9.89
N SER A 111 -10.27 2.58 -8.83
CA SER A 111 -11.57 3.25 -8.84
C SER A 111 -12.10 3.48 -7.41
N SER A 112 -13.04 4.41 -7.24
CA SER A 112 -13.69 4.72 -5.95
C SER A 112 -14.84 3.77 -5.58
N GLY A 113 -15.26 2.88 -6.49
CA GLY A 113 -16.35 1.90 -6.30
C GLY A 113 -16.63 1.07 -7.55
N GLY A 1 -12.80 7.31 27.69
CA GLY A 1 -14.07 7.85 27.17
C GLY A 1 -14.55 7.09 25.95
N SER A 2 -15.29 7.75 25.06
CA SER A 2 -15.83 7.17 23.82
C SER A 2 -14.73 6.84 22.77
N SER A 3 -14.98 5.87 21.89
CA SER A 3 -14.04 5.38 20.88
C SER A 3 -14.74 4.62 19.73
N GLY A 4 -14.01 4.36 18.64
CA GLY A 4 -14.52 3.73 17.42
C GLY A 4 -15.03 4.73 16.37
N SER A 5 -15.13 4.27 15.12
CA SER A 5 -15.54 5.05 13.93
C SER A 5 -15.83 4.11 12.74
N SER A 6 -16.52 4.62 11.72
CA SER A 6 -16.92 3.87 10.50
C SER A 6 -17.24 4.82 9.33
N GLY A 7 -17.28 4.30 8.10
CA GLY A 7 -17.49 5.08 6.87
C GLY A 7 -17.20 4.28 5.60
N LEU A 8 -17.18 4.97 4.46
CA LEU A 8 -17.02 4.42 3.11
C LEU A 8 -16.28 5.41 2.19
N GLU A 9 -15.86 4.92 1.03
CA GLU A 9 -15.34 5.70 -0.08
C GLU A 9 -15.83 5.08 -1.40
N SER A 10 -16.22 5.93 -2.33
CA SER A 10 -16.64 5.54 -3.69
C SER A 10 -15.44 5.04 -4.53
N GLU A 11 -15.37 3.72 -4.75
CA GLU A 11 -14.35 3.06 -5.57
C GLU A 11 -14.45 3.43 -7.06
N GLU A 12 -13.32 3.30 -7.79
CA GLU A 12 -13.18 3.61 -9.21
C GLU A 12 -11.95 2.90 -9.81
N VAL A 13 -11.89 2.78 -11.13
CA VAL A 13 -10.90 1.99 -11.89
C VAL A 13 -10.51 2.73 -13.18
N ASP A 14 -9.21 2.70 -13.53
CA ASP A 14 -8.65 3.34 -14.72
C ASP A 14 -7.45 2.57 -15.28
N LEU A 15 -7.31 2.59 -16.60
CA LEU A 15 -6.31 1.82 -17.37
C LEU A 15 -4.99 2.58 -17.52
N ASN A 16 -5.03 3.90 -17.75
CA ASN A 16 -3.83 4.74 -17.89
C ASN A 16 -3.07 4.87 -16.56
N ALA A 17 -3.77 4.86 -15.42
CA ALA A 17 -3.19 4.76 -14.08
C ALA A 17 -2.45 3.43 -13.84
N GLY A 18 -2.75 2.39 -14.63
CA GLY A 18 -2.12 1.06 -14.53
C GLY A 18 -0.67 1.01 -15.00
N LEU A 19 -0.21 2.03 -15.74
CA LEU A 19 1.21 2.20 -16.11
C LEU A 19 2.07 2.54 -14.87
N HIS A 20 1.46 3.10 -13.83
CA HIS A 20 2.05 3.35 -12.50
C HIS A 20 1.76 2.22 -11.48
N GLY A 21 1.04 1.18 -11.92
CA GLY A 21 0.51 0.07 -11.12
C GLY A 21 -0.87 0.40 -10.55
N ASN A 22 -1.85 -0.50 -10.72
CA ASN A 22 -3.21 -0.35 -10.20
C ASN A 22 -3.32 -0.50 -8.66
N TRP A 23 -2.21 -0.72 -7.95
CA TRP A 23 -2.16 -0.78 -6.48
C TRP A 23 -2.84 0.44 -5.86
N THR A 24 -3.91 0.20 -5.10
CA THR A 24 -4.62 1.20 -4.29
C THR A 24 -4.17 1.10 -2.84
N LEU A 25 -4.63 2.03 -1.99
CA LEU A 25 -4.36 2.04 -0.55
C LEU A 25 -4.61 0.68 0.12
N GLU A 26 -5.72 0.02 -0.22
CA GLU A 26 -6.11 -1.26 0.38
C GLU A 26 -5.28 -2.42 -0.19
N ASN A 27 -5.12 -2.49 -1.52
CA ASN A 27 -4.37 -3.55 -2.17
C ASN A 27 -2.89 -3.52 -1.80
N ALA A 28 -2.30 -2.32 -1.60
CA ALA A 28 -0.92 -2.16 -1.17
C ALA A 28 -0.71 -2.58 0.30
N LYS A 29 -1.60 -2.15 1.20
CA LYS A 29 -1.52 -2.51 2.63
C LYS A 29 -1.59 -4.03 2.86
N ALA A 30 -2.39 -4.73 2.04
CA ALA A 30 -2.41 -6.20 1.98
C ALA A 30 -1.16 -6.79 1.31
N ARG A 31 -0.73 -6.24 0.16
CA ARG A 31 0.40 -6.77 -0.63
C ARG A 31 1.72 -6.70 0.14
N LEU A 32 1.95 -5.65 0.92
CA LEU A 32 3.16 -5.52 1.73
C LEU A 32 3.25 -6.58 2.83
N ASN A 33 2.12 -6.89 3.47
CA ASN A 33 2.04 -7.96 4.47
C ASN A 33 2.19 -9.37 3.86
N GLN A 34 1.74 -9.58 2.61
CA GLN A 34 2.02 -10.81 1.86
C GLN A 34 3.50 -10.90 1.45
N TYR A 35 4.08 -9.81 0.93
CA TYR A 35 5.50 -9.72 0.58
C TYR A 35 6.43 -10.07 1.76
N PHE A 36 6.05 -9.66 2.97
CA PHE A 36 6.77 -9.97 4.22
C PHE A 36 6.71 -11.46 4.58
N GLN A 37 5.64 -12.16 4.24
CA GLN A 37 5.52 -13.62 4.44
C GLN A 37 6.28 -14.42 3.36
N LYS A 38 6.32 -13.93 2.12
CA LYS A 38 7.05 -14.59 1.02
C LYS A 38 8.58 -14.42 1.14
N GLU A 39 9.06 -13.24 1.55
CA GLU A 39 10.49 -12.92 1.68
C GLU A 39 11.05 -13.16 3.11
N LYS A 40 10.18 -13.41 4.10
CA LYS A 40 10.53 -13.54 5.52
C LYS A 40 11.16 -12.24 6.07
N ILE A 41 10.63 -11.10 5.61
CA ILE A 41 10.94 -9.73 6.04
C ILE A 41 9.94 -9.32 7.14
N GLN A 42 10.28 -8.33 7.96
CA GLN A 42 9.41 -7.76 8.98
C GLN A 42 9.51 -6.23 8.96
N GLY A 43 8.36 -5.57 9.05
CA GLY A 43 8.23 -4.11 9.13
C GLY A 43 7.09 -3.70 10.05
N GLU A 44 7.32 -2.69 10.89
CA GLU A 44 6.33 -2.06 11.77
C GLU A 44 6.30 -0.54 11.52
N TYR A 45 5.10 0.05 11.50
CA TYR A 45 4.93 1.48 11.21
C TYR A 45 5.30 2.36 12.41
N LYS A 46 6.17 3.34 12.17
CA LYS A 46 6.50 4.43 13.09
C LYS A 46 5.62 5.64 12.75
N TYR A 47 5.09 6.36 13.74
CA TYR A 47 4.17 7.49 13.53
C TYR A 47 4.64 8.82 14.15
N THR A 48 4.15 9.93 13.57
CA THR A 48 4.24 11.30 14.09
C THR A 48 2.85 11.96 13.97
N GLN A 49 2.30 12.45 15.08
CA GLN A 49 1.10 13.29 15.07
C GLN A 49 1.44 14.71 14.58
N VAL A 50 0.56 15.32 13.80
CA VAL A 50 0.59 16.75 13.45
C VAL A 50 -0.75 17.39 13.81
N GLY A 51 -0.70 18.63 14.28
CA GLY A 51 -1.83 19.35 14.89
C GLY A 51 -2.11 18.92 16.36
N PRO A 52 -2.89 19.72 17.12
CA PRO A 52 -3.27 19.42 18.50
C PRO A 52 -4.25 18.24 18.58
N ASP A 53 -4.35 17.60 19.74
CA ASP A 53 -5.13 16.37 19.91
C ASP A 53 -6.65 16.50 19.69
N HIS A 54 -7.19 17.72 19.72
CA HIS A 54 -8.58 18.03 19.35
C HIS A 54 -8.81 18.24 17.84
N ASN A 55 -7.75 18.43 17.05
CA ASN A 55 -7.77 18.64 15.61
C ASN A 55 -6.42 18.27 14.97
N ARG A 56 -6.26 16.98 14.60
CA ARG A 56 -4.99 16.37 14.18
C ARG A 56 -5.10 15.48 12.95
N SER A 57 -3.92 15.19 12.41
CA SER A 57 -3.63 14.20 11.37
C SER A 57 -2.33 13.46 11.75
N PHE A 58 -1.99 12.38 11.04
CA PHE A 58 -0.84 11.53 11.36
C PHE A 58 0.03 11.29 10.13
N ILE A 59 1.33 11.39 10.35
CA ILE A 59 2.38 10.96 9.43
C ILE A 59 2.81 9.55 9.88
N ALA A 60 3.02 8.63 8.95
CA ALA A 60 3.55 7.30 9.19
C ALA A 60 4.75 7.03 8.28
N GLU A 61 5.72 6.27 8.78
CA GLU A 61 6.97 5.97 8.09
C GLU A 61 7.45 4.52 8.34
N MET A 62 8.17 3.99 7.35
CA MET A 62 8.67 2.61 7.31
C MET A 62 9.84 2.50 6.33
N THR A 63 10.80 1.62 6.64
CA THR A 63 11.96 1.29 5.78
C THR A 63 12.18 -0.22 5.81
N ILE A 64 12.41 -0.83 4.64
CA ILE A 64 12.65 -2.27 4.48
C ILE A 64 13.84 -2.54 3.56
N TYR A 65 14.63 -3.55 3.92
CA TYR A 65 15.76 -4.04 3.12
C TYR A 65 15.32 -5.17 2.17
N ILE A 66 15.87 -5.15 0.95
CA ILE A 66 15.53 -6.02 -0.17
C ILE A 66 16.73 -6.93 -0.48
N LYS A 67 16.69 -8.11 0.12
CA LYS A 67 17.74 -9.13 -0.02
C LYS A 67 17.91 -9.70 -1.44
N GLN A 68 16.86 -9.60 -2.24
CA GLN A 68 16.87 -9.99 -3.66
C GLN A 68 17.46 -8.95 -4.62
N LEU A 69 17.66 -7.70 -4.17
CA LEU A 69 18.25 -6.61 -4.96
C LEU A 69 19.57 -6.05 -4.39
N GLY A 70 19.81 -6.17 -3.08
CA GLY A 70 21.01 -5.63 -2.41
C GLY A 70 20.89 -4.14 -2.05
N ARG A 71 19.68 -3.69 -1.68
CA ARG A 71 19.35 -2.30 -1.34
C ARG A 71 18.25 -2.24 -0.27
N ARG A 72 17.92 -1.05 0.24
CA ARG A 72 16.76 -0.78 1.09
C ARG A 72 15.92 0.38 0.55
N ILE A 73 14.61 0.34 0.81
CA ILE A 73 13.62 1.36 0.42
C ILE A 73 12.88 1.88 1.65
N PHE A 74 12.56 3.18 1.63
CA PHE A 74 11.99 3.94 2.74
C PHE A 74 10.82 4.80 2.26
N ALA A 75 9.85 5.05 3.14
CA ALA A 75 8.71 5.93 2.91
C ALA A 75 8.34 6.74 4.17
N ARG A 76 7.76 7.92 3.94
CA ARG A 76 7.15 8.79 4.95
C ARG A 76 5.97 9.54 4.31
N GLU A 77 4.75 9.20 4.74
CA GLU A 77 3.49 9.61 4.12
C GLU A 77 2.44 9.90 5.21
N HIS A 78 1.24 10.39 4.86
CA HIS A 78 0.28 10.89 5.86
C HIS A 78 -1.20 10.70 5.49
N GLY A 79 -2.05 10.70 6.53
CA GLY A 79 -3.51 10.63 6.45
C GLY A 79 -4.20 11.25 7.67
N SER A 80 -5.53 11.32 7.67
CA SER A 80 -6.32 11.91 8.75
C SER A 80 -6.23 11.12 10.09
N ASN A 81 -5.86 9.84 10.02
CA ASN A 81 -5.69 8.90 11.13
C ASN A 81 -4.55 7.92 10.82
N LYS A 82 -4.03 7.21 11.83
CA LYS A 82 -2.96 6.20 11.65
C LYS A 82 -3.29 5.12 10.61
N LYS A 83 -4.55 4.71 10.50
CA LYS A 83 -5.04 3.75 9.50
C LYS A 83 -4.80 4.22 8.05
N LEU A 84 -5.13 5.48 7.77
CA LEU A 84 -4.92 6.13 6.46
C LEU A 84 -3.43 6.40 6.22
N ALA A 85 -2.72 6.90 7.23
CA ALA A 85 -1.29 7.19 7.15
C ALA A 85 -0.46 5.93 6.82
N ALA A 86 -0.73 4.80 7.49
CA ALA A 86 -0.07 3.51 7.25
C ALA A 86 -0.44 2.90 5.88
N GLN A 87 -1.66 3.13 5.39
CA GLN A 87 -2.05 2.79 4.02
C GLN A 87 -1.25 3.60 2.99
N SER A 88 -1.14 4.92 3.15
CA SER A 88 -0.33 5.76 2.25
C SER A 88 1.16 5.39 2.31
N CYS A 89 1.67 5.04 3.50
CA CYS A 89 3.03 4.53 3.68
C CYS A 89 3.25 3.21 2.92
N ALA A 90 2.36 2.22 3.11
CA ALA A 90 2.41 0.95 2.38
C ALA A 90 2.34 1.15 0.86
N LEU A 91 1.47 2.05 0.39
CA LEU A 91 1.35 2.40 -1.03
C LEU A 91 2.66 2.95 -1.61
N SER A 92 3.45 3.67 -0.83
CA SER A 92 4.79 4.10 -1.25
C SER A 92 5.80 2.95 -1.32
N LEU A 93 5.87 2.04 -0.33
CA LEU A 93 6.74 0.86 -0.41
C LEU A 93 6.33 -0.03 -1.58
N VAL A 94 5.04 -0.29 -1.75
CA VAL A 94 4.53 -1.17 -2.82
C VAL A 94 4.76 -0.54 -4.20
N ARG A 95 4.56 0.77 -4.38
CA ARG A 95 4.88 1.44 -5.66
C ARG A 95 6.39 1.55 -5.91
N GLN A 96 7.23 1.64 -4.87
CA GLN A 96 8.70 1.53 -5.02
C GLN A 96 9.11 0.11 -5.44
N LEU A 97 8.48 -0.94 -4.90
CA LEU A 97 8.71 -2.34 -5.29
C LEU A 97 8.31 -2.59 -6.75
N TYR A 98 7.20 -2.01 -7.21
CA TYR A 98 6.78 -1.98 -8.62
C TYR A 98 7.77 -1.25 -9.53
N HIS A 99 8.25 -0.06 -9.14
CA HIS A 99 9.24 0.71 -9.92
C HIS A 99 10.64 0.04 -9.94
N LEU A 100 10.97 -0.78 -8.94
CA LEU A 100 12.16 -1.64 -8.90
C LEU A 100 11.98 -2.99 -9.63
N GLY A 101 10.74 -3.34 -10.03
CA GLY A 101 10.42 -4.58 -10.73
C GLY A 101 10.28 -5.82 -9.83
N VAL A 102 10.10 -5.62 -8.52
CA VAL A 102 9.89 -6.70 -7.52
C VAL A 102 8.45 -7.26 -7.61
N ILE A 103 7.51 -6.42 -8.03
CA ILE A 103 6.10 -6.78 -8.26
C ILE A 103 5.61 -6.30 -9.62
N GLU A 104 4.49 -6.87 -10.07
CA GLU A 104 3.73 -6.43 -11.26
C GLU A 104 2.57 -5.51 -10.84
N ALA A 105 1.75 -5.03 -11.80
CA ALA A 105 0.57 -4.21 -11.52
C ALA A 105 -0.57 -5.03 -10.88
N TYR A 106 -1.38 -4.38 -10.03
CA TYR A 106 -2.52 -5.03 -9.37
C TYR A 106 -3.58 -5.60 -10.34
N SER A 107 -4.32 -6.57 -9.82
CA SER A 107 -5.30 -7.44 -10.49
C SER A 107 -6.47 -6.70 -11.17
N SER A 108 -6.78 -5.47 -10.78
CA SER A 108 -7.84 -4.65 -11.39
C SER A 108 -7.39 -3.92 -12.68
N GLY A 109 -6.13 -4.10 -13.09
CA GLY A 109 -5.53 -3.47 -14.27
C GLY A 109 -5.80 -4.18 -15.60
N PRO A 110 -5.48 -3.55 -16.74
CA PRO A 110 -5.67 -4.12 -18.06
C PRO A 110 -4.80 -5.36 -18.26
N SER A 111 -5.44 -6.49 -18.56
CA SER A 111 -4.83 -7.84 -18.71
C SER A 111 -4.27 -8.43 -17.39
N SER A 112 -4.47 -7.77 -16.24
CA SER A 112 -3.95 -8.20 -14.93
C SER A 112 -4.81 -9.29 -14.23
N GLY A 113 -5.95 -9.67 -14.83
CA GLY A 113 -6.88 -10.68 -14.32
C GLY A 113 -8.10 -10.91 -15.24
#